data_1Q8D
# 
_entry.id   1Q8D 
# 
_audit_conform.dict_name       mmcif_pdbx.dic 
_audit_conform.dict_version    5.398 
_audit_conform.dict_location   http://mmcif.pdb.org/dictionaries/ascii/mmcif_pdbx.dic 
# 
loop_
_database_2.database_id 
_database_2.database_code 
_database_2.pdbx_database_accession 
_database_2.pdbx_DOI 
PDB   1Q8D         pdb_00001q8d 10.2210/pdb1q8d/pdb 
RCSB  RCSB020044   ?            ?                   
WWPDB D_1000020044 ?            ?                   
# 
loop_
_pdbx_audit_revision_history.ordinal 
_pdbx_audit_revision_history.data_content_type 
_pdbx_audit_revision_history.major_revision 
_pdbx_audit_revision_history.minor_revision 
_pdbx_audit_revision_history.revision_date 
1 'Structure model' 1 0 2004-08-31 
2 'Structure model' 1 1 2008-04-29 
3 'Structure model' 1 2 2011-07-13 
4 'Structure model' 1 3 2024-11-06 
# 
_pdbx_audit_revision_details.ordinal             1 
_pdbx_audit_revision_details.revision_ordinal    1 
_pdbx_audit_revision_details.data_content_type   'Structure model' 
_pdbx_audit_revision_details.provider            repository 
_pdbx_audit_revision_details.type                'Initial release' 
_pdbx_audit_revision_details.description         ? 
_pdbx_audit_revision_details.details             ? 
# 
loop_
_pdbx_audit_revision_group.ordinal 
_pdbx_audit_revision_group.revision_ordinal 
_pdbx_audit_revision_group.data_content_type 
_pdbx_audit_revision_group.group 
1 2 'Structure model' 'Version format compliance' 
2 3 'Structure model' 'Version format compliance' 
3 4 'Structure model' 'Data collection'           
4 4 'Structure model' 'Database references'       
5 4 'Structure model' 'Derived calculations'      
6 4 'Structure model' 'Structure summary'         
# 
loop_
_pdbx_audit_revision_category.ordinal 
_pdbx_audit_revision_category.revision_ordinal 
_pdbx_audit_revision_category.data_content_type 
_pdbx_audit_revision_category.category 
1 4 'Structure model' chem_comp_atom            
2 4 'Structure model' chem_comp_bond            
3 4 'Structure model' database_2                
4 4 'Structure model' diffrn_source             
5 4 'Structure model' pdbx_entry_details        
6 4 'Structure model' pdbx_modification_feature 
7 4 'Structure model' struct_conn               
8 4 'Structure model' struct_ref_seq_dif        
9 4 'Structure model' struct_site               
# 
loop_
_pdbx_audit_revision_item.ordinal 
_pdbx_audit_revision_item.revision_ordinal 
_pdbx_audit_revision_item.data_content_type 
_pdbx_audit_revision_item.item 
1 4 'Structure model' '_database_2.pdbx_DOI'                 
2 4 'Structure model' '_database_2.pdbx_database_accession'  
3 4 'Structure model' '_diffrn_source.pdbx_synchrotron_site' 
4 4 'Structure model' '_struct_conn.pdbx_leaving_atom_flag'  
5 4 'Structure model' '_struct_ref_seq_dif.details'          
6 4 'Structure model' '_struct_site.pdbx_auth_asym_id'       
7 4 'Structure model' '_struct_site.pdbx_auth_comp_id'       
8 4 'Structure model' '_struct_site.pdbx_auth_seq_id'        
# 
_pdbx_database_status.status_code                     REL 
_pdbx_database_status.entry_id                        1Q8D 
_pdbx_database_status.recvd_initial_deposition_date   2003-08-21 
_pdbx_database_status.deposit_site                    RCSB 
_pdbx_database_status.process_site                    RCSB 
_pdbx_database_status.status_code_sf                  REL 
_pdbx_database_status.SG_entry                        . 
_pdbx_database_status.pdb_format_compatible           Y 
_pdbx_database_status.status_code_mr                  ? 
_pdbx_database_status.status_code_cs                  ? 
_pdbx_database_status.status_code_nmr_data            ? 
_pdbx_database_status.methods_development_category    ? 
# 
loop_
_audit_author.name 
_audit_author.pdbx_ordinal 
'Leppanen, V.M.'    1 
'Bespalov, M.M.'    2 
'Runeberg-Roos, P.' 3 
'Puurand, U.'       4 
'Merits, A.'        5 
'Saarma, M.'        6 
'Goldman, A.'       7 
# 
_citation.id                        primary 
_citation.title                     
'The structure of GFRalpha1 domain 3 reveals new insights into GDNF binding and RET activation.' 
_citation.journal_abbrev            'Embo J.' 
_citation.journal_volume            23 
_citation.page_first                1452 
_citation.page_last                 1462 
_citation.year                      2004 
_citation.journal_id_ASTM           EMJODG 
_citation.country                   UK 
_citation.journal_id_ISSN           0261-4189 
_citation.journal_id_CSD            0897 
_citation.book_publisher            ? 
_citation.pdbx_database_id_PubMed   15044950 
_citation.pdbx_database_id_DOI      10.1038/sj.emboj.7600174 
# 
loop_
_citation_author.citation_id 
_citation_author.name 
_citation_author.ordinal 
_citation_author.identifier_ORCID 
primary 'Leppanen, V.M.'    1 ? 
primary 'Bespalov, M.M.'    2 ? 
primary 'Runeberg-Roos, P.' 3 ? 
primary 'Puurand, U.'       4 ? 
primary 'Merits, A.'        5 ? 
primary 'Saarma, M.'        6 ? 
primary 'Goldman, A.'       7 ? 
# 
loop_
_entity.id 
_entity.type 
_entity.src_method 
_entity.pdbx_description 
_entity.formula_weight 
_entity.pdbx_number_of_molecules 
_entity.pdbx_ec 
_entity.pdbx_mutation 
_entity.pdbx_fragment 
_entity.details 
1 polymer     man 'GDNF family receptor alpha 1'  12075.384 1  ? ? 'Domain 3' ? 
2 non-polymer syn '(4S)-2-METHYL-2,4-PENTANEDIOL' 118.174   1  ? ? ?          ? 
3 water       nat water                           18.015    97 ? ? ?          ? 
# 
_entity_name_com.entity_id   1 
_entity_name_com.name        
'GFR-alpha 1, GDNF receptor alpha, GDNFR-alpha, TGF-beta related neurotrophic factor receptor 1, RET ligand 1' 
# 
_entity_poly.entity_id                      1 
_entity_poly.type                           'polypeptide(L)' 
_entity_poly.nstd_linkage                   no 
_entity_poly.nstd_monomer                   yes 
_entity_poly.pdbx_seq_one_letter_code       
;ERPNCLSLQDSCKTNYICRSRLADFFTNCQPESRSVSNCLKENYADCLLAYSGLIGTV(MSE)TPNYVDSSSLSVAPWCD
CSNSGNDLEDCLKFLNFFKDNTCLKNAIQAFG
;
_entity_poly.pdbx_seq_one_letter_code_can   
;ERPNCLSLQDSCKTNYICRSRLADFFTNCQPESRSVSNCLKENYADCLLAYSGLIGTVMTPNYVDSSSLSVAPWCDCSNS
GNDLEDCLKFLNFFKDNTCLKNAIQAFG
;
_entity_poly.pdbx_strand_id                 A 
_entity_poly.pdbx_target_identifier         ? 
# 
loop_
_pdbx_entity_nonpoly.entity_id 
_pdbx_entity_nonpoly.name 
_pdbx_entity_nonpoly.comp_id 
2 '(4S)-2-METHYL-2,4-PENTANEDIOL' MPD 
3 water                           HOH 
# 
loop_
_entity_poly_seq.entity_id 
_entity_poly_seq.num 
_entity_poly_seq.mon_id 
_entity_poly_seq.hetero 
1 1   GLU n 
1 2   ARG n 
1 3   PRO n 
1 4   ASN n 
1 5   CYS n 
1 6   LEU n 
1 7   SER n 
1 8   LEU n 
1 9   GLN n 
1 10  ASP n 
1 11  SER n 
1 12  CYS n 
1 13  LYS n 
1 14  THR n 
1 15  ASN n 
1 16  TYR n 
1 17  ILE n 
1 18  CYS n 
1 19  ARG n 
1 20  SER n 
1 21  ARG n 
1 22  LEU n 
1 23  ALA n 
1 24  ASP n 
1 25  PHE n 
1 26  PHE n 
1 27  THR n 
1 28  ASN n 
1 29  CYS n 
1 30  GLN n 
1 31  PRO n 
1 32  GLU n 
1 33  SER n 
1 34  ARG n 
1 35  SER n 
1 36  VAL n 
1 37  SER n 
1 38  ASN n 
1 39  CYS n 
1 40  LEU n 
1 41  LYS n 
1 42  GLU n 
1 43  ASN n 
1 44  TYR n 
1 45  ALA n 
1 46  ASP n 
1 47  CYS n 
1 48  LEU n 
1 49  LEU n 
1 50  ALA n 
1 51  TYR n 
1 52  SER n 
1 53  GLY n 
1 54  LEU n 
1 55  ILE n 
1 56  GLY n 
1 57  THR n 
1 58  VAL n 
1 59  MSE n 
1 60  THR n 
1 61  PRO n 
1 62  ASN n 
1 63  TYR n 
1 64  VAL n 
1 65  ASP n 
1 66  SER n 
1 67  SER n 
1 68  SER n 
1 69  LEU n 
1 70  SER n 
1 71  VAL n 
1 72  ALA n 
1 73  PRO n 
1 74  TRP n 
1 75  CYS n 
1 76  ASP n 
1 77  CYS n 
1 78  SER n 
1 79  ASN n 
1 80  SER n 
1 81  GLY n 
1 82  ASN n 
1 83  ASP n 
1 84  LEU n 
1 85  GLU n 
1 86  ASP n 
1 87  CYS n 
1 88  LEU n 
1 89  LYS n 
1 90  PHE n 
1 91  LEU n 
1 92  ASN n 
1 93  PHE n 
1 94  PHE n 
1 95  LYS n 
1 96  ASP n 
1 97  ASN n 
1 98  THR n 
1 99  CYS n 
1 100 LEU n 
1 101 LYS n 
1 102 ASN n 
1 103 ALA n 
1 104 ILE n 
1 105 GLN n 
1 106 ALA n 
1 107 PHE n 
1 108 GLY n 
# 
_entity_src_gen.entity_id                          1 
_entity_src_gen.pdbx_src_id                        1 
_entity_src_gen.pdbx_alt_source_flag               sample 
_entity_src_gen.pdbx_seq_type                      ? 
_entity_src_gen.pdbx_beg_seq_num                   ? 
_entity_src_gen.pdbx_end_seq_num                   ? 
_entity_src_gen.gene_src_common_name               'Norway rat' 
_entity_src_gen.gene_src_genus                     Rattus 
_entity_src_gen.pdbx_gene_src_gene                 GFRA1 
_entity_src_gen.gene_src_species                   ? 
_entity_src_gen.gene_src_strain                    ? 
_entity_src_gen.gene_src_tissue                    ? 
_entity_src_gen.gene_src_tissue_fraction           ? 
_entity_src_gen.gene_src_details                   ? 
_entity_src_gen.pdbx_gene_src_fragment             ? 
_entity_src_gen.pdbx_gene_src_scientific_name      'Rattus norvegicus' 
_entity_src_gen.pdbx_gene_src_ncbi_taxonomy_id     10116 
_entity_src_gen.pdbx_gene_src_variant              ? 
_entity_src_gen.pdbx_gene_src_cell_line            ? 
_entity_src_gen.pdbx_gene_src_atcc                 ? 
_entity_src_gen.pdbx_gene_src_organ                ? 
_entity_src_gen.pdbx_gene_src_organelle            ? 
_entity_src_gen.pdbx_gene_src_cell                 ? 
_entity_src_gen.pdbx_gene_src_cellular_location    ? 
_entity_src_gen.host_org_common_name               'fall armyworm' 
_entity_src_gen.pdbx_host_org_scientific_name      'Spodoptera frugiperda' 
_entity_src_gen.pdbx_host_org_ncbi_taxonomy_id     7108 
_entity_src_gen.host_org_genus                     Spodoptera 
_entity_src_gen.pdbx_host_org_gene                 ? 
_entity_src_gen.pdbx_host_org_organ                ? 
_entity_src_gen.host_org_species                   ? 
_entity_src_gen.pdbx_host_org_tissue               ? 
_entity_src_gen.pdbx_host_org_tissue_fraction      ? 
_entity_src_gen.pdbx_host_org_strain               ? 
_entity_src_gen.pdbx_host_org_variant              ? 
_entity_src_gen.pdbx_host_org_cell_line            Sf9 
_entity_src_gen.pdbx_host_org_atcc                 ? 
_entity_src_gen.pdbx_host_org_culture_collection   ? 
_entity_src_gen.pdbx_host_org_cell                 ? 
_entity_src_gen.pdbx_host_org_organelle            ? 
_entity_src_gen.pdbx_host_org_cellular_location    ? 
_entity_src_gen.pdbx_host_org_vector_type          baculovirus 
_entity_src_gen.pdbx_host_org_vector               pFastBac 
_entity_src_gen.host_org_details                   ? 
_entity_src_gen.expression_system_id               ? 
_entity_src_gen.plasmid_name                       ? 
_entity_src_gen.plasmid_details                    ? 
_entity_src_gen.pdbx_description                   ? 
# 
loop_
_chem_comp.id 
_chem_comp.type 
_chem_comp.mon_nstd_flag 
_chem_comp.name 
_chem_comp.pdbx_synonyms 
_chem_comp.formula 
_chem_comp.formula_weight 
ALA 'L-peptide linking' y ALANINE                         ? 'C3 H7 N O2'     89.093  
ARG 'L-peptide linking' y ARGININE                        ? 'C6 H15 N4 O2 1' 175.209 
ASN 'L-peptide linking' y ASPARAGINE                      ? 'C4 H8 N2 O3'    132.118 
ASP 'L-peptide linking' y 'ASPARTIC ACID'                 ? 'C4 H7 N O4'     133.103 
CYS 'L-peptide linking' y CYSTEINE                        ? 'C3 H7 N O2 S'   121.158 
GLN 'L-peptide linking' y GLUTAMINE                       ? 'C5 H10 N2 O3'   146.144 
GLU 'L-peptide linking' y 'GLUTAMIC ACID'                 ? 'C5 H9 N O4'     147.129 
GLY 'peptide linking'   y GLYCINE                         ? 'C2 H5 N O2'     75.067  
HOH non-polymer         . WATER                           ? 'H2 O'           18.015  
ILE 'L-peptide linking' y ISOLEUCINE                      ? 'C6 H13 N O2'    131.173 
LEU 'L-peptide linking' y LEUCINE                         ? 'C6 H13 N O2'    131.173 
LYS 'L-peptide linking' y LYSINE                          ? 'C6 H15 N2 O2 1' 147.195 
MET 'L-peptide linking' y METHIONINE                      ? 'C5 H11 N O2 S'  149.211 
MPD non-polymer         . '(4S)-2-METHYL-2,4-PENTANEDIOL' ? 'C6 H14 O2'      118.174 
MSE 'L-peptide linking' n SELENOMETHIONINE                ? 'C5 H11 N O2 Se' 196.106 
PHE 'L-peptide linking' y PHENYLALANINE                   ? 'C9 H11 N O2'    165.189 
PRO 'L-peptide linking' y PROLINE                         ? 'C5 H9 N O2'     115.130 
SER 'L-peptide linking' y SERINE                          ? 'C3 H7 N O3'     105.093 
THR 'L-peptide linking' y THREONINE                       ? 'C4 H9 N O3'     119.119 
TRP 'L-peptide linking' y TRYPTOPHAN                      ? 'C11 H12 N2 O2'  204.225 
TYR 'L-peptide linking' y TYROSINE                        ? 'C9 H11 N O3'    181.189 
VAL 'L-peptide linking' y VALINE                          ? 'C5 H11 N O2'    117.146 
# 
loop_
_pdbx_poly_seq_scheme.asym_id 
_pdbx_poly_seq_scheme.entity_id 
_pdbx_poly_seq_scheme.seq_id 
_pdbx_poly_seq_scheme.mon_id 
_pdbx_poly_seq_scheme.ndb_seq_num 
_pdbx_poly_seq_scheme.pdb_seq_num 
_pdbx_poly_seq_scheme.auth_seq_num 
_pdbx_poly_seq_scheme.pdb_mon_id 
_pdbx_poly_seq_scheme.auth_mon_id 
_pdbx_poly_seq_scheme.pdb_strand_id 
_pdbx_poly_seq_scheme.pdb_ins_code 
_pdbx_poly_seq_scheme.hetero 
A 1 1   GLU 1   239 239 GLU ALA A . n 
A 1 2   ARG 2   240 240 ARG ARG A . n 
A 1 3   PRO 3   241 241 PRO PRO A . n 
A 1 4   ASN 4   242 242 ASN ASN A . n 
A 1 5   CYS 5   243 243 CYS CYS A . n 
A 1 6   LEU 6   244 244 LEU LEU A . n 
A 1 7   SER 7   245 245 SER SER A . n 
A 1 8   LEU 8   246 246 LEU LEU A . n 
A 1 9   GLN 9   247 247 GLN GLN A . n 
A 1 10  ASP 10  248 248 ASP ASP A . n 
A 1 11  SER 11  249 249 SER SER A . n 
A 1 12  CYS 12  250 250 CYS CYS A . n 
A 1 13  LYS 13  251 251 LYS LYS A . n 
A 1 14  THR 14  252 252 THR THR A . n 
A 1 15  ASN 15  253 253 ASN ASN A . n 
A 1 16  TYR 16  254 254 TYR TYR A . n 
A 1 17  ILE 17  255 255 ILE ILE A . n 
A 1 18  CYS 18  256 256 CYS CYS A . n 
A 1 19  ARG 19  257 257 ARG ARG A . n 
A 1 20  SER 20  258 258 SER SER A . n 
A 1 21  ARG 21  259 259 ARG ARG A . n 
A 1 22  LEU 22  260 260 LEU LEU A . n 
A 1 23  ALA 23  261 261 ALA ALA A . n 
A 1 24  ASP 24  262 262 ASP ASP A . n 
A 1 25  PHE 25  263 263 PHE PHE A . n 
A 1 26  PHE 26  264 264 PHE PHE A . n 
A 1 27  THR 27  265 265 THR THR A . n 
A 1 28  ASN 28  266 266 ASN ASN A . n 
A 1 29  CYS 29  267 267 CYS CYS A . n 
A 1 30  GLN 30  268 268 GLN GLN A . n 
A 1 31  PRO 31  269 269 PRO PRO A . n 
A 1 32  GLU 32  270 270 GLU GLU A . n 
A 1 33  SER 33  271 271 SER SER A . n 
A 1 34  ARG 34  272 272 ARG ARG A . n 
A 1 35  SER 35  273 273 SER SER A . n 
A 1 36  VAL 36  274 274 VAL VAL A . n 
A 1 37  SER 37  275 275 SER SER A . n 
A 1 38  ASN 38  276 276 ASN ASN A . n 
A 1 39  CYS 39  277 277 CYS CYS A . n 
A 1 40  LEU 40  278 278 LEU LEU A . n 
A 1 41  LYS 41  279 279 LYS LYS A . n 
A 1 42  GLU 42  280 280 GLU GLU A . n 
A 1 43  ASN 43  281 281 ASN ASN A . n 
A 1 44  TYR 44  282 282 TYR TYR A . n 
A 1 45  ALA 45  283 283 ALA ALA A . n 
A 1 46  ASP 46  284 284 ASP ASP A . n 
A 1 47  CYS 47  285 285 CYS CYS A . n 
A 1 48  LEU 48  286 286 LEU LEU A . n 
A 1 49  LEU 49  287 287 LEU LEU A . n 
A 1 50  ALA 50  288 288 ALA ALA A . n 
A 1 51  TYR 51  289 289 TYR TYR A . n 
A 1 52  SER 52  290 290 SER SER A . n 
A 1 53  GLY 53  291 291 GLY GLY A . n 
A 1 54  LEU 54  292 292 LEU LEU A . n 
A 1 55  ILE 55  293 293 ILE ILE A . n 
A 1 56  GLY 56  294 294 GLY GLY A . n 
A 1 57  THR 57  295 295 THR THR A . n 
A 1 58  VAL 58  296 296 VAL VAL A . n 
A 1 59  MSE 59  297 297 MSE MSE A . n 
A 1 60  THR 60  298 298 THR THR A . n 
A 1 61  PRO 61  299 299 PRO PRO A . n 
A 1 62  ASN 62  300 300 ASN ASN A . n 
A 1 63  TYR 63  301 ?   ?   ?   A . n 
A 1 64  VAL 64  302 ?   ?   ?   A . n 
A 1 65  ASP 65  303 ?   ?   ?   A . n 
A 1 66  SER 66  304 ?   ?   ?   A . n 
A 1 67  SER 67  305 ?   ?   ?   A . n 
A 1 68  SER 68  306 ?   ?   ?   A . n 
A 1 69  LEU 69  307 ?   ?   ?   A . n 
A 1 70  SER 70  308 ?   ?   ?   A . n 
A 1 71  VAL 71  309 309 VAL VAL A . n 
A 1 72  ALA 72  310 310 ALA ALA A . n 
A 1 73  PRO 73  311 311 PRO PRO A . n 
A 1 74  TRP 74  312 312 TRP TRP A . n 
A 1 75  CYS 75  313 313 CYS CYS A . n 
A 1 76  ASP 76  314 314 ASP ASP A . n 
A 1 77  CYS 77  315 315 CYS CYS A . n 
A 1 78  SER 78  316 316 SER SER A . n 
A 1 79  ASN 79  317 317 ASN ASN A . n 
A 1 80  SER 80  318 318 SER SER A . n 
A 1 81  GLY 81  319 319 GLY GLY A . n 
A 1 82  ASN 82  320 320 ASN ASN A . n 
A 1 83  ASP 83  321 321 ASP ASP A . n 
A 1 84  LEU 84  322 322 LEU LEU A . n 
A 1 85  GLU 85  323 323 GLU GLU A . n 
A 1 86  ASP 86  324 324 ASP ASP A . n 
A 1 87  CYS 87  325 325 CYS CYS A . n 
A 1 88  LEU 88  326 326 LEU LEU A . n 
A 1 89  LYS 89  327 327 LYS LYS A . n 
A 1 90  PHE 90  328 328 PHE PHE A . n 
A 1 91  LEU 91  329 329 LEU LEU A . n 
A 1 92  ASN 92  330 330 ASN ASN A . n 
A 1 93  PHE 93  331 331 PHE PHE A . n 
A 1 94  PHE 94  332 332 PHE PHE A . n 
A 1 95  LYS 95  333 333 LYS LYS A . n 
A 1 96  ASP 96  334 334 ASP ASP A . n 
A 1 97  ASN 97  335 335 ASN ASN A . n 
A 1 98  THR 98  336 336 THR THR A . n 
A 1 99  CYS 99  337 337 CYS CYS A . n 
A 1 100 LEU 100 338 338 LEU LEU A . n 
A 1 101 LYS 101 339 339 LYS LYS A . n 
A 1 102 ASN 102 340 340 ASN ASN A . n 
A 1 103 ALA 103 341 341 ALA ALA A . n 
A 1 104 ILE 104 342 342 ILE ILE A . n 
A 1 105 GLN 105 343 343 GLN GLN A . n 
A 1 106 ALA 106 344 344 ALA ALA A . n 
A 1 107 PHE 107 345 345 PHE PHE A . n 
A 1 108 GLY 108 346 346 GLY GLY A . n 
# 
loop_
_pdbx_nonpoly_scheme.asym_id 
_pdbx_nonpoly_scheme.entity_id 
_pdbx_nonpoly_scheme.mon_id 
_pdbx_nonpoly_scheme.ndb_seq_num 
_pdbx_nonpoly_scheme.pdb_seq_num 
_pdbx_nonpoly_scheme.auth_seq_num 
_pdbx_nonpoly_scheme.pdb_mon_id 
_pdbx_nonpoly_scheme.auth_mon_id 
_pdbx_nonpoly_scheme.pdb_strand_id 
_pdbx_nonpoly_scheme.pdb_ins_code 
B 2 MPD 1  400 400 MPD MPD A . 
C 3 HOH 1  401 401 HOH WAT A . 
C 3 HOH 2  402 402 HOH WAT A . 
C 3 HOH 3  403 403 HOH WAT A . 
C 3 HOH 4  404 404 HOH WAT A . 
C 3 HOH 5  405 405 HOH WAT A . 
C 3 HOH 6  406 406 HOH WAT A . 
C 3 HOH 7  407 407 HOH WAT A . 
C 3 HOH 8  408 408 HOH WAT A . 
C 3 HOH 9  409 409 HOH WAT A . 
C 3 HOH 10 410 410 HOH WAT A . 
C 3 HOH 11 411 411 HOH WAT A . 
C 3 HOH 12 412 412 HOH WAT A . 
C 3 HOH 13 413 413 HOH WAT A . 
C 3 HOH 14 414 414 HOH WAT A . 
C 3 HOH 15 415 415 HOH WAT A . 
C 3 HOH 16 416 416 HOH WAT A . 
C 3 HOH 17 417 417 HOH WAT A . 
C 3 HOH 18 418 418 HOH WAT A . 
C 3 HOH 19 419 419 HOH WAT A . 
C 3 HOH 20 420 420 HOH WAT A . 
C 3 HOH 21 421 421 HOH WAT A . 
C 3 HOH 22 422 422 HOH WAT A . 
C 3 HOH 23 423 423 HOH WAT A . 
C 3 HOH 24 424 424 HOH WAT A . 
C 3 HOH 25 425 425 HOH WAT A . 
C 3 HOH 26 426 426 HOH WAT A . 
C 3 HOH 27 427 427 HOH WAT A . 
C 3 HOH 28 428 428 HOH WAT A . 
C 3 HOH 29 429 429 HOH WAT A . 
C 3 HOH 30 430 430 HOH WAT A . 
C 3 HOH 31 431 431 HOH WAT A . 
C 3 HOH 32 432 432 HOH WAT A . 
C 3 HOH 33 433 433 HOH WAT A . 
C 3 HOH 34 434 434 HOH WAT A . 
C 3 HOH 35 435 435 HOH WAT A . 
C 3 HOH 36 436 436 HOH WAT A . 
C 3 HOH 37 437 437 HOH WAT A . 
C 3 HOH 38 438 438 HOH WAT A . 
C 3 HOH 39 439 439 HOH WAT A . 
C 3 HOH 40 440 440 HOH WAT A . 
C 3 HOH 41 441 441 HOH WAT A . 
C 3 HOH 42 442 442 HOH WAT A . 
C 3 HOH 43 443 443 HOH WAT A . 
C 3 HOH 44 444 444 HOH WAT A . 
C 3 HOH 45 445 445 HOH WAT A . 
C 3 HOH 46 446 446 HOH WAT A . 
C 3 HOH 47 447 447 HOH WAT A . 
C 3 HOH 48 448 448 HOH WAT A . 
C 3 HOH 49 449 449 HOH WAT A . 
C 3 HOH 50 450 450 HOH WAT A . 
C 3 HOH 51 451 451 HOH WAT A . 
C 3 HOH 52 452 452 HOH WAT A . 
C 3 HOH 53 453 453 HOH WAT A . 
C 3 HOH 54 454 454 HOH WAT A . 
C 3 HOH 55 455 455 HOH WAT A . 
C 3 HOH 56 456 456 HOH WAT A . 
C 3 HOH 57 457 457 HOH WAT A . 
C 3 HOH 58 458 458 HOH WAT A . 
C 3 HOH 59 459 459 HOH WAT A . 
C 3 HOH 60 460 460 HOH WAT A . 
C 3 HOH 61 461 461 HOH WAT A . 
C 3 HOH 62 462 462 HOH WAT A . 
C 3 HOH 63 463 463 HOH WAT A . 
C 3 HOH 64 464 464 HOH WAT A . 
C 3 HOH 65 465 465 HOH WAT A . 
C 3 HOH 66 466 466 HOH WAT A . 
C 3 HOH 67 467 467 HOH WAT A . 
C 3 HOH 68 468 468 HOH WAT A . 
C 3 HOH 69 469 469 HOH WAT A . 
C 3 HOH 70 470 470 HOH WAT A . 
C 3 HOH 71 471 471 HOH WAT A . 
C 3 HOH 72 472 472 HOH WAT A . 
C 3 HOH 73 473 473 HOH WAT A . 
C 3 HOH 74 474 474 HOH WAT A . 
C 3 HOH 75 475 475 HOH WAT A . 
C 3 HOH 76 476 476 HOH WAT A . 
C 3 HOH 77 477 477 HOH WAT A . 
C 3 HOH 78 478 478 HOH WAT A . 
C 3 HOH 79 479 479 HOH WAT A . 
C 3 HOH 80 480 480 HOH WAT A . 
C 3 HOH 81 481 481 HOH WAT A . 
C 3 HOH 82 482 482 HOH WAT A . 
C 3 HOH 83 483 483 HOH WAT A . 
C 3 HOH 84 485 485 HOH WAT A . 
C 3 HOH 85 486 486 HOH WAT A . 
C 3 HOH 86 487 487 HOH WAT A . 
C 3 HOH 87 488 488 HOH WAT A . 
C 3 HOH 88 490 490 HOH WAT A . 
C 3 HOH 89 491 491 HOH WAT A . 
C 3 HOH 90 492 492 HOH WAT A . 
C 3 HOH 91 493 493 HOH WAT A . 
C 3 HOH 92 494 494 HOH WAT A . 
C 3 HOH 93 495 495 HOH WAT A . 
C 3 HOH 94 497 497 HOH WAT A . 
C 3 HOH 95 500 500 HOH WAT A . 
C 3 HOH 96 505 505 HOH WAT A . 
C 3 HOH 97 507 507 HOH WAT A . 
# 
loop_
_pdbx_unobs_or_zero_occ_atoms.id 
_pdbx_unobs_or_zero_occ_atoms.PDB_model_num 
_pdbx_unobs_or_zero_occ_atoms.polymer_flag 
_pdbx_unobs_or_zero_occ_atoms.occupancy_flag 
_pdbx_unobs_or_zero_occ_atoms.auth_asym_id 
_pdbx_unobs_or_zero_occ_atoms.auth_comp_id 
_pdbx_unobs_or_zero_occ_atoms.auth_seq_id 
_pdbx_unobs_or_zero_occ_atoms.PDB_ins_code 
_pdbx_unobs_or_zero_occ_atoms.auth_atom_id 
_pdbx_unobs_or_zero_occ_atoms.label_alt_id 
_pdbx_unobs_or_zero_occ_atoms.label_asym_id 
_pdbx_unobs_or_zero_occ_atoms.label_comp_id 
_pdbx_unobs_or_zero_occ_atoms.label_seq_id 
_pdbx_unobs_or_zero_occ_atoms.label_atom_id 
1 1 Y 1 A GLU 239 ? CG  ? A GLU 1 CG  
2 1 Y 1 A GLU 239 ? CD  ? A GLU 1 CD  
3 1 Y 1 A GLU 239 ? OE1 ? A GLU 1 OE1 
4 1 Y 1 A GLU 239 ? OE2 ? A GLU 1 OE2 
# 
loop_
_software.name 
_software.classification 
_software.version 
_software.citation_id 
_software.pdbx_ordinal 
CNS       refinement       1.1 ? 1 
DENZO     'data reduction' .   ? 2 
SCALEPACK 'data scaling'   .   ? 3 
CNS       phasing          1.1 ? 4 
# 
_cell.entry_id           1Q8D 
_cell.length_a           61.334 
_cell.length_b           61.334 
_cell.length_c           65.154 
_cell.angle_alpha        90.00 
_cell.angle_beta         90.00 
_cell.angle_gamma        120.00 
_cell.Z_PDB              6 
_cell.pdbx_unique_axis   ? 
# 
_symmetry.entry_id                         1Q8D 
_symmetry.space_group_name_H-M             'P 61' 
_symmetry.pdbx_full_space_group_name_H-M   ? 
_symmetry.cell_setting                     ? 
_symmetry.Int_Tables_number                169 
_symmetry.space_group_name_Hall            ? 
# 
_exptl.entry_id          1Q8D 
_exptl.method            'X-RAY DIFFRACTION' 
_exptl.crystals_number   1 
# 
_exptl_crystal.id                    1 
_exptl_crystal.density_meas          ? 
_exptl_crystal.density_Matthews      2.93 
_exptl_crystal.density_percent_sol   58.00 
_exptl_crystal.description           ? 
_exptl_crystal.F_000                 ? 
_exptl_crystal.preparation           ? 
# 
_exptl_crystal_grow.crystal_id      1 
_exptl_crystal_grow.method          'VAPOR DIFFUSION, SITTING DROP' 
_exptl_crystal_grow.temp            277 
_exptl_crystal_grow.temp_details    ? 
_exptl_crystal_grow.pH              6.5 
_exptl_crystal_grow.pdbx_details    'MPD, MES, magnesium chloride, pH 6.5, VAPOR DIFFUSION, SITTING DROP, temperature 277K' 
_exptl_crystal_grow.pdbx_pH_range   . 
# 
_diffrn.id                     1 
_diffrn.ambient_temp           100 
_diffrn.ambient_temp_details   ? 
_diffrn.crystal_id             1 
# 
_diffrn_detector.diffrn_id              1 
_diffrn_detector.detector               CCD 
_diffrn_detector.type                   MARRESEARCH 
_diffrn_detector.pdbx_collection_date   2002-11-30 
_diffrn_detector.details                ? 
# 
_diffrn_radiation.diffrn_id                        1 
_diffrn_radiation.wavelength_id                    1 
_diffrn_radiation.pdbx_monochromatic_or_laue_m_l   M 
_diffrn_radiation.monochromator                    'SAGITALLY FOCUSED DOUBLE Si(111)' 
_diffrn_radiation.pdbx_diffrn_protocol             MAD 
_diffrn_radiation.pdbx_scattering_type             x-ray 
# 
_diffrn_radiation_wavelength.id           1 
_diffrn_radiation_wavelength.wavelength   0.9635 
_diffrn_radiation_wavelength.wt           1.0 
# 
_diffrn_source.diffrn_id                   1 
_diffrn_source.source                      SYNCHROTRON 
_diffrn_source.type                        'EMBL/DESY, HAMBURG BEAMLINE BW7A' 
_diffrn_source.pdbx_synchrotron_site       'EMBL/DESY, HAMBURG' 
_diffrn_source.pdbx_synchrotron_beamline   BW7A 
_diffrn_source.pdbx_wavelength             ? 
_diffrn_source.pdbx_wavelength_list        0.9635 
# 
_reflns.entry_id                     1Q8D 
_reflns.observed_criterion_sigma_I   -3 
_reflns.observed_criterion_sigma_F   ? 
_reflns.d_resolution_low             20 
_reflns.d_resolution_high            1.8 
_reflns.number_obs                   12986 
_reflns.number_all                   ? 
_reflns.percent_possible_obs         100 
_reflns.pdbx_Rmerge_I_obs            ? 
_reflns.pdbx_Rsym_value              0.051 
_reflns.pdbx_netI_over_sigmaI        41.2 
_reflns.B_iso_Wilson_estimate        17.2 
_reflns.pdbx_redundancy              10.1 
_reflns.R_free_details               ? 
_reflns.limit_h_max                  ? 
_reflns.limit_h_min                  ? 
_reflns.limit_k_max                  ? 
_reflns.limit_k_min                  ? 
_reflns.limit_l_max                  ? 
_reflns.limit_l_min                  ? 
_reflns.observed_criterion_F_max     ? 
_reflns.observed_criterion_F_min     ? 
_reflns.pdbx_chi_squared             ? 
_reflns.pdbx_scaling_rejects         ? 
_reflns.pdbx_diffrn_id               1 
_reflns.pdbx_ordinal                 1 
# 
_reflns_shell.d_res_high             1.80 
_reflns_shell.d_res_low              1.86 
_reflns_shell.percent_possible_all   99.8 
_reflns_shell.Rmerge_I_obs           ? 
_reflns_shell.pdbx_Rsym_value        0.255 
_reflns_shell.meanI_over_sigI_obs    9.4 
_reflns_shell.pdbx_redundancy        ? 
_reflns_shell.percent_possible_obs   ? 
_reflns_shell.number_unique_all      1300 
_reflns_shell.number_measured_all    ? 
_reflns_shell.number_measured_obs    ? 
_reflns_shell.number_unique_obs      ? 
_reflns_shell.pdbx_chi_squared       ? 
_reflns_shell.pdbx_diffrn_id         ? 
_reflns_shell.pdbx_ordinal           1 
# 
_refine.entry_id                                 1Q8D 
_refine.ls_number_reflns_obs                     12755 
_refine.ls_number_reflns_all                     12986 
_refine.pdbx_ls_sigma_I                          ? 
_refine.pdbx_ls_sigma_F                          0 
_refine.pdbx_data_cutoff_high_absF               333127.07 
_refine.pdbx_data_cutoff_low_absF                0.000000 
_refine.pdbx_data_cutoff_high_rms_absF           ? 
_refine.ls_d_res_low                             19.19 
_refine.ls_d_res_high                            1.80 
_refine.ls_percent_reflns_obs                    98.4 
_refine.ls_R_factor_obs                          0.193 
_refine.ls_R_factor_all                          ? 
_refine.ls_R_factor_R_work                       0.193 
_refine.ls_R_factor_R_free                       0.208 
_refine.ls_R_factor_R_free_error                 0.008 
_refine.ls_R_factor_R_free_error_details         ? 
_refine.ls_percent_reflns_R_free                 5.1 
_refine.ls_number_reflns_R_free                  654 
_refine.ls_number_parameters                     ? 
_refine.ls_number_restraints                     ? 
_refine.occupancy_min                            ? 
_refine.occupancy_max                            ? 
_refine.correlation_coeff_Fo_to_Fc               ? 
_refine.correlation_coeff_Fo_to_Fc_free          ? 
_refine.B_iso_mean                               20.8 
_refine.aniso_B[1][1]                            1.25 
_refine.aniso_B[2][2]                            1.25 
_refine.aniso_B[3][3]                            -2.50 
_refine.aniso_B[1][2]                            1.56 
_refine.aniso_B[1][3]                            0.00 
_refine.aniso_B[2][3]                            0.00 
_refine.solvent_model_details                    'FLAT MODEL' 
_refine.solvent_model_param_ksol                 0.351992 
_refine.solvent_model_param_bsol                 39.4109 
_refine.pdbx_solvent_vdw_probe_radii             ? 
_refine.pdbx_solvent_ion_probe_radii             ? 
_refine.pdbx_solvent_shrinkage_radii             ? 
_refine.pdbx_ls_cross_valid_method               THROUGHOUT 
_refine.details                                  ? 
_refine.pdbx_starting_model                      ? 
_refine.pdbx_method_to_determine_struct          MAD 
_refine.pdbx_isotropic_thermal_model             RESTRAINED 
_refine.pdbx_stereochemistry_target_values       'Engh & Huber' 
_refine.pdbx_stereochem_target_val_spec_case     ? 
_refine.pdbx_R_Free_selection_details            RANDOM 
_refine.pdbx_overall_ESU_R                       ? 
_refine.pdbx_overall_ESU_R_Free                  ? 
_refine.overall_SU_ML                            ? 
_refine.overall_SU_B                             ? 
_refine.ls_redundancy_reflns_obs                 ? 
_refine.B_iso_min                                ? 
_refine.B_iso_max                                ? 
_refine.overall_SU_R_Cruickshank_DPI             ? 
_refine.overall_SU_R_free                        ? 
_refine.ls_wR_factor_R_free                      ? 
_refine.ls_wR_factor_R_work                      ? 
_refine.overall_FOM_free_R_set                   ? 
_refine.overall_FOM_work_R_set                   ? 
_refine.pdbx_refine_id                           'X-RAY DIFFRACTION' 
_refine.pdbx_diffrn_id                           1 
_refine.pdbx_TLS_residual_ADP_flag               ? 
_refine.pdbx_overall_phase_error                 ? 
_refine.pdbx_overall_SU_R_free_Cruickshank_DPI   ? 
_refine.pdbx_overall_SU_R_Blow_DPI               ? 
_refine.pdbx_overall_SU_R_free_Blow_DPI          ? 
# 
_refine_analyze.entry_id                        1Q8D 
_refine_analyze.Luzzati_coordinate_error_obs    0.19 
_refine_analyze.Luzzati_sigma_a_obs             0.09 
_refine_analyze.Luzzati_d_res_low_obs           5.0 
_refine_analyze.Luzzati_coordinate_error_free   0.20 
_refine_analyze.Luzzati_sigma_a_free            0.10 
_refine_analyze.Luzzati_d_res_low_free          ? 
_refine_analyze.number_disordered_residues      ? 
_refine_analyze.occupancy_sum_hydrogen          ? 
_refine_analyze.occupancy_sum_non_hydrogen      ? 
_refine_analyze.pdbx_Luzzati_d_res_high_obs     ? 
_refine_analyze.pdbx_refine_id                  'X-RAY DIFFRACTION' 
# 
_refine_hist.pdbx_refine_id                   'X-RAY DIFFRACTION' 
_refine_hist.cycle_id                         LAST 
_refine_hist.pdbx_number_atoms_protein        773 
_refine_hist.pdbx_number_atoms_nucleic_acid   0 
_refine_hist.pdbx_number_atoms_ligand         0 
_refine_hist.number_atoms_solvent             105 
_refine_hist.number_atoms_total               878 
_refine_hist.d_res_high                       1.80 
_refine_hist.d_res_low                        19.19 
# 
loop_
_refine_ls_restr.type 
_refine_ls_restr.dev_ideal 
_refine_ls_restr.dev_ideal_target 
_refine_ls_restr.weight 
_refine_ls_restr.number 
_refine_ls_restr.pdbx_refine_id 
_refine_ls_restr.pdbx_restraint_function 
c_bond_d                0.004 ?    ? ? 'X-RAY DIFFRACTION' ? 
c_bond_d_na             ?     ?    ? ? 'X-RAY DIFFRACTION' ? 
c_bond_d_prot           ?     ?    ? ? 'X-RAY DIFFRACTION' ? 
c_angle_d               ?     ?    ? ? 'X-RAY DIFFRACTION' ? 
c_angle_d_na            ?     ?    ? ? 'X-RAY DIFFRACTION' ? 
c_angle_d_prot          ?     ?    ? ? 'X-RAY DIFFRACTION' ? 
c_angle_deg             1.0   ?    ? ? 'X-RAY DIFFRACTION' ? 
c_angle_deg_na          ?     ?    ? ? 'X-RAY DIFFRACTION' ? 
c_angle_deg_prot        ?     ?    ? ? 'X-RAY DIFFRACTION' ? 
c_dihedral_angle_d      19.4  ?    ? ? 'X-RAY DIFFRACTION' ? 
c_dihedral_angle_d_na   ?     ?    ? ? 'X-RAY DIFFRACTION' ? 
c_dihedral_angle_d_prot ?     ?    ? ? 'X-RAY DIFFRACTION' ? 
c_improper_angle_d      0.72  ?    ? ? 'X-RAY DIFFRACTION' ? 
c_improper_angle_d_na   ?     ?    ? ? 'X-RAY DIFFRACTION' ? 
c_improper_angle_d_prot ?     ?    ? ? 'X-RAY DIFFRACTION' ? 
c_mcbond_it             1.62  1.50 ? ? 'X-RAY DIFFRACTION' ? 
c_mcangle_it            2.60  2.00 ? ? 'X-RAY DIFFRACTION' ? 
c_scbond_it             2.69  2.00 ? ? 'X-RAY DIFFRACTION' ? 
c_scangle_it            4.15  2.50 ? ? 'X-RAY DIFFRACTION' ? 
# 
_refine_ls_shell.pdbx_total_number_of_bins_used   6 
_refine_ls_shell.d_res_high                       1.80 
_refine_ls_shell.d_res_low                        1.91 
_refine_ls_shell.number_reflns_R_work             1942 
_refine_ls_shell.R_factor_R_work                  0.228 
_refine_ls_shell.percent_reflns_obs               95.1 
_refine_ls_shell.R_factor_R_free                  0.231 
_refine_ls_shell.R_factor_R_free_error            0.023 
_refine_ls_shell.percent_reflns_R_free            5.1 
_refine_ls_shell.number_reflns_R_free             104 
_refine_ls_shell.number_reflns_obs                ? 
_refine_ls_shell.redundancy_reflns_obs            ? 
_refine_ls_shell.number_reflns_all                ? 
_refine_ls_shell.pdbx_refine_id                   'X-RAY DIFFRACTION' 
_refine_ls_shell.R_factor_all                     ? 
# 
loop_
_pdbx_xplor_file.serial_no 
_pdbx_xplor_file.param_file 
_pdbx_xplor_file.topol_file 
_pdbx_xplor_file.pdbx_refine_id 
1 PROTEIN_REP.PARAM PROTEIN.TOP       'X-RAY DIFFRACTION' 
2 WATER_REP.PARAM   MPD_XPLOR_TOP.TXT 'X-RAY DIFFRACTION' 
3 MPD_XPLOR_PAR.TXT ?                 'X-RAY DIFFRACTION' 
# 
_struct.entry_id                  1Q8D 
_struct.title                     'The crystal structure of GDNF family co-receptor alpha 1 domain 3' 
_struct.pdbx_model_details        ? 
_struct.pdbx_CASP_flag            ? 
_struct.pdbx_model_type_details   ? 
# 
_struct_keywords.entry_id        1Q8D 
_struct_keywords.pdbx_keywords   'HORMONE/GROWTH FACTOR RECEPTOR' 
_struct_keywords.text            'all-alpha, cys-rich, HORMONE-GROWTH FACTOR RECEPTOR COMPLEX' 
# 
loop_
_struct_asym.id 
_struct_asym.pdbx_blank_PDB_chainid_flag 
_struct_asym.pdbx_modified 
_struct_asym.entity_id 
_struct_asym.details 
A N N 1 ? 
B N N 2 ? 
C N N 3 ? 
# 
_struct_ref.id                         1 
_struct_ref.db_name                    UNP 
_struct_ref.db_code                    GFRA1_RAT 
_struct_ref.pdbx_db_accession          Q62997 
_struct_ref.entity_id                  1 
_struct_ref.pdbx_seq_one_letter_code   
;ERPNCLSLQDSCKTNYICRSRLADFFTNCQPESRSVSNCLKENYADCLLAYSGLIGTVMTPNYVDSSSLSVAPWCDCSNS
GNDLEDCLKFLNFFKDNTCLKNAIQAFG
;
_struct_ref.pdbx_align_begin           239 
_struct_ref.pdbx_db_isoform            ? 
# 
_struct_ref_seq.align_id                      1 
_struct_ref_seq.ref_id                        1 
_struct_ref_seq.pdbx_PDB_id_code              1Q8D 
_struct_ref_seq.pdbx_strand_id                A 
_struct_ref_seq.seq_align_beg                 1 
_struct_ref_seq.pdbx_seq_align_beg_ins_code   ? 
_struct_ref_seq.seq_align_end                 108 
_struct_ref_seq.pdbx_seq_align_end_ins_code   ? 
_struct_ref_seq.pdbx_db_accession             Q62997 
_struct_ref_seq.db_align_beg                  239 
_struct_ref_seq.pdbx_db_align_beg_ins_code    ? 
_struct_ref_seq.db_align_end                  346 
_struct_ref_seq.pdbx_db_align_end_ins_code    ? 
_struct_ref_seq.pdbx_auth_seq_align_beg       239 
_struct_ref_seq.pdbx_auth_seq_align_end       346 
# 
_struct_ref_seq_dif.align_id                     1 
_struct_ref_seq_dif.pdbx_pdb_id_code             1Q8D 
_struct_ref_seq_dif.mon_id                       MSE 
_struct_ref_seq_dif.pdbx_pdb_strand_id           A 
_struct_ref_seq_dif.seq_num                      59 
_struct_ref_seq_dif.pdbx_pdb_ins_code            ? 
_struct_ref_seq_dif.pdbx_seq_db_name             UNP 
_struct_ref_seq_dif.pdbx_seq_db_accession_code   Q62997 
_struct_ref_seq_dif.db_mon_id                    MET 
_struct_ref_seq_dif.pdbx_seq_db_seq_num          297 
_struct_ref_seq_dif.details                      'modified residue' 
_struct_ref_seq_dif.pdbx_auth_seq_num            297 
_struct_ref_seq_dif.pdbx_ordinal                 1 
# 
_pdbx_struct_assembly.id                   1 
_pdbx_struct_assembly.details              author_defined_assembly 
_pdbx_struct_assembly.method_details       ? 
_pdbx_struct_assembly.oligomeric_details   monomeric 
_pdbx_struct_assembly.oligomeric_count     1 
# 
_pdbx_struct_assembly_gen.assembly_id       1 
_pdbx_struct_assembly_gen.oper_expression   1 
_pdbx_struct_assembly_gen.asym_id_list      A,B,C 
# 
_pdbx_struct_oper_list.id                   1 
_pdbx_struct_oper_list.type                 'identity operation' 
_pdbx_struct_oper_list.name                 1_555 
_pdbx_struct_oper_list.symmetry_operation   x,y,z 
_pdbx_struct_oper_list.matrix[1][1]         1.0000000000 
_pdbx_struct_oper_list.matrix[1][2]         0.0000000000 
_pdbx_struct_oper_list.matrix[1][3]         0.0000000000 
_pdbx_struct_oper_list.vector[1]            0.0000000000 
_pdbx_struct_oper_list.matrix[2][1]         0.0000000000 
_pdbx_struct_oper_list.matrix[2][2]         1.0000000000 
_pdbx_struct_oper_list.matrix[2][3]         0.0000000000 
_pdbx_struct_oper_list.vector[2]            0.0000000000 
_pdbx_struct_oper_list.matrix[3][1]         0.0000000000 
_pdbx_struct_oper_list.matrix[3][2]         0.0000000000 
_pdbx_struct_oper_list.matrix[3][3]         1.0000000000 
_pdbx_struct_oper_list.vector[3]            0.0000000000 
# 
_struct_biol.id                    1 
_struct_biol.pdbx_parent_biol_id   ? 
_struct_biol.details               ? 
# 
loop_
_struct_conf.conf_type_id 
_struct_conf.id 
_struct_conf.pdbx_PDB_helix_id 
_struct_conf.beg_label_comp_id 
_struct_conf.beg_label_asym_id 
_struct_conf.beg_label_seq_id 
_struct_conf.pdbx_beg_PDB_ins_code 
_struct_conf.end_label_comp_id 
_struct_conf.end_label_asym_id 
_struct_conf.end_label_seq_id 
_struct_conf.pdbx_end_PDB_ins_code 
_struct_conf.beg_auth_comp_id 
_struct_conf.beg_auth_asym_id 
_struct_conf.beg_auth_seq_id 
_struct_conf.end_auth_comp_id 
_struct_conf.end_auth_asym_id 
_struct_conf.end_auth_seq_id 
_struct_conf.pdbx_PDB_helix_class 
_struct_conf.details 
_struct_conf.pdbx_PDB_helix_length 
HELX_P HELX_P1 1 ASN A 4  ? THR A 14  ? ASN A 242 THR A 252 1 ? 11 
HELX_P HELX_P2 2 ASN A 15 ? CYS A 29  ? ASN A 253 CYS A 267 1 ? 15 
HELX_P HELX_P3 3 LEU A 40 ? GLU A 42  ? LEU A 278 GLU A 280 5 ? 3  
HELX_P HELX_P4 4 ASN A 43 ? GLY A 53  ? ASN A 281 GLY A 291 1 ? 11 
HELX_P HELX_P5 5 SER A 80 ? ASN A 82  ? SER A 318 ASN A 320 5 ? 3  
HELX_P HELX_P6 6 ASP A 83 ? ASP A 96  ? ASP A 321 ASP A 334 1 ? 14 
HELX_P HELX_P7 7 ASN A 97 ? GLY A 108 ? ASN A 335 GLY A 346 1 ? 12 
# 
_struct_conf_type.id          HELX_P 
_struct_conf_type.criteria    ? 
_struct_conf_type.reference   ? 
# 
loop_
_struct_conn.id 
_struct_conn.conn_type_id 
_struct_conn.pdbx_leaving_atom_flag 
_struct_conn.pdbx_PDB_id 
_struct_conn.ptnr1_label_asym_id 
_struct_conn.ptnr1_label_comp_id 
_struct_conn.ptnr1_label_seq_id 
_struct_conn.ptnr1_label_atom_id 
_struct_conn.pdbx_ptnr1_label_alt_id 
_struct_conn.pdbx_ptnr1_PDB_ins_code 
_struct_conn.pdbx_ptnr1_standard_comp_id 
_struct_conn.ptnr1_symmetry 
_struct_conn.ptnr2_label_asym_id 
_struct_conn.ptnr2_label_comp_id 
_struct_conn.ptnr2_label_seq_id 
_struct_conn.ptnr2_label_atom_id 
_struct_conn.pdbx_ptnr2_label_alt_id 
_struct_conn.pdbx_ptnr2_PDB_ins_code 
_struct_conn.ptnr1_auth_asym_id 
_struct_conn.ptnr1_auth_comp_id 
_struct_conn.ptnr1_auth_seq_id 
_struct_conn.ptnr2_auth_asym_id 
_struct_conn.ptnr2_auth_comp_id 
_struct_conn.ptnr2_auth_seq_id 
_struct_conn.ptnr2_symmetry 
_struct_conn.pdbx_ptnr3_label_atom_id 
_struct_conn.pdbx_ptnr3_label_seq_id 
_struct_conn.pdbx_ptnr3_label_comp_id 
_struct_conn.pdbx_ptnr3_label_asym_id 
_struct_conn.pdbx_ptnr3_label_alt_id 
_struct_conn.pdbx_ptnr3_PDB_ins_code 
_struct_conn.details 
_struct_conn.pdbx_dist_value 
_struct_conn.pdbx_value_order 
_struct_conn.pdbx_role 
disulf1 disulf ?    ? A CYS 5  SG ? ? ? 1_555 A CYS 75 SG ? ? A CYS 243 A CYS 313 1_555 ? ? ? ? ? ? ? 2.039 ? ? 
disulf2 disulf ?    ? A CYS 12 SG ? ? ? 1_555 A CYS 18 SG ? ? A CYS 250 A CYS 256 1_555 ? ? ? ? ? ? ? 2.034 ? ? 
disulf3 disulf ?    ? A CYS 29 SG ? ? ? 1_555 A CYS 47 SG ? ? A CYS 267 A CYS 285 1_555 ? ? ? ? ? ? ? 2.039 ? ? 
disulf4 disulf ?    ? A CYS 39 SG ? ? ? 1_555 A CYS 99 SG ? ? A CYS 277 A CYS 337 1_555 ? ? ? ? ? ? ? 2.031 ? ? 
disulf5 disulf ?    ? A CYS 77 SG ? ? ? 1_555 A CYS 87 SG ? ? A CYS 315 A CYS 325 1_555 ? ? ? ? ? ? ? 2.033 ? ? 
covale1 covale both ? A VAL 58 C  ? ? ? 1_555 A MSE 59 N  ? ? A VAL 296 A MSE 297 1_555 ? ? ? ? ? ? ? 1.331 ? ? 
covale2 covale both ? A MSE 59 C  ? ? ? 1_555 A THR 60 N  ? ? A MSE 297 A THR 298 1_555 ? ? ? ? ? ? ? 1.330 ? ? 
# 
loop_
_struct_conn_type.id 
_struct_conn_type.criteria 
_struct_conn_type.reference 
disulf ? ? 
covale ? ? 
# 
loop_
_pdbx_modification_feature.ordinal 
_pdbx_modification_feature.label_comp_id 
_pdbx_modification_feature.label_asym_id 
_pdbx_modification_feature.label_seq_id 
_pdbx_modification_feature.label_alt_id 
_pdbx_modification_feature.modified_residue_label_comp_id 
_pdbx_modification_feature.modified_residue_label_asym_id 
_pdbx_modification_feature.modified_residue_label_seq_id 
_pdbx_modification_feature.modified_residue_label_alt_id 
_pdbx_modification_feature.auth_comp_id 
_pdbx_modification_feature.auth_asym_id 
_pdbx_modification_feature.auth_seq_id 
_pdbx_modification_feature.PDB_ins_code 
_pdbx_modification_feature.symmetry 
_pdbx_modification_feature.modified_residue_auth_comp_id 
_pdbx_modification_feature.modified_residue_auth_asym_id 
_pdbx_modification_feature.modified_residue_auth_seq_id 
_pdbx_modification_feature.modified_residue_PDB_ins_code 
_pdbx_modification_feature.modified_residue_symmetry 
_pdbx_modification_feature.comp_id_linking_atom 
_pdbx_modification_feature.modified_residue_id_linking_atom 
_pdbx_modification_feature.modified_residue_id 
_pdbx_modification_feature.ref_pcm_id 
_pdbx_modification_feature.ref_comp_id 
_pdbx_modification_feature.type 
_pdbx_modification_feature.category 
1 MSE A 59 ? .   . .  . MSE A 297 ? 1_555 .   . .   . .     .  .  MET 1 MSE Selenomethionine 'Named protein modification' 
2 CYS A 5  ? CYS A 75 ? CYS A 243 ? 1_555 CYS A 313 ? 1_555 SG SG .   . .   None             'Disulfide bridge'           
3 CYS A 12 ? CYS A 18 ? CYS A 250 ? 1_555 CYS A 256 ? 1_555 SG SG .   . .   None             'Disulfide bridge'           
4 CYS A 29 ? CYS A 47 ? CYS A 267 ? 1_555 CYS A 285 ? 1_555 SG SG .   . .   None             'Disulfide bridge'           
5 CYS A 39 ? CYS A 99 ? CYS A 277 ? 1_555 CYS A 337 ? 1_555 SG SG .   . .   None             'Disulfide bridge'           
6 CYS A 77 ? CYS A 87 ? CYS A 315 ? 1_555 CYS A 325 ? 1_555 SG SG .   . .   None             'Disulfide bridge'           
# 
_struct_site.id                   AC1 
_struct_site.pdbx_evidence_code   Software 
_struct_site.pdbx_auth_asym_id    A 
_struct_site.pdbx_auth_comp_id    MPD 
_struct_site.pdbx_auth_seq_id     400 
_struct_site.pdbx_auth_ins_code   ? 
_struct_site.pdbx_num_residues    6 
_struct_site.details              'BINDING SITE FOR RESIDUE MPD A 400' 
# 
loop_
_struct_site_gen.id 
_struct_site_gen.site_id 
_struct_site_gen.pdbx_num_res 
_struct_site_gen.label_comp_id 
_struct_site_gen.label_asym_id 
_struct_site_gen.label_seq_id 
_struct_site_gen.pdbx_auth_ins_code 
_struct_site_gen.auth_comp_id 
_struct_site_gen.auth_asym_id 
_struct_site_gen.auth_seq_id 
_struct_site_gen.label_atom_id 
_struct_site_gen.label_alt_id 
_struct_site_gen.symmetry 
_struct_site_gen.details 
1 AC1 6 TYR A 16 ? TYR A 254 . ? 6_655 ? 
2 AC1 6 SER A 52 ? SER A 290 . ? 5_554 ? 
3 AC1 6 CYS A 77 ? CYS A 315 . ? 1_555 ? 
4 AC1 6 SER A 78 ? SER A 316 . ? 1_555 ? 
5 AC1 6 LEU A 84 ? LEU A 322 . ? 1_555 ? 
6 AC1 6 HOH C .  ? HOH A 432 . ? 1_555 ? 
# 
_pdbx_entry_details.entry_id                   1Q8D 
_pdbx_entry_details.compound_details           ? 
_pdbx_entry_details.source_details             ? 
_pdbx_entry_details.nonpolymer_details         ? 
_pdbx_entry_details.sequence_details           ? 
_pdbx_entry_details.has_ligand_of_interest     ? 
_pdbx_entry_details.has_protein_modification   Y 
# 
_pdbx_struct_mod_residue.id               1 
_pdbx_struct_mod_residue.label_asym_id    A 
_pdbx_struct_mod_residue.label_comp_id    MSE 
_pdbx_struct_mod_residue.label_seq_id     59 
_pdbx_struct_mod_residue.auth_asym_id     A 
_pdbx_struct_mod_residue.auth_comp_id     MSE 
_pdbx_struct_mod_residue.auth_seq_id      297 
_pdbx_struct_mod_residue.PDB_ins_code     ? 
_pdbx_struct_mod_residue.parent_comp_id   MET 
_pdbx_struct_mod_residue.details          SELENOMETHIONINE 
# 
loop_
_pdbx_unobs_or_zero_occ_residues.id 
_pdbx_unobs_or_zero_occ_residues.PDB_model_num 
_pdbx_unobs_or_zero_occ_residues.polymer_flag 
_pdbx_unobs_or_zero_occ_residues.occupancy_flag 
_pdbx_unobs_or_zero_occ_residues.auth_asym_id 
_pdbx_unobs_or_zero_occ_residues.auth_comp_id 
_pdbx_unobs_or_zero_occ_residues.auth_seq_id 
_pdbx_unobs_or_zero_occ_residues.PDB_ins_code 
_pdbx_unobs_or_zero_occ_residues.label_asym_id 
_pdbx_unobs_or_zero_occ_residues.label_comp_id 
_pdbx_unobs_or_zero_occ_residues.label_seq_id 
1 1 Y 1 A TYR 301 ? A TYR 63 
2 1 Y 1 A VAL 302 ? A VAL 64 
3 1 Y 1 A ASP 303 ? A ASP 65 
4 1 Y 1 A SER 304 ? A SER 66 
5 1 Y 1 A SER 305 ? A SER 67 
6 1 Y 1 A SER 306 ? A SER 68 
7 1 Y 1 A LEU 307 ? A LEU 69 
8 1 Y 1 A SER 308 ? A SER 70 
# 
loop_
_chem_comp_atom.comp_id 
_chem_comp_atom.atom_id 
_chem_comp_atom.type_symbol 
_chem_comp_atom.pdbx_aromatic_flag 
_chem_comp_atom.pdbx_stereo_config 
_chem_comp_atom.pdbx_ordinal 
ALA N    N  N N 1   
ALA CA   C  N S 2   
ALA C    C  N N 3   
ALA O    O  N N 4   
ALA CB   C  N N 5   
ALA OXT  O  N N 6   
ALA H    H  N N 7   
ALA H2   H  N N 8   
ALA HA   H  N N 9   
ALA HB1  H  N N 10  
ALA HB2  H  N N 11  
ALA HB3  H  N N 12  
ALA HXT  H  N N 13  
ARG N    N  N N 14  
ARG CA   C  N S 15  
ARG C    C  N N 16  
ARG O    O  N N 17  
ARG CB   C  N N 18  
ARG CG   C  N N 19  
ARG CD   C  N N 20  
ARG NE   N  N N 21  
ARG CZ   C  N N 22  
ARG NH1  N  N N 23  
ARG NH2  N  N N 24  
ARG OXT  O  N N 25  
ARG H    H  N N 26  
ARG H2   H  N N 27  
ARG HA   H  N N 28  
ARG HB2  H  N N 29  
ARG HB3  H  N N 30  
ARG HG2  H  N N 31  
ARG HG3  H  N N 32  
ARG HD2  H  N N 33  
ARG HD3  H  N N 34  
ARG HE   H  N N 35  
ARG HH11 H  N N 36  
ARG HH12 H  N N 37  
ARG HH21 H  N N 38  
ARG HH22 H  N N 39  
ARG HXT  H  N N 40  
ASN N    N  N N 41  
ASN CA   C  N S 42  
ASN C    C  N N 43  
ASN O    O  N N 44  
ASN CB   C  N N 45  
ASN CG   C  N N 46  
ASN OD1  O  N N 47  
ASN ND2  N  N N 48  
ASN OXT  O  N N 49  
ASN H    H  N N 50  
ASN H2   H  N N 51  
ASN HA   H  N N 52  
ASN HB2  H  N N 53  
ASN HB3  H  N N 54  
ASN HD21 H  N N 55  
ASN HD22 H  N N 56  
ASN HXT  H  N N 57  
ASP N    N  N N 58  
ASP CA   C  N S 59  
ASP C    C  N N 60  
ASP O    O  N N 61  
ASP CB   C  N N 62  
ASP CG   C  N N 63  
ASP OD1  O  N N 64  
ASP OD2  O  N N 65  
ASP OXT  O  N N 66  
ASP H    H  N N 67  
ASP H2   H  N N 68  
ASP HA   H  N N 69  
ASP HB2  H  N N 70  
ASP HB3  H  N N 71  
ASP HD2  H  N N 72  
ASP HXT  H  N N 73  
CYS N    N  N N 74  
CYS CA   C  N R 75  
CYS C    C  N N 76  
CYS O    O  N N 77  
CYS CB   C  N N 78  
CYS SG   S  N N 79  
CYS OXT  O  N N 80  
CYS H    H  N N 81  
CYS H2   H  N N 82  
CYS HA   H  N N 83  
CYS HB2  H  N N 84  
CYS HB3  H  N N 85  
CYS HG   H  N N 86  
CYS HXT  H  N N 87  
GLN N    N  N N 88  
GLN CA   C  N S 89  
GLN C    C  N N 90  
GLN O    O  N N 91  
GLN CB   C  N N 92  
GLN CG   C  N N 93  
GLN CD   C  N N 94  
GLN OE1  O  N N 95  
GLN NE2  N  N N 96  
GLN OXT  O  N N 97  
GLN H    H  N N 98  
GLN H2   H  N N 99  
GLN HA   H  N N 100 
GLN HB2  H  N N 101 
GLN HB3  H  N N 102 
GLN HG2  H  N N 103 
GLN HG3  H  N N 104 
GLN HE21 H  N N 105 
GLN HE22 H  N N 106 
GLN HXT  H  N N 107 
GLU N    N  N N 108 
GLU CA   C  N S 109 
GLU C    C  N N 110 
GLU O    O  N N 111 
GLU CB   C  N N 112 
GLU CG   C  N N 113 
GLU CD   C  N N 114 
GLU OE1  O  N N 115 
GLU OE2  O  N N 116 
GLU OXT  O  N N 117 
GLU H    H  N N 118 
GLU H2   H  N N 119 
GLU HA   H  N N 120 
GLU HB2  H  N N 121 
GLU HB3  H  N N 122 
GLU HG2  H  N N 123 
GLU HG3  H  N N 124 
GLU HE2  H  N N 125 
GLU HXT  H  N N 126 
GLY N    N  N N 127 
GLY CA   C  N N 128 
GLY C    C  N N 129 
GLY O    O  N N 130 
GLY OXT  O  N N 131 
GLY H    H  N N 132 
GLY H2   H  N N 133 
GLY HA2  H  N N 134 
GLY HA3  H  N N 135 
GLY HXT  H  N N 136 
HOH O    O  N N 137 
HOH H1   H  N N 138 
HOH H2   H  N N 139 
ILE N    N  N N 140 
ILE CA   C  N S 141 
ILE C    C  N N 142 
ILE O    O  N N 143 
ILE CB   C  N S 144 
ILE CG1  C  N N 145 
ILE CG2  C  N N 146 
ILE CD1  C  N N 147 
ILE OXT  O  N N 148 
ILE H    H  N N 149 
ILE H2   H  N N 150 
ILE HA   H  N N 151 
ILE HB   H  N N 152 
ILE HG12 H  N N 153 
ILE HG13 H  N N 154 
ILE HG21 H  N N 155 
ILE HG22 H  N N 156 
ILE HG23 H  N N 157 
ILE HD11 H  N N 158 
ILE HD12 H  N N 159 
ILE HD13 H  N N 160 
ILE HXT  H  N N 161 
LEU N    N  N N 162 
LEU CA   C  N S 163 
LEU C    C  N N 164 
LEU O    O  N N 165 
LEU CB   C  N N 166 
LEU CG   C  N N 167 
LEU CD1  C  N N 168 
LEU CD2  C  N N 169 
LEU OXT  O  N N 170 
LEU H    H  N N 171 
LEU H2   H  N N 172 
LEU HA   H  N N 173 
LEU HB2  H  N N 174 
LEU HB3  H  N N 175 
LEU HG   H  N N 176 
LEU HD11 H  N N 177 
LEU HD12 H  N N 178 
LEU HD13 H  N N 179 
LEU HD21 H  N N 180 
LEU HD22 H  N N 181 
LEU HD23 H  N N 182 
LEU HXT  H  N N 183 
LYS N    N  N N 184 
LYS CA   C  N S 185 
LYS C    C  N N 186 
LYS O    O  N N 187 
LYS CB   C  N N 188 
LYS CG   C  N N 189 
LYS CD   C  N N 190 
LYS CE   C  N N 191 
LYS NZ   N  N N 192 
LYS OXT  O  N N 193 
LYS H    H  N N 194 
LYS H2   H  N N 195 
LYS HA   H  N N 196 
LYS HB2  H  N N 197 
LYS HB3  H  N N 198 
LYS HG2  H  N N 199 
LYS HG3  H  N N 200 
LYS HD2  H  N N 201 
LYS HD3  H  N N 202 
LYS HE2  H  N N 203 
LYS HE3  H  N N 204 
LYS HZ1  H  N N 205 
LYS HZ2  H  N N 206 
LYS HZ3  H  N N 207 
LYS HXT  H  N N 208 
MET N    N  N N 209 
MET CA   C  N S 210 
MET C    C  N N 211 
MET O    O  N N 212 
MET CB   C  N N 213 
MET CG   C  N N 214 
MET SD   S  N N 215 
MET CE   C  N N 216 
MET OXT  O  N N 217 
MET H    H  N N 218 
MET H2   H  N N 219 
MET HA   H  N N 220 
MET HB2  H  N N 221 
MET HB3  H  N N 222 
MET HG2  H  N N 223 
MET HG3  H  N N 224 
MET HE1  H  N N 225 
MET HE2  H  N N 226 
MET HE3  H  N N 227 
MET HXT  H  N N 228 
MPD C1   C  N N 229 
MPD C2   C  N N 230 
MPD O2   O  N N 231 
MPD CM   C  N N 232 
MPD C3   C  N N 233 
MPD C4   C  N S 234 
MPD O4   O  N N 235 
MPD C5   C  N N 236 
MPD H11  H  N N 237 
MPD H12  H  N N 238 
MPD H13  H  N N 239 
MPD HO2  H  N N 240 
MPD HM1  H  N N 241 
MPD HM2  H  N N 242 
MPD HM3  H  N N 243 
MPD H31  H  N N 244 
MPD H32  H  N N 245 
MPD H4   H  N N 246 
MPD HO4  H  N N 247 
MPD H51  H  N N 248 
MPD H52  H  N N 249 
MPD H53  H  N N 250 
MSE N    N  N N 251 
MSE CA   C  N S 252 
MSE C    C  N N 253 
MSE O    O  N N 254 
MSE OXT  O  N N 255 
MSE CB   C  N N 256 
MSE CG   C  N N 257 
MSE SE   SE N N 258 
MSE CE   C  N N 259 
MSE H    H  N N 260 
MSE H2   H  N N 261 
MSE HA   H  N N 262 
MSE HXT  H  N N 263 
MSE HB2  H  N N 264 
MSE HB3  H  N N 265 
MSE HG2  H  N N 266 
MSE HG3  H  N N 267 
MSE HE1  H  N N 268 
MSE HE2  H  N N 269 
MSE HE3  H  N N 270 
PHE N    N  N N 271 
PHE CA   C  N S 272 
PHE C    C  N N 273 
PHE O    O  N N 274 
PHE CB   C  N N 275 
PHE CG   C  Y N 276 
PHE CD1  C  Y N 277 
PHE CD2  C  Y N 278 
PHE CE1  C  Y N 279 
PHE CE2  C  Y N 280 
PHE CZ   C  Y N 281 
PHE OXT  O  N N 282 
PHE H    H  N N 283 
PHE H2   H  N N 284 
PHE HA   H  N N 285 
PHE HB2  H  N N 286 
PHE HB3  H  N N 287 
PHE HD1  H  N N 288 
PHE HD2  H  N N 289 
PHE HE1  H  N N 290 
PHE HE2  H  N N 291 
PHE HZ   H  N N 292 
PHE HXT  H  N N 293 
PRO N    N  N N 294 
PRO CA   C  N S 295 
PRO C    C  N N 296 
PRO O    O  N N 297 
PRO CB   C  N N 298 
PRO CG   C  N N 299 
PRO CD   C  N N 300 
PRO OXT  O  N N 301 
PRO H    H  N N 302 
PRO HA   H  N N 303 
PRO HB2  H  N N 304 
PRO HB3  H  N N 305 
PRO HG2  H  N N 306 
PRO HG3  H  N N 307 
PRO HD2  H  N N 308 
PRO HD3  H  N N 309 
PRO HXT  H  N N 310 
SER N    N  N N 311 
SER CA   C  N S 312 
SER C    C  N N 313 
SER O    O  N N 314 
SER CB   C  N N 315 
SER OG   O  N N 316 
SER OXT  O  N N 317 
SER H    H  N N 318 
SER H2   H  N N 319 
SER HA   H  N N 320 
SER HB2  H  N N 321 
SER HB3  H  N N 322 
SER HG   H  N N 323 
SER HXT  H  N N 324 
THR N    N  N N 325 
THR CA   C  N S 326 
THR C    C  N N 327 
THR O    O  N N 328 
THR CB   C  N R 329 
THR OG1  O  N N 330 
THR CG2  C  N N 331 
THR OXT  O  N N 332 
THR H    H  N N 333 
THR H2   H  N N 334 
THR HA   H  N N 335 
THR HB   H  N N 336 
THR HG1  H  N N 337 
THR HG21 H  N N 338 
THR HG22 H  N N 339 
THR HG23 H  N N 340 
THR HXT  H  N N 341 
TRP N    N  N N 342 
TRP CA   C  N S 343 
TRP C    C  N N 344 
TRP O    O  N N 345 
TRP CB   C  N N 346 
TRP CG   C  Y N 347 
TRP CD1  C  Y N 348 
TRP CD2  C  Y N 349 
TRP NE1  N  Y N 350 
TRP CE2  C  Y N 351 
TRP CE3  C  Y N 352 
TRP CZ2  C  Y N 353 
TRP CZ3  C  Y N 354 
TRP CH2  C  Y N 355 
TRP OXT  O  N N 356 
TRP H    H  N N 357 
TRP H2   H  N N 358 
TRP HA   H  N N 359 
TRP HB2  H  N N 360 
TRP HB3  H  N N 361 
TRP HD1  H  N N 362 
TRP HE1  H  N N 363 
TRP HE3  H  N N 364 
TRP HZ2  H  N N 365 
TRP HZ3  H  N N 366 
TRP HH2  H  N N 367 
TRP HXT  H  N N 368 
TYR N    N  N N 369 
TYR CA   C  N S 370 
TYR C    C  N N 371 
TYR O    O  N N 372 
TYR CB   C  N N 373 
TYR CG   C  Y N 374 
TYR CD1  C  Y N 375 
TYR CD2  C  Y N 376 
TYR CE1  C  Y N 377 
TYR CE2  C  Y N 378 
TYR CZ   C  Y N 379 
TYR OH   O  N N 380 
TYR OXT  O  N N 381 
TYR H    H  N N 382 
TYR H2   H  N N 383 
TYR HA   H  N N 384 
TYR HB2  H  N N 385 
TYR HB3  H  N N 386 
TYR HD1  H  N N 387 
TYR HD2  H  N N 388 
TYR HE1  H  N N 389 
TYR HE2  H  N N 390 
TYR HH   H  N N 391 
TYR HXT  H  N N 392 
VAL N    N  N N 393 
VAL CA   C  N S 394 
VAL C    C  N N 395 
VAL O    O  N N 396 
VAL CB   C  N N 397 
VAL CG1  C  N N 398 
VAL CG2  C  N N 399 
VAL OXT  O  N N 400 
VAL H    H  N N 401 
VAL H2   H  N N 402 
VAL HA   H  N N 403 
VAL HB   H  N N 404 
VAL HG11 H  N N 405 
VAL HG12 H  N N 406 
VAL HG13 H  N N 407 
VAL HG21 H  N N 408 
VAL HG22 H  N N 409 
VAL HG23 H  N N 410 
VAL HXT  H  N N 411 
# 
loop_
_chem_comp_bond.comp_id 
_chem_comp_bond.atom_id_1 
_chem_comp_bond.atom_id_2 
_chem_comp_bond.value_order 
_chem_comp_bond.pdbx_aromatic_flag 
_chem_comp_bond.pdbx_stereo_config 
_chem_comp_bond.pdbx_ordinal 
ALA N   CA   sing N N 1   
ALA N   H    sing N N 2   
ALA N   H2   sing N N 3   
ALA CA  C    sing N N 4   
ALA CA  CB   sing N N 5   
ALA CA  HA   sing N N 6   
ALA C   O    doub N N 7   
ALA C   OXT  sing N N 8   
ALA CB  HB1  sing N N 9   
ALA CB  HB2  sing N N 10  
ALA CB  HB3  sing N N 11  
ALA OXT HXT  sing N N 12  
ARG N   CA   sing N N 13  
ARG N   H    sing N N 14  
ARG N   H2   sing N N 15  
ARG CA  C    sing N N 16  
ARG CA  CB   sing N N 17  
ARG CA  HA   sing N N 18  
ARG C   O    doub N N 19  
ARG C   OXT  sing N N 20  
ARG CB  CG   sing N N 21  
ARG CB  HB2  sing N N 22  
ARG CB  HB3  sing N N 23  
ARG CG  CD   sing N N 24  
ARG CG  HG2  sing N N 25  
ARG CG  HG3  sing N N 26  
ARG CD  NE   sing N N 27  
ARG CD  HD2  sing N N 28  
ARG CD  HD3  sing N N 29  
ARG NE  CZ   sing N N 30  
ARG NE  HE   sing N N 31  
ARG CZ  NH1  sing N N 32  
ARG CZ  NH2  doub N N 33  
ARG NH1 HH11 sing N N 34  
ARG NH1 HH12 sing N N 35  
ARG NH2 HH21 sing N N 36  
ARG NH2 HH22 sing N N 37  
ARG OXT HXT  sing N N 38  
ASN N   CA   sing N N 39  
ASN N   H    sing N N 40  
ASN N   H2   sing N N 41  
ASN CA  C    sing N N 42  
ASN CA  CB   sing N N 43  
ASN CA  HA   sing N N 44  
ASN C   O    doub N N 45  
ASN C   OXT  sing N N 46  
ASN CB  CG   sing N N 47  
ASN CB  HB2  sing N N 48  
ASN CB  HB3  sing N N 49  
ASN CG  OD1  doub N N 50  
ASN CG  ND2  sing N N 51  
ASN ND2 HD21 sing N N 52  
ASN ND2 HD22 sing N N 53  
ASN OXT HXT  sing N N 54  
ASP N   CA   sing N N 55  
ASP N   H    sing N N 56  
ASP N   H2   sing N N 57  
ASP CA  C    sing N N 58  
ASP CA  CB   sing N N 59  
ASP CA  HA   sing N N 60  
ASP C   O    doub N N 61  
ASP C   OXT  sing N N 62  
ASP CB  CG   sing N N 63  
ASP CB  HB2  sing N N 64  
ASP CB  HB3  sing N N 65  
ASP CG  OD1  doub N N 66  
ASP CG  OD2  sing N N 67  
ASP OD2 HD2  sing N N 68  
ASP OXT HXT  sing N N 69  
CYS N   CA   sing N N 70  
CYS N   H    sing N N 71  
CYS N   H2   sing N N 72  
CYS CA  C    sing N N 73  
CYS CA  CB   sing N N 74  
CYS CA  HA   sing N N 75  
CYS C   O    doub N N 76  
CYS C   OXT  sing N N 77  
CYS CB  SG   sing N N 78  
CYS CB  HB2  sing N N 79  
CYS CB  HB3  sing N N 80  
CYS SG  HG   sing N N 81  
CYS OXT HXT  sing N N 82  
GLN N   CA   sing N N 83  
GLN N   H    sing N N 84  
GLN N   H2   sing N N 85  
GLN CA  C    sing N N 86  
GLN CA  CB   sing N N 87  
GLN CA  HA   sing N N 88  
GLN C   O    doub N N 89  
GLN C   OXT  sing N N 90  
GLN CB  CG   sing N N 91  
GLN CB  HB2  sing N N 92  
GLN CB  HB3  sing N N 93  
GLN CG  CD   sing N N 94  
GLN CG  HG2  sing N N 95  
GLN CG  HG3  sing N N 96  
GLN CD  OE1  doub N N 97  
GLN CD  NE2  sing N N 98  
GLN NE2 HE21 sing N N 99  
GLN NE2 HE22 sing N N 100 
GLN OXT HXT  sing N N 101 
GLU N   CA   sing N N 102 
GLU N   H    sing N N 103 
GLU N   H2   sing N N 104 
GLU CA  C    sing N N 105 
GLU CA  CB   sing N N 106 
GLU CA  HA   sing N N 107 
GLU C   O    doub N N 108 
GLU C   OXT  sing N N 109 
GLU CB  CG   sing N N 110 
GLU CB  HB2  sing N N 111 
GLU CB  HB3  sing N N 112 
GLU CG  CD   sing N N 113 
GLU CG  HG2  sing N N 114 
GLU CG  HG3  sing N N 115 
GLU CD  OE1  doub N N 116 
GLU CD  OE2  sing N N 117 
GLU OE2 HE2  sing N N 118 
GLU OXT HXT  sing N N 119 
GLY N   CA   sing N N 120 
GLY N   H    sing N N 121 
GLY N   H2   sing N N 122 
GLY CA  C    sing N N 123 
GLY CA  HA2  sing N N 124 
GLY CA  HA3  sing N N 125 
GLY C   O    doub N N 126 
GLY C   OXT  sing N N 127 
GLY OXT HXT  sing N N 128 
HOH O   H1   sing N N 129 
HOH O   H2   sing N N 130 
ILE N   CA   sing N N 131 
ILE N   H    sing N N 132 
ILE N   H2   sing N N 133 
ILE CA  C    sing N N 134 
ILE CA  CB   sing N N 135 
ILE CA  HA   sing N N 136 
ILE C   O    doub N N 137 
ILE C   OXT  sing N N 138 
ILE CB  CG1  sing N N 139 
ILE CB  CG2  sing N N 140 
ILE CB  HB   sing N N 141 
ILE CG1 CD1  sing N N 142 
ILE CG1 HG12 sing N N 143 
ILE CG1 HG13 sing N N 144 
ILE CG2 HG21 sing N N 145 
ILE CG2 HG22 sing N N 146 
ILE CG2 HG23 sing N N 147 
ILE CD1 HD11 sing N N 148 
ILE CD1 HD12 sing N N 149 
ILE CD1 HD13 sing N N 150 
ILE OXT HXT  sing N N 151 
LEU N   CA   sing N N 152 
LEU N   H    sing N N 153 
LEU N   H2   sing N N 154 
LEU CA  C    sing N N 155 
LEU CA  CB   sing N N 156 
LEU CA  HA   sing N N 157 
LEU C   O    doub N N 158 
LEU C   OXT  sing N N 159 
LEU CB  CG   sing N N 160 
LEU CB  HB2  sing N N 161 
LEU CB  HB3  sing N N 162 
LEU CG  CD1  sing N N 163 
LEU CG  CD2  sing N N 164 
LEU CG  HG   sing N N 165 
LEU CD1 HD11 sing N N 166 
LEU CD1 HD12 sing N N 167 
LEU CD1 HD13 sing N N 168 
LEU CD2 HD21 sing N N 169 
LEU CD2 HD22 sing N N 170 
LEU CD2 HD23 sing N N 171 
LEU OXT HXT  sing N N 172 
LYS N   CA   sing N N 173 
LYS N   H    sing N N 174 
LYS N   H2   sing N N 175 
LYS CA  C    sing N N 176 
LYS CA  CB   sing N N 177 
LYS CA  HA   sing N N 178 
LYS C   O    doub N N 179 
LYS C   OXT  sing N N 180 
LYS CB  CG   sing N N 181 
LYS CB  HB2  sing N N 182 
LYS CB  HB3  sing N N 183 
LYS CG  CD   sing N N 184 
LYS CG  HG2  sing N N 185 
LYS CG  HG3  sing N N 186 
LYS CD  CE   sing N N 187 
LYS CD  HD2  sing N N 188 
LYS CD  HD3  sing N N 189 
LYS CE  NZ   sing N N 190 
LYS CE  HE2  sing N N 191 
LYS CE  HE3  sing N N 192 
LYS NZ  HZ1  sing N N 193 
LYS NZ  HZ2  sing N N 194 
LYS NZ  HZ3  sing N N 195 
LYS OXT HXT  sing N N 196 
MET N   CA   sing N N 197 
MET N   H    sing N N 198 
MET N   H2   sing N N 199 
MET CA  C    sing N N 200 
MET CA  CB   sing N N 201 
MET CA  HA   sing N N 202 
MET C   O    doub N N 203 
MET C   OXT  sing N N 204 
MET CB  CG   sing N N 205 
MET CB  HB2  sing N N 206 
MET CB  HB3  sing N N 207 
MET CG  SD   sing N N 208 
MET CG  HG2  sing N N 209 
MET CG  HG3  sing N N 210 
MET SD  CE   sing N N 211 
MET CE  HE1  sing N N 212 
MET CE  HE2  sing N N 213 
MET CE  HE3  sing N N 214 
MET OXT HXT  sing N N 215 
MPD C1  C2   sing N N 216 
MPD C1  H11  sing N N 217 
MPD C1  H12  sing N N 218 
MPD C1  H13  sing N N 219 
MPD C2  O2   sing N N 220 
MPD C2  CM   sing N N 221 
MPD C2  C3   sing N N 222 
MPD O2  HO2  sing N N 223 
MPD CM  HM1  sing N N 224 
MPD CM  HM2  sing N N 225 
MPD CM  HM3  sing N N 226 
MPD C3  C4   sing N N 227 
MPD C3  H31  sing N N 228 
MPD C3  H32  sing N N 229 
MPD C4  O4   sing N N 230 
MPD C4  C5   sing N N 231 
MPD C4  H4   sing N N 232 
MPD O4  HO4  sing N N 233 
MPD C5  H51  sing N N 234 
MPD C5  H52  sing N N 235 
MPD C5  H53  sing N N 236 
MSE N   CA   sing N N 237 
MSE N   H    sing N N 238 
MSE N   H2   sing N N 239 
MSE CA  C    sing N N 240 
MSE CA  CB   sing N N 241 
MSE CA  HA   sing N N 242 
MSE C   O    doub N N 243 
MSE C   OXT  sing N N 244 
MSE OXT HXT  sing N N 245 
MSE CB  CG   sing N N 246 
MSE CB  HB2  sing N N 247 
MSE CB  HB3  sing N N 248 
MSE CG  SE   sing N N 249 
MSE CG  HG2  sing N N 250 
MSE CG  HG3  sing N N 251 
MSE SE  CE   sing N N 252 
MSE CE  HE1  sing N N 253 
MSE CE  HE2  sing N N 254 
MSE CE  HE3  sing N N 255 
PHE N   CA   sing N N 256 
PHE N   H    sing N N 257 
PHE N   H2   sing N N 258 
PHE CA  C    sing N N 259 
PHE CA  CB   sing N N 260 
PHE CA  HA   sing N N 261 
PHE C   O    doub N N 262 
PHE C   OXT  sing N N 263 
PHE CB  CG   sing N N 264 
PHE CB  HB2  sing N N 265 
PHE CB  HB3  sing N N 266 
PHE CG  CD1  doub Y N 267 
PHE CG  CD2  sing Y N 268 
PHE CD1 CE1  sing Y N 269 
PHE CD1 HD1  sing N N 270 
PHE CD2 CE2  doub Y N 271 
PHE CD2 HD2  sing N N 272 
PHE CE1 CZ   doub Y N 273 
PHE CE1 HE1  sing N N 274 
PHE CE2 CZ   sing Y N 275 
PHE CE2 HE2  sing N N 276 
PHE CZ  HZ   sing N N 277 
PHE OXT HXT  sing N N 278 
PRO N   CA   sing N N 279 
PRO N   CD   sing N N 280 
PRO N   H    sing N N 281 
PRO CA  C    sing N N 282 
PRO CA  CB   sing N N 283 
PRO CA  HA   sing N N 284 
PRO C   O    doub N N 285 
PRO C   OXT  sing N N 286 
PRO CB  CG   sing N N 287 
PRO CB  HB2  sing N N 288 
PRO CB  HB3  sing N N 289 
PRO CG  CD   sing N N 290 
PRO CG  HG2  sing N N 291 
PRO CG  HG3  sing N N 292 
PRO CD  HD2  sing N N 293 
PRO CD  HD3  sing N N 294 
PRO OXT HXT  sing N N 295 
SER N   CA   sing N N 296 
SER N   H    sing N N 297 
SER N   H2   sing N N 298 
SER CA  C    sing N N 299 
SER CA  CB   sing N N 300 
SER CA  HA   sing N N 301 
SER C   O    doub N N 302 
SER C   OXT  sing N N 303 
SER CB  OG   sing N N 304 
SER CB  HB2  sing N N 305 
SER CB  HB3  sing N N 306 
SER OG  HG   sing N N 307 
SER OXT HXT  sing N N 308 
THR N   CA   sing N N 309 
THR N   H    sing N N 310 
THR N   H2   sing N N 311 
THR CA  C    sing N N 312 
THR CA  CB   sing N N 313 
THR CA  HA   sing N N 314 
THR C   O    doub N N 315 
THR C   OXT  sing N N 316 
THR CB  OG1  sing N N 317 
THR CB  CG2  sing N N 318 
THR CB  HB   sing N N 319 
THR OG1 HG1  sing N N 320 
THR CG2 HG21 sing N N 321 
THR CG2 HG22 sing N N 322 
THR CG2 HG23 sing N N 323 
THR OXT HXT  sing N N 324 
TRP N   CA   sing N N 325 
TRP N   H    sing N N 326 
TRP N   H2   sing N N 327 
TRP CA  C    sing N N 328 
TRP CA  CB   sing N N 329 
TRP CA  HA   sing N N 330 
TRP C   O    doub N N 331 
TRP C   OXT  sing N N 332 
TRP CB  CG   sing N N 333 
TRP CB  HB2  sing N N 334 
TRP CB  HB3  sing N N 335 
TRP CG  CD1  doub Y N 336 
TRP CG  CD2  sing Y N 337 
TRP CD1 NE1  sing Y N 338 
TRP CD1 HD1  sing N N 339 
TRP CD2 CE2  doub Y N 340 
TRP CD2 CE3  sing Y N 341 
TRP NE1 CE2  sing Y N 342 
TRP NE1 HE1  sing N N 343 
TRP CE2 CZ2  sing Y N 344 
TRP CE3 CZ3  doub Y N 345 
TRP CE3 HE3  sing N N 346 
TRP CZ2 CH2  doub Y N 347 
TRP CZ2 HZ2  sing N N 348 
TRP CZ3 CH2  sing Y N 349 
TRP CZ3 HZ3  sing N N 350 
TRP CH2 HH2  sing N N 351 
TRP OXT HXT  sing N N 352 
TYR N   CA   sing N N 353 
TYR N   H    sing N N 354 
TYR N   H2   sing N N 355 
TYR CA  C    sing N N 356 
TYR CA  CB   sing N N 357 
TYR CA  HA   sing N N 358 
TYR C   O    doub N N 359 
TYR C   OXT  sing N N 360 
TYR CB  CG   sing N N 361 
TYR CB  HB2  sing N N 362 
TYR CB  HB3  sing N N 363 
TYR CG  CD1  doub Y N 364 
TYR CG  CD2  sing Y N 365 
TYR CD1 CE1  sing Y N 366 
TYR CD1 HD1  sing N N 367 
TYR CD2 CE2  doub Y N 368 
TYR CD2 HD2  sing N N 369 
TYR CE1 CZ   doub Y N 370 
TYR CE1 HE1  sing N N 371 
TYR CE2 CZ   sing Y N 372 
TYR CE2 HE2  sing N N 373 
TYR CZ  OH   sing N N 374 
TYR OH  HH   sing N N 375 
TYR OXT HXT  sing N N 376 
VAL N   CA   sing N N 377 
VAL N   H    sing N N 378 
VAL N   H2   sing N N 379 
VAL CA  C    sing N N 380 
VAL CA  CB   sing N N 381 
VAL CA  HA   sing N N 382 
VAL C   O    doub N N 383 
VAL C   OXT  sing N N 384 
VAL CB  CG1  sing N N 385 
VAL CB  CG2  sing N N 386 
VAL CB  HB   sing N N 387 
VAL CG1 HG11 sing N N 388 
VAL CG1 HG12 sing N N 389 
VAL CG1 HG13 sing N N 390 
VAL CG2 HG21 sing N N 391 
VAL CG2 HG22 sing N N 392 
VAL CG2 HG23 sing N N 393 
VAL OXT HXT  sing N N 394 
# 
_atom_sites.entry_id                    1Q8D 
_atom_sites.fract_transf_matrix[1][1]   0.00870984 
_atom_sites.fract_transf_matrix[1][2]   0.01448463 
_atom_sites.fract_transf_matrix[1][3]   -0.00829212 
_atom_sites.fract_transf_matrix[2][1]   0.00989730 
_atom_sites.fract_transf_matrix[2][2]   0.01221303 
_atom_sites.fract_transf_matrix[2][3]   0.01035874 
_atom_sites.fract_transf_matrix[3][1]   0.01256658 
_atom_sites.fract_transf_matrix[3][2]   -0.00861522 
_atom_sites.fract_transf_matrix[3][3]   -0.00184939 
_atom_sites.fract_transf_vector[1]      0.497754 
_atom_sites.fract_transf_vector[2]      0.577257 
_atom_sites.fract_transf_vector[3]      0.258843 
# 
loop_
_atom_type.symbol 
C  
N  
O  
S  
SE 
# 
loop_
_atom_site.group_PDB 
_atom_site.id 
_atom_site.type_symbol 
_atom_site.label_atom_id 
_atom_site.label_alt_id 
_atom_site.label_comp_id 
_atom_site.label_asym_id 
_atom_site.label_entity_id 
_atom_site.label_seq_id 
_atom_site.pdbx_PDB_ins_code 
_atom_site.Cartn_x 
_atom_site.Cartn_y 
_atom_site.Cartn_z 
_atom_site.occupancy 
_atom_site.B_iso_or_equiv 
_atom_site.pdbx_formal_charge 
_atom_site.auth_seq_id 
_atom_site.auth_comp_id 
_atom_site.auth_asym_id 
_atom_site.auth_atom_id 
_atom_site.pdbx_PDB_model_num 
ATOM   1   N  N   . GLU A 1 1   ? -19.313 -5.562  -6.134  1.00 41.54 ? 239 GLU A N   1 
ATOM   2   C  CA  . GLU A 1 1   ? -18.478 -4.969  -7.216  1.00 40.54 ? 239 GLU A CA  1 
ATOM   3   C  C   . GLU A 1 1   ? -17.231 -4.310  -6.635  1.00 38.28 ? 239 GLU A C   1 
ATOM   4   O  O   . GLU A 1 1   ? -17.316 -3.513  -5.700  1.00 39.79 ? 239 GLU A O   1 
ATOM   5   C  CB  . GLU A 1 1   ? -19.292 -3.946  -8.000  1.00 41.77 ? 239 GLU A CB  1 
ATOM   6   N  N   . ARG A 1 2   ? -16.076 -4.653  -7.194  1.00 34.77 ? 240 ARG A N   1 
ATOM   7   C  CA  . ARG A 1 2   ? -14.803 -4.105  -6.742  1.00 29.71 ? 240 ARG A CA  1 
ATOM   8   C  C   . ARG A 1 2   ? -14.796 -2.587  -6.932  1.00 24.25 ? 240 ARG A C   1 
ATOM   9   O  O   . ARG A 1 2   ? -15.008 -2.091  -8.036  1.00 24.01 ? 240 ARG A O   1 
ATOM   10  C  CB  . ARG A 1 2   ? -13.666 -4.753  -7.533  1.00 31.58 ? 240 ARG A CB  1 
ATOM   11  C  CG  . ARG A 1 2   ? -12.282 -4.455  -7.006  1.00 33.74 ? 240 ARG A CG  1 
ATOM   12  C  CD  . ARG A 1 2   ? -11.273 -5.432  -7.584  1.00 38.03 ? 240 ARG A CD  1 
ATOM   13  N  NE  . ARG A 1 2   ? -11.234 -5.381  -9.041  1.00 41.43 ? 240 ARG A NE  1 
ATOM   14  C  CZ  . ARG A 1 2   ? -10.581 -6.256  -9.801  1.00 44.86 ? 240 ARG A CZ  1 
ATOM   15  N  NH1 . ARG A 1 2   ? -9.913  -7.255  -9.239  1.00 45.72 ? 240 ARG A NH1 1 
ATOM   16  N  NH2 . ARG A 1 2   ? -10.596 -6.132  -11.121 1.00 45.82 ? 240 ARG A NH2 1 
ATOM   17  N  N   . PRO A 1 3   ? -14.549 -1.829  -5.850  1.00 20.36 ? 241 PRO A N   1 
ATOM   18  C  CA  . PRO A 1 3   ? -14.525 -0.365  -5.918  1.00 16.36 ? 241 PRO A CA  1 
ATOM   19  C  C   . PRO A 1 3   ? -13.241 0.204   -6.504  1.00 13.83 ? 241 PRO A C   1 
ATOM   20  O  O   . PRO A 1 3   ? -12.246 -0.500  -6.647  1.00 13.71 ? 241 PRO A O   1 
ATOM   21  C  CB  . PRO A 1 3   ? -14.697 0.039   -4.459  1.00 16.64 ? 241 PRO A CB  1 
ATOM   22  C  CG  . PRO A 1 3   ? -13.889 -1.011  -3.760  1.00 16.73 ? 241 PRO A CG  1 
ATOM   23  C  CD  . PRO A 1 3   ? -14.328 -2.288  -4.466  1.00 17.61 ? 241 PRO A CD  1 
ATOM   24  N  N   . ASN A 1 4   ? -13.280 1.487   -6.844  1.00 11.63 ? 242 ASN A N   1 
ATOM   25  C  CA  . ASN A 1 4   ? -12.119 2.185   -7.379  1.00 12.27 ? 242 ASN A CA  1 
ATOM   26  C  C   . ASN A 1 4   ? -11.184 2.400   -6.186  1.00 11.49 ? 242 ASN A C   1 
ATOM   27  O  O   . ASN A 1 4   ? -11.641 2.727   -5.089  1.00 9.84  ? 242 ASN A O   1 
ATOM   28  C  CB  . ASN A 1 4   ? -12.566 3.516   -7.990  1.00 11.87 ? 242 ASN A CB  1 
ATOM   29  C  CG  . ASN A 1 4   ? -11.408 4.424   -8.326  1.00 15.73 ? 242 ASN A CG  1 
ATOM   30  O  OD1 . ASN A 1 4   ? -10.887 5.122   -7.459  1.00 14.36 ? 242 ASN A OD1 1 
ATOM   31  N  ND2 . ASN A 1 4   ? -10.990 4.415   -9.589  1.00 11.65 ? 242 ASN A ND2 1 
ATOM   32  N  N   . CYS A 1 5   ? -9.886  2.203   -6.390  1.00 9.87  ? 243 CYS A N   1 
ATOM   33  C  CA  . CYS A 1 5   ? -8.926  2.337   -5.296  1.00 12.42 ? 243 CYS A CA  1 
ATOM   34  C  C   . CYS A 1 5   ? -8.894  3.698   -4.611  1.00 11.56 ? 243 CYS A C   1 
ATOM   35  O  O   . CYS A 1 5   ? -8.681  3.777   -3.399  1.00 11.07 ? 243 CYS A O   1 
ATOM   36  C  CB  . CYS A 1 5   ? -7.519  1.961   -5.771  1.00 13.72 ? 243 CYS A CB  1 
ATOM   37  S  SG  . CYS A 1 5   ? -7.326  0.207   -6.228  1.00 15.83 ? 243 CYS A SG  1 
ATOM   38  N  N   . LEU A 1 6   ? -9.097  4.770   -5.371  1.00 10.16 ? 244 LEU A N   1 
ATOM   39  C  CA  . LEU A 1 6   ? -9.100  6.101   -4.777  1.00 10.56 ? 244 LEU A CA  1 
ATOM   40  C  C   . LEU A 1 6   ? -10.336 6.272   -3.897  1.00 10.89 ? 244 LEU A C   1 
ATOM   41  O  O   . LEU A 1 6   ? -10.279 6.922   -2.851  1.00 11.82 ? 244 LEU A O   1 
ATOM   42  C  CB  . LEU A 1 6   ? -9.063  7.178   -5.866  1.00 12.65 ? 244 LEU A CB  1 
ATOM   43  C  CG  . LEU A 1 6   ? -7.789  7.178   -6.721  1.00 13.60 ? 244 LEU A CG  1 
ATOM   44  C  CD1 . LEU A 1 6   ? -7.834  8.343   -7.699  1.00 16.10 ? 244 LEU A CD1 1 
ATOM   45  C  CD2 . LEU A 1 6   ? -6.557  7.288   -5.826  1.00 14.46 ? 244 LEU A CD2 1 
ATOM   46  N  N   . SER A 1 7   ? -11.456 5.691   -4.317  1.00 10.58 ? 245 SER A N   1 
ATOM   47  C  CA  . SER A 1 7   ? -12.677 5.771   -3.527  1.00 10.53 ? 245 SER A CA  1 
ATOM   48  C  C   . SER A 1 7   ? -12.453 4.992   -2.233  1.00 11.29 ? 245 SER A C   1 
ATOM   49  O  O   . SER A 1 7   ? -12.859 5.425   -1.152  1.00 11.60 ? 245 SER A O   1 
ATOM   50  C  CB  . SER A 1 7   ? -13.858 5.165   -4.291  1.00 13.13 ? 245 SER A CB  1 
ATOM   51  O  OG  . SER A 1 7   ? -14.099 5.872   -5.496  1.00 17.19 ? 245 SER A OG  1 
ATOM   52  N  N   . LEU A 1 8   ? -11.794 3.843   -2.351  1.00 10.65 ? 246 LEU A N   1 
ATOM   53  C  CA  . LEU A 1 8   ? -11.517 3.007   -1.192  1.00 11.92 ? 246 LEU A CA  1 
ATOM   54  C  C   . LEU A 1 8   ? -10.549 3.732   -0.259  1.00 12.93 ? 246 LEU A C   1 
ATOM   55  O  O   . LEU A 1 8   ? -10.693 3.668   0.962   1.00 12.74 ? 246 LEU A O   1 
ATOM   56  C  CB  . LEU A 1 8   ? -10.924 1.659   -1.626  1.00 11.87 ? 246 LEU A CB  1 
ATOM   57  C  CG  . LEU A 1 8   ? -10.796 0.593   -0.529  1.00 11.56 ? 246 LEU A CG  1 
ATOM   58  C  CD1 . LEU A 1 8   ? -12.163 0.312   0.085   1.00 14.20 ? 246 LEU A CD1 1 
ATOM   59  C  CD2 . LEU A 1 8   ? -10.222 -0.686  -1.116  1.00 10.56 ? 246 LEU A CD2 1 
ATOM   60  N  N   . GLN A 1 9   ? -9.569  4.426   -0.832  1.00 12.27 ? 247 GLN A N   1 
ATOM   61  C  CA  . GLN A 1 9   ? -8.610  5.168   -0.023  1.00 13.98 ? 247 GLN A CA  1 
ATOM   62  C  C   . GLN A 1 9   ? -9.343  6.235   0.788   1.00 14.11 ? 247 GLN A C   1 
ATOM   63  O  O   . GLN A 1 9   ? -9.033  6.451   1.961   1.00 14.02 ? 247 GLN A O   1 
ATOM   64  C  CB  . GLN A 1 9   ? -7.543  5.824   -0.910  1.00 14.62 ? 247 GLN A CB  1 
ATOM   65  C  CG  . GLN A 1 9   ? -6.533  6.659   -0.135  1.00 17.08 ? 247 GLN A CG  1 
ATOM   66  C  CD  . GLN A 1 9   ? -5.353  7.104   -0.986  1.00 19.77 ? 247 GLN A CD  1 
ATOM   67  O  OE1 . GLN A 1 9   ? -5.526  7.690   -2.054  1.00 21.29 ? 247 GLN A OE1 1 
ATOM   68  N  NE2 . GLN A 1 9   ? -4.147  6.832   -0.509  1.00 18.43 ? 247 GLN A NE2 1 
ATOM   69  N  N   . ASP A 1 10  ? -10.317 6.898   0.165   1.00 13.41 ? 248 ASP A N   1 
ATOM   70  C  CA  . ASP A 1 10  ? -11.086 7.926   0.859   1.00 14.31 ? 248 ASP A CA  1 
ATOM   71  C  C   . ASP A 1 10  ? -11.874 7.329   2.024   1.00 14.33 ? 248 ASP A C   1 
ATOM   72  O  O   . ASP A 1 10  ? -11.918 7.912   3.108   1.00 14.43 ? 248 ASP A O   1 
ATOM   73  C  CB  . ASP A 1 10  ? -12.074 8.625   -0.083  1.00 16.29 ? 248 ASP A CB  1 
ATOM   74  C  CG  . ASP A 1 10  ? -11.388 9.488   -1.129  1.00 23.59 ? 248 ASP A CG  1 
ATOM   75  O  OD1 . ASP A 1 10  ? -10.315 10.056  -0.838  1.00 24.45 ? 248 ASP A OD1 1 
ATOM   76  O  OD2 . ASP A 1 10  ? -11.941 9.610   -2.241  1.00 28.95 ? 248 ASP A OD2 1 
ATOM   77  N  N   . SER A 1 11  ? -12.504 6.178   1.800   1.00 12.22 ? 249 SER A N   1 
ATOM   78  C  CA  . SER A 1 11  ? -13.285 5.542   2.859   1.00 12.87 ? 249 SER A CA  1 
ATOM   79  C  C   . SER A 1 11  ? -12.375 5.105   4.009   1.00 13.48 ? 249 SER A C   1 
ATOM   80  O  O   . SER A 1 11  ? -12.811 4.995   5.156   1.00 14.35 ? 249 SER A O   1 
ATOM   81  C  CB  . SER A 1 11  ? -14.073 4.341   2.309   1.00 15.51 ? 249 SER A CB  1 
ATOM   82  O  OG  . SER A 1 11  ? -13.213 3.298   1.891   1.00 27.10 ? 249 SER A OG  1 
ATOM   83  N  N   . CYS A 1 12  ? -11.105 4.863   3.697   1.00 11.71 ? 250 CYS A N   1 
ATOM   84  C  CA  . CYS A 1 12  ? -10.132 4.467   4.710   1.00 11.96 ? 250 CYS A CA  1 
ATOM   85  C  C   . CYS A 1 12  ? -9.702  5.689   5.518   1.00 13.11 ? 250 CYS A C   1 
ATOM   86  O  O   . CYS A 1 12  ? -9.671  5.660   6.749   1.00 11.51 ? 250 CYS A O   1 
ATOM   87  C  CB  . CYS A 1 12  ? -8.905  3.843   4.038   1.00 11.13 ? 250 CYS A CB  1 
ATOM   88  S  SG  . CYS A 1 12  ? -7.442  3.556   5.094   1.00 12.61 ? 250 CYS A SG  1 
ATOM   89  N  N   . LYS A 1 13  ? -9.384  6.772   4.817   1.00 12.06 ? 251 LYS A N   1 
ATOM   90  C  CA  . LYS A 1 13  ? -8.926  7.991   5.480   1.00 14.07 ? 251 LYS A CA  1 
ATOM   91  C  C   . LYS A 1 13  ? -9.915  8.670   6.425   1.00 13.26 ? 251 LYS A C   1 
ATOM   92  O  O   . LYS A 1 13  ? -9.503  9.454   7.280   1.00 13.39 ? 251 LYS A O   1 
ATOM   93  C  CB  . LYS A 1 13  ? -8.435  8.999   4.438   1.00 16.08 ? 251 LYS A CB  1 
ATOM   94  C  CG  . LYS A 1 13  ? -7.102  8.617   3.808   1.00 20.75 ? 251 LYS A CG  1 
ATOM   95  C  CD  . LYS A 1 13  ? -6.602  9.717   2.885   1.00 24.72 ? 251 LYS A CD  1 
ATOM   96  C  CE  . LYS A 1 13  ? -5.129  9.542   2.559   1.00 28.02 ? 251 LYS A CE  1 
ATOM   97  N  NZ  . LYS A 1 13  ? -4.845  8.237   1.911   1.00 33.32 ? 251 LYS A NZ  1 
ATOM   98  N  N   . THR A 1 14  ? -11.207 8.386   6.292   1.00 11.64 ? 252 THR A N   1 
ATOM   99  C  CA  . THR A 1 14  ? -12.173 9.012   7.190   1.00 11.96 ? 252 THR A CA  1 
ATOM   100 C  C   . THR A 1 14  ? -12.207 8.292   8.538   1.00 10.75 ? 252 THR A C   1 
ATOM   101 O  O   . THR A 1 14  ? -12.724 8.824   9.518   1.00 11.34 ? 252 THR A O   1 
ATOM   102 C  CB  . THR A 1 14  ? -13.603 9.034   6.591   1.00 14.31 ? 252 THR A CB  1 
ATOM   103 O  OG1 . THR A 1 14  ? -14.025 7.701   6.286   1.00 16.20 ? 252 THR A OG1 1 
ATOM   104 C  CG2 . THR A 1 14  ? -13.638 9.884   5.327   1.00 17.02 ? 252 THR A CG2 1 
ATOM   105 N  N   . ASN A 1 15  ? -11.638 7.089   8.576   1.00 9.13  ? 253 ASN A N   1 
ATOM   106 C  CA  . ASN A 1 15  ? -11.584 6.267   9.789   1.00 7.84  ? 253 ASN A CA  1 
ATOM   107 C  C   . ASN A 1 15  ? -10.185 6.425   10.391  1.00 9.15  ? 253 ASN A C   1 
ATOM   108 O  O   . ASN A 1 15  ? -9.198  6.058   9.761   1.00 9.66  ? 253 ASN A O   1 
ATOM   109 C  CB  . ASN A 1 15  ? -11.843 4.801   9.413   1.00 8.20  ? 253 ASN A CB  1 
ATOM   110 C  CG  . ASN A 1 15  ? -11.907 3.884   10.617  1.00 10.11 ? 253 ASN A CG  1 
ATOM   111 O  OD1 . ASN A 1 15  ? -11.047 3.929   11.493  1.00 13.60 ? 253 ASN A OD1 1 
ATOM   112 N  ND2 . ASN A 1 15  ? -12.926 3.030   10.654  1.00 10.06 ? 253 ASN A ND2 1 
ATOM   113 N  N   . TYR A 1 16  ? -10.093 6.960   11.608  1.00 8.74  ? 254 TYR A N   1 
ATOM   114 C  CA  . TYR A 1 16  ? -8.789  7.190   12.237  1.00 9.61  ? 254 TYR A CA  1 
ATOM   115 C  C   . TYR A 1 16  ? -7.890  5.952   12.315  1.00 9.94  ? 254 TYR A C   1 
ATOM   116 O  O   . TYR A 1 16  ? -6.664  6.059   12.235  1.00 10.69 ? 254 TYR A O   1 
ATOM   117 C  CB  . TYR A 1 16  ? -8.975  7.802   13.634  1.00 10.19 ? 254 TYR A CB  1 
ATOM   118 C  CG  . TYR A 1 16  ? -9.337  6.814   14.718  1.00 11.19 ? 254 TYR A CG  1 
ATOM   119 C  CD1 . TYR A 1 16  ? -8.352  6.270   15.543  1.00 12.13 ? 254 TYR A CD1 1 
ATOM   120 C  CD2 . TYR A 1 16  ? -10.656 6.410   14.911  1.00 11.50 ? 254 TYR A CD2 1 
ATOM   121 C  CE1 . TYR A 1 16  ? -8.668  5.351   16.532  1.00 12.70 ? 254 TYR A CE1 1 
ATOM   122 C  CE2 . TYR A 1 16  ? -10.988 5.482   15.899  1.00 12.79 ? 254 TYR A CE2 1 
ATOM   123 C  CZ  . TYR A 1 16  ? -9.987  4.958   16.703  1.00 12.76 ? 254 TYR A CZ  1 
ATOM   124 O  OH  . TYR A 1 16  ? -10.299 4.033   17.666  1.00 14.60 ? 254 TYR A OH  1 
ATOM   125 N  N   . ILE A 1 17  ? -8.497  4.780   12.461  1.00 9.79  ? 255 ILE A N   1 
ATOM   126 C  CA  . ILE A 1 17  ? -7.736  3.537   12.536  1.00 9.81  ? 255 ILE A CA  1 
ATOM   127 C  C   . ILE A 1 17  ? -7.098  3.218   11.188  1.00 10.07 ? 255 ILE A C   1 
ATOM   128 O  O   . ILE A 1 17  ? -5.885  3.010   11.095  1.00 9.11  ? 255 ILE A O   1 
ATOM   129 C  CB  . ILE A 1 17  ? -8.642  2.357   12.935  1.00 10.49 ? 255 ILE A CB  1 
ATOM   130 C  CG1 . ILE A 1 17  ? -9.176  2.574   14.352  1.00 10.75 ? 255 ILE A CG1 1 
ATOM   131 C  CG2 . ILE A 1 17  ? -7.867  1.043   12.847  1.00 11.21 ? 255 ILE A CG2 1 
ATOM   132 C  CD1 . ILE A 1 17  ? -10.263 1.588   14.744  1.00 13.72 ? 255 ILE A CD1 1 
ATOM   133 N  N   . CYS A 1 18  ? -7.918  3.186   10.143  1.00 8.69  ? 256 CYS A N   1 
ATOM   134 C  CA  . CYS A 1 18  ? -7.414  2.879   8.813   1.00 11.10 ? 256 CYS A CA  1 
ATOM   135 C  C   . CYS A 1 18  ? -6.442  3.951   8.324   1.00 11.45 ? 256 CYS A C   1 
ATOM   136 O  O   . CYS A 1 18  ? -5.406  3.640   7.735   1.00 10.38 ? 256 CYS A O   1 
ATOM   137 C  CB  . CYS A 1 18  ? -8.566  2.735   7.812   1.00 12.69 ? 256 CYS A CB  1 
ATOM   138 S  SG  . CYS A 1 18  ? -7.996  1.980   6.256   1.00 13.18 ? 256 CYS A SG  1 
ATOM   139 N  N   . ARG A 1 19  ? -6.772  5.214   8.573   1.00 11.75 ? 257 ARG A N   1 
ATOM   140 C  CA  . ARG A 1 19  ? -5.914  6.312   8.141   1.00 11.35 ? 257 ARG A CA  1 
ATOM   141 C  C   . ARG A 1 19  ? -4.499  6.137   8.684   1.00 13.52 ? 257 ARG A C   1 
ATOM   142 O  O   . ARG A 1 19  ? -3.519  6.272   7.951   1.00 12.15 ? 257 ARG A O   1 
ATOM   143 C  CB  . ARG A 1 19  ? -6.489  7.654   8.612   1.00 13.47 ? 257 ARG A CB  1 
ATOM   144 C  CG  . ARG A 1 19  ? -5.700  8.867   8.136   1.00 15.98 ? 257 ARG A CG  1 
ATOM   145 C  CD  . ARG A 1 19  ? -6.409  10.164  8.497   1.00 18.01 ? 257 ARG A CD  1 
ATOM   146 N  NE  . ARG A 1 19  ? -6.568  10.322  9.939   1.00 19.45 ? 257 ARG A NE  1 
ATOM   147 C  CZ  . ARG A 1 19  ? -7.738  10.467  10.555  1.00 18.88 ? 257 ARG A CZ  1 
ATOM   148 N  NH1 . ARG A 1 19  ? -8.868  10.475  9.859   1.00 18.09 ? 257 ARG A NH1 1 
ATOM   149 N  NH2 . ARG A 1 19  ? -7.777  10.608  11.871  1.00 16.55 ? 257 ARG A NH2 1 
ATOM   150 N  N   . SER A 1 20  ? -4.402  5.828   9.974   1.00 11.88 ? 258 SER A N   1 
ATOM   151 C  CA  . SER A 1 20  ? -3.110  5.636   10.623  1.00 13.44 ? 258 SER A CA  1 
ATOM   152 C  C   . SER A 1 20  ? -2.349  4.438   10.054  1.00 12.21 ? 258 SER A C   1 
ATOM   153 O  O   . SER A 1 20  ? -1.155  4.534   9.756   1.00 11.82 ? 258 SER A O   1 
ATOM   154 C  CB  . SER A 1 20  ? -3.311  5.446   12.130  1.00 15.29 ? 258 SER A CB  1 
ATOM   155 O  OG  . SER A 1 20  ? -2.071  5.312   12.794  1.00 22.75 ? 258 SER A OG  1 
ATOM   156 N  N   . ARG A 1 21  ? -3.040  3.313   9.896   1.00 11.40 ? 259 ARG A N   1 
ATOM   157 C  CA  . ARG A 1 21  ? -2.402  2.108   9.373   1.00 11.18 ? 259 ARG A CA  1 
ATOM   158 C  C   . ARG A 1 21  ? -1.927  2.288   7.937   1.00 11.11 ? 259 ARG A C   1 
ATOM   159 O  O   . ARG A 1 21  ? -0.843  1.834   7.582   1.00 10.51 ? 259 ARG A O   1 
ATOM   160 C  CB  . ARG A 1 21  ? -3.354  0.907   9.456   1.00 12.16 ? 259 ARG A CB  1 
ATOM   161 C  CG  . ARG A 1 21  ? -3.737  0.495   10.879  1.00 17.09 ? 259 ARG A CG  1 
ATOM   162 C  CD  . ARG A 1 21  ? -2.505  0.291   11.745  1.00 19.39 ? 259 ARG A CD  1 
ATOM   163 N  NE  . ARG A 1 21  ? -2.840  -0.100  13.115  1.00 25.42 ? 259 ARG A NE  1 
ATOM   164 C  CZ  . ARG A 1 21  ? -3.118  -1.341  13.501  1.00 24.63 ? 259 ARG A CZ  1 
ATOM   165 N  NH1 . ARG A 1 21  ? -3.106  -2.336  12.624  1.00 24.12 ? 259 ARG A NH1 1 
ATOM   166 N  NH2 . ARG A 1 21  ? -3.391  -1.592  14.774  1.00 26.70 ? 259 ARG A NH2 1 
ATOM   167 N  N   . LEU A 1 22  ? -2.736  2.950   7.112   1.00 11.19 ? 260 LEU A N   1 
ATOM   168 C  CA  . LEU A 1 22  ? -2.359  3.179   5.717   1.00 11.03 ? 260 LEU A CA  1 
ATOM   169 C  C   . LEU A 1 22  ? -1.127  4.081   5.648   1.00 12.22 ? 260 LEU A C   1 
ATOM   170 O  O   . LEU A 1 22  ? -0.203  3.831   4.878   1.00 10.72 ? 260 LEU A O   1 
ATOM   171 C  CB  . LEU A 1 22  ? -3.509  3.830   4.946   1.00 10.53 ? 260 LEU A CB  1 
ATOM   172 C  CG  . LEU A 1 22  ? -3.249  4.052   3.451   1.00 10.45 ? 260 LEU A CG  1 
ATOM   173 C  CD1 . LEU A 1 22  ? -3.047  2.710   2.766   1.00 12.19 ? 260 LEU A CD1 1 
ATOM   174 C  CD2 . LEU A 1 22  ? -4.414  4.805   2.828   1.00 11.71 ? 260 LEU A CD2 1 
ATOM   175 N  N   . ALA A 1 23  ? -1.118  5.134   6.456   1.00 11.43 ? 261 ALA A N   1 
ATOM   176 C  CA  . ALA A 1 23  ? 0.017   6.051   6.474   1.00 13.26 ? 261 ALA A CA  1 
ATOM   177 C  C   . ALA A 1 23  ? 1.293   5.313   6.878   1.00 13.14 ? 261 ALA A C   1 
ATOM   178 O  O   . ALA A 1 23  ? 2.359   5.543   6.301   1.00 12.78 ? 261 ALA A O   1 
ATOM   179 C  CB  . ALA A 1 23  ? -0.256  7.203   7.437   1.00 13.65 ? 261 ALA A CB  1 
ATOM   180 N  N   . ASP A 1 24  ? 1.185   4.423   7.862   1.00 12.58 ? 262 ASP A N   1 
ATOM   181 C  CA  . ASP A 1 24  ? 2.348   3.667   8.324   1.00 13.70 ? 262 ASP A CA  1 
ATOM   182 C  C   . ASP A 1 24  ? 2.888   2.760   7.228   1.00 12.16 ? 262 ASP A C   1 
ATOM   183 O  O   . ASP A 1 24  ? 4.099   2.563   7.117   1.00 11.68 ? 262 ASP A O   1 
ATOM   184 C  CB  . ASP A 1 24  ? 2.006   2.815   9.548   1.00 16.05 ? 262 ASP A CB  1 
ATOM   185 C  CG  . ASP A 1 24  ? 1.805   3.643   10.808  1.00 21.61 ? 262 ASP A CG  1 
ATOM   186 O  OD1 . ASP A 1 24  ? 2.163   4.839   10.813  1.00 23.54 ? 262 ASP A OD1 1 
ATOM   187 O  OD2 . ASP A 1 24  ? 1.299   3.083   11.801  1.00 23.96 ? 262 ASP A OD2 1 
ATOM   188 N  N   . PHE A 1 25  ? 1.985   2.198   6.430   1.00 10.53 ? 263 PHE A N   1 
ATOM   189 C  CA  . PHE A 1 25  ? 2.384   1.319   5.339   1.00 11.02 ? 263 PHE A CA  1 
ATOM   190 C  C   . PHE A 1 25  ? 3.150   2.106   4.276   1.00 12.59 ? 263 PHE A C   1 
ATOM   191 O  O   . PHE A 1 25  ? 4.211   1.676   3.825   1.00 10.25 ? 263 PHE A O   1 
ATOM   192 C  CB  . PHE A 1 25  ? 1.153   0.652   4.712   1.00 10.59 ? 263 PHE A CB  1 
ATOM   193 C  CG  . PHE A 1 25  ? 1.453   -0.114  3.456   1.00 10.43 ? 263 PHE A CG  1 
ATOM   194 C  CD1 . PHE A 1 25  ? 2.414   -1.122  3.449   1.00 9.60  ? 263 PHE A CD1 1 
ATOM   195 C  CD2 . PHE A 1 25  ? 0.774   0.173   2.276   1.00 12.38 ? 263 PHE A CD2 1 
ATOM   196 C  CE1 . PHE A 1 25  ? 2.696   -1.833  2.279   1.00 10.91 ? 263 PHE A CE1 1 
ATOM   197 C  CE2 . PHE A 1 25  ? 1.048   -0.532  1.106   1.00 13.10 ? 263 PHE A CE2 1 
ATOM   198 C  CZ  . PHE A 1 25  ? 2.010   -1.537  1.107   1.00 14.11 ? 263 PHE A CZ  1 
ATOM   199 N  N   . PHE A 1 26  ? 2.611   3.255   3.874   1.00 11.75 ? 264 PHE A N   1 
ATOM   200 C  CA  . PHE A 1 26  ? 3.279   4.082   2.875   1.00 14.85 ? 264 PHE A CA  1 
ATOM   201 C  C   . PHE A 1 26  ? 4.638   4.558   3.385   1.00 14.62 ? 264 PHE A C   1 
ATOM   202 O  O   . PHE A 1 26  ? 5.612   4.601   2.635   1.00 15.23 ? 264 PHE A O   1 
ATOM   203 C  CB  . PHE A 1 26  ? 2.414   5.299   2.515   1.00 17.09 ? 264 PHE A CB  1 
ATOM   204 C  CG  . PHE A 1 26  ? 1.220   4.970   1.657   1.00 20.94 ? 264 PHE A CG  1 
ATOM   205 C  CD1 . PHE A 1 26  ? 0.161   5.867   1.551   1.00 24.62 ? 264 PHE A CD1 1 
ATOM   206 C  CD2 . PHE A 1 26  ? 1.157   3.779   0.940   1.00 24.73 ? 264 PHE A CD2 1 
ATOM   207 C  CE1 . PHE A 1 26  ? -0.940  5.583   0.743   1.00 26.65 ? 264 PHE A CE1 1 
ATOM   208 C  CE2 . PHE A 1 26  ? 0.058   3.486   0.129   1.00 25.46 ? 264 PHE A CE2 1 
ATOM   209 C  CZ  . PHE A 1 26  ? -0.988  4.390   0.031   1.00 25.40 ? 264 PHE A CZ  1 
ATOM   210 N  N   . THR A 1 27  ? 4.707   4.908   4.665   1.00 13.56 ? 265 THR A N   1 
ATOM   211 C  CA  . THR A 1 27  ? 5.958   5.392   5.236   1.00 14.33 ? 265 THR A CA  1 
ATOM   212 C  C   . THR A 1 27  ? 7.044   4.326   5.339   1.00 15.18 ? 265 THR A C   1 
ATOM   213 O  O   . THR A 1 27  ? 8.175   4.534   4.900   1.00 15.40 ? 265 THR A O   1 
ATOM   214 C  CB  . THR A 1 27  ? 5.739   5.976   6.645   1.00 16.15 ? 265 THR A CB  1 
ATOM   215 O  OG1 . THR A 1 27  ? 4.921   7.146   6.554   1.00 18.82 ? 265 THR A OG1 1 
ATOM   216 C  CG2 . THR A 1 27  ? 7.077   6.342   7.291   1.00 18.82 ? 265 THR A CG2 1 
ATOM   217 N  N   . ASN A 1 28  ? 6.692   3.182   5.914   1.00 12.49 ? 266 ASN A N   1 
ATOM   218 C  CA  . ASN A 1 28  ? 7.658   2.111   6.125   1.00 14.45 ? 266 ASN A CA  1 
ATOM   219 C  C   . ASN A 1 28  ? 8.034   1.245   4.934   1.00 13.09 ? 266 ASN A C   1 
ATOM   220 O  O   . ASN A 1 28  ? 9.052   0.556   4.975   1.00 13.32 ? 266 ASN A O   1 
ATOM   221 C  CB  . ASN A 1 28  ? 7.183   1.222   7.274   1.00 15.24 ? 266 ASN A CB  1 
ATOM   222 C  CG  . ASN A 1 28  ? 7.254   1.928   8.613   1.00 21.60 ? 266 ASN A CG  1 
ATOM   223 O  OD1 . ASN A 1 28  ? 8.336   2.277   9.081   1.00 24.31 ? 266 ASN A OD1 1 
ATOM   224 N  ND2 . ASN A 1 28  ? 6.102   2.150   9.230   1.00 22.51 ? 266 ASN A ND2 1 
ATOM   225 N  N   . CYS A 1 29  ? 7.230   1.270   3.877   1.00 13.03 ? 267 CYS A N   1 
ATOM   226 C  CA  . CYS A 1 29  ? 7.544   0.460   2.709   1.00 12.42 ? 267 CYS A CA  1 
ATOM   227 C  C   . CYS A 1 29  ? 7.913   1.295   1.489   1.00 14.46 ? 267 CYS A C   1 
ATOM   228 O  O   . CYS A 1 29  ? 7.869   0.808   0.361   1.00 15.17 ? 267 CYS A O   1 
ATOM   229 C  CB  . CYS A 1 29  ? 6.368   -0.442  2.359   1.00 12.45 ? 267 CYS A CB  1 
ATOM   230 S  SG  . CYS A 1 29  ? 5.922   -1.677  3.619   1.00 11.73 ? 267 CYS A SG  1 
ATOM   231 N  N   . GLN A 1 30  ? 8.289   2.546   1.721   1.00 17.05 ? 268 GLN A N   1 
ATOM   232 C  CA  . GLN A 1 30  ? 8.666   3.437   0.630   1.00 21.12 ? 268 GLN A CA  1 
ATOM   233 C  C   . GLN A 1 30  ? 10.075  3.112   0.136   1.00 21.42 ? 268 GLN A C   1 
ATOM   234 O  O   . GLN A 1 30  ? 10.889  2.563   0.876   1.00 18.29 ? 268 GLN A O   1 
ATOM   235 C  CB  . GLN A 1 30  ? 8.597   4.895   1.097   1.00 24.69 ? 268 GLN A CB  1 
ATOM   236 C  CG  . GLN A 1 30  ? 9.615   5.259   2.163   1.00 30.98 ? 268 GLN A CG  1 
ATOM   237 C  CD  . GLN A 1 30  ? 9.399   6.651   2.725   1.00 35.19 ? 268 GLN A CD  1 
ATOM   238 O  OE1 . GLN A 1 30  ? 9.282   7.624   1.978   1.00 37.33 ? 268 GLN A OE1 1 
ATOM   239 N  NE2 . GLN A 1 30  ? 9.354   6.755   4.050   1.00 35.10 ? 268 GLN A NE2 1 
ATOM   240 N  N   . PRO A 1 31  ? 10.376  3.437   -1.133  1.00 23.10 ? 269 PRO A N   1 
ATOM   241 C  CA  . PRO A 1 31  ? 11.704  3.167   -1.694  1.00 24.63 ? 269 PRO A CA  1 
ATOM   242 C  C   . PRO A 1 31  ? 12.765  3.968   -0.952  1.00 25.87 ? 269 PRO A C   1 
ATOM   243 O  O   . PRO A 1 31  ? 12.461  4.978   -0.322  1.00 23.90 ? 269 PRO A O   1 
ATOM   244 C  CB  . PRO A 1 31  ? 11.567  3.620   -3.149  1.00 25.20 ? 269 PRO A CB  1 
ATOM   245 C  CG  . PRO A 1 31  ? 10.112  3.451   -3.431  1.00 26.68 ? 269 PRO A CG  1 
ATOM   246 C  CD  . PRO A 1 31  ? 9.475   3.974   -2.165  1.00 24.08 ? 269 PRO A CD  1 
ATOM   247 N  N   . GLU A 1 32  ? 14.010  3.517   -1.029  1.00 28.99 ? 270 GLU A N   1 
ATOM   248 C  CA  . GLU A 1 32  ? 15.102  4.211   -0.364  1.00 34.97 ? 270 GLU A CA  1 
ATOM   249 C  C   . GLU A 1 32  ? 15.490  5.445   -1.174  1.00 37.33 ? 270 GLU A C   1 
ATOM   250 O  O   . GLU A 1 32  ? 16.184  6.332   -0.682  1.00 38.06 ? 270 GLU A O   1 
ATOM   251 C  CB  . GLU A 1 32  ? 16.299  3.268   -0.210  1.00 37.84 ? 270 GLU A CB  1 
ATOM   252 C  CG  . GLU A 1 32  ? 17.524  3.885   0.444   1.00 43.55 ? 270 GLU A CG  1 
ATOM   253 C  CD  . GLU A 1 32  ? 18.478  4.495   -0.563  1.00 46.86 ? 270 GLU A CD  1 
ATOM   254 O  OE1 . GLU A 1 32  ? 18.930  3.761   -1.469  1.00 48.75 ? 270 GLU A OE1 1 
ATOM   255 O  OE2 . GLU A 1 32  ? 18.779  5.702   -0.447  1.00 50.26 ? 270 GLU A OE2 1 
ATOM   256 N  N   . SER A 1 33  ? 15.023  5.497   -2.417  1.00 39.83 ? 271 SER A N   1 
ATOM   257 C  CA  . SER A 1 33  ? 15.321  6.614   -3.301  1.00 44.22 ? 271 SER A CA  1 
ATOM   258 C  C   . SER A 1 33  ? 14.410  6.604   -4.523  1.00 46.03 ? 271 SER A C   1 
ATOM   259 O  O   . SER A 1 33  ? 13.722  5.618   -4.790  1.00 46.27 ? 271 SER A O   1 
ATOM   260 C  CB  . SER A 1 33  ? 16.783  6.551   -3.750  1.00 44.94 ? 271 SER A CB  1 
ATOM   261 O  OG  . SER A 1 33  ? 17.068  7.563   -4.698  1.00 48.02 ? 271 SER A OG  1 
ATOM   262 N  N   . ARG A 1 34  ? 14.415  7.707   -5.264  1.00 48.46 ? 272 ARG A N   1 
ATOM   263 C  CA  . ARG A 1 34  ? 13.593  7.825   -6.461  1.00 49.81 ? 272 ARG A CA  1 
ATOM   264 C  C   . ARG A 1 34  ? 14.149  6.927   -7.564  1.00 49.96 ? 272 ARG A C   1 
ATOM   265 O  O   . ARG A 1 34  ? 13.441  6.573   -8.507  1.00 50.21 ? 272 ARG A O   1 
ATOM   266 C  CB  . ARG A 1 34  ? 13.567  9.279   -6.935  1.00 52.24 ? 272 ARG A CB  1 
ATOM   267 C  CG  . ARG A 1 34  ? 13.066  10.259  -5.883  1.00 54.94 ? 272 ARG A CG  1 
ATOM   268 C  CD  . ARG A 1 34  ? 13.213  11.701  -6.343  1.00 57.33 ? 272 ARG A CD  1 
ATOM   269 N  NE  . ARG A 1 34  ? 12.772  12.647  -5.323  1.00 59.38 ? 272 ARG A NE  1 
ATOM   270 C  CZ  . ARG A 1 34  ? 12.870  13.968  -5.433  1.00 60.55 ? 272 ARG A CZ  1 
ATOM   271 N  NH1 . ARG A 1 34  ? 13.397  14.508  -6.524  1.00 61.12 ? 272 ARG A NH1 1 
ATOM   272 N  NH2 . ARG A 1 34  ? 12.442  14.751  -4.451  1.00 61.32 ? 272 ARG A NH2 1 
ATOM   273 N  N   . SER A 1 35  ? 15.420  6.559   -7.431  1.00 49.68 ? 273 SER A N   1 
ATOM   274 C  CA  . SER A 1 35  ? 16.082  5.702   -8.409  1.00 49.44 ? 273 SER A CA  1 
ATOM   275 C  C   . SER A 1 35  ? 16.089  4.238   -7.972  1.00 48.99 ? 273 SER A C   1 
ATOM   276 O  O   . SER A 1 35  ? 15.982  3.334   -8.804  1.00 50.05 ? 273 SER A O   1 
ATOM   277 C  CB  . SER A 1 35  ? 17.518  6.183   -8.635  1.00 49.87 ? 273 SER A CB  1 
ATOM   278 O  OG  . SER A 1 35  ? 18.235  6.239   -7.415  1.00 50.99 ? 273 SER A OG  1 
ATOM   279 N  N   . VAL A 1 36  ? 16.216  4.009   -6.667  1.00 46.58 ? 274 VAL A N   1 
ATOM   280 C  CA  . VAL A 1 36  ? 16.231  2.655   -6.118  1.00 43.67 ? 274 VAL A CA  1 
ATOM   281 C  C   . VAL A 1 36  ? 14.852  2.311   -5.559  1.00 41.12 ? 274 VAL A C   1 
ATOM   282 O  O   . VAL A 1 36  ? 14.399  2.918   -4.588  1.00 41.51 ? 274 VAL A O   1 
ATOM   283 C  CB  . VAL A 1 36  ? 17.273  2.523   -4.986  1.00 44.70 ? 274 VAL A CB  1 
ATOM   284 C  CG1 . VAL A 1 36  ? 17.325  1.085   -4.487  1.00 44.54 ? 274 VAL A CG1 1 
ATOM   285 C  CG2 . VAL A 1 36  ? 18.640  2.965   -5.484  1.00 45.22 ? 274 VAL A CG2 1 
ATOM   286 N  N   . SER A 1 37  ? 14.194  1.331   -6.172  1.00 37.67 ? 275 SER A N   1 
ATOM   287 C  CA  . SER A 1 37  ? 12.858  0.915   -5.756  1.00 35.57 ? 275 SER A CA  1 
ATOM   288 C  C   . SER A 1 37  ? 12.825  0.144   -4.438  1.00 32.12 ? 275 SER A C   1 
ATOM   289 O  O   . SER A 1 37  ? 11.784  0.060   -3.789  1.00 31.85 ? 275 SER A O   1 
ATOM   290 C  CB  . SER A 1 37  ? 12.212  0.067   -6.854  1.00 36.72 ? 275 SER A CB  1 
ATOM   291 O  OG  . SER A 1 37  ? 13.009  -1.063  -7.161  1.00 39.89 ? 275 SER A OG  1 
ATOM   292 N  N   . ASN A 1 38  ? 13.961  -0.418  -4.043  1.00 29.06 ? 276 ASN A N   1 
ATOM   293 C  CA  . ASN A 1 38  ? 14.031  -1.180  -2.799  1.00 25.47 ? 276 ASN A CA  1 
ATOM   294 C  C   . ASN A 1 38  ? 14.271  -0.238  -1.621  1.00 24.36 ? 276 ASN A C   1 
ATOM   295 O  O   . ASN A 1 38  ? 14.775  0.872   -1.795  1.00 25.79 ? 276 ASN A O   1 
ATOM   296 C  CB  . ASN A 1 38  ? 15.179  -2.195  -2.871  1.00 23.84 ? 276 ASN A CB  1 
ATOM   297 C  CG  . ASN A 1 38  ? 15.079  -3.273  -1.806  1.00 22.80 ? 276 ASN A CG  1 
ATOM   298 O  OD1 . ASN A 1 38  ? 16.071  -3.921  -1.463  1.00 24.65 ? 276 ASN A OD1 1 
ATOM   299 N  ND2 . ASN A 1 38  ? 13.876  -3.485  -1.290  1.00 16.95 ? 276 ASN A ND2 1 
ATOM   300 N  N   . CYS A 1 39  ? 13.889  -0.671  -0.424  1.00 21.68 ? 277 CYS A N   1 
ATOM   301 C  CA  . CYS A 1 39  ? 14.128  0.125   0.776   1.00 19.31 ? 277 CYS A CA  1 
ATOM   302 C  C   . CYS A 1 39  ? 15.411  -0.439  1.357   1.00 19.35 ? 277 CYS A C   1 
ATOM   303 O  O   . CYS A 1 39  ? 15.876  -1.494  0.926   1.00 19.06 ? 277 CYS A O   1 
ATOM   304 C  CB  . CYS A 1 39  ? 13.007  -0.052  1.806   1.00 16.61 ? 277 CYS A CB  1 
ATOM   305 S  SG  . CYS A 1 39  ? 12.587  -1.794  2.141   1.00 14.73 ? 277 CYS A SG  1 
ATOM   306 N  N   . LEU A 1 40  ? 15.990  0.262   2.324   1.00 19.71 ? 278 LEU A N   1 
ATOM   307 C  CA  . LEU A 1 40  ? 17.199  -0.232  2.966   1.00 22.49 ? 278 LEU A CA  1 
ATOM   308 C  C   . LEU A 1 40  ? 16.789  -1.531  3.655   1.00 21.85 ? 278 LEU A C   1 
ATOM   309 O  O   . LEU A 1 40  ? 15.681  -1.627  4.189   1.00 21.24 ? 278 LEU A O   1 
ATOM   310 C  CB  . LEU A 1 40  ? 17.703  0.773   4.006   1.00 24.83 ? 278 LEU A CB  1 
ATOM   311 C  CG  . LEU A 1 40  ? 18.145  2.150   3.498   1.00 29.39 ? 278 LEU A CG  1 
ATOM   312 C  CD1 . LEU A 1 40  ? 18.434  3.069   4.677   1.00 28.98 ? 278 LEU A CD1 1 
ATOM   313 C  CD2 . LEU A 1 40  ? 19.379  2.001   2.622   1.00 30.05 ? 278 LEU A CD2 1 
ATOM   314 N  N   . LYS A 1 41  ? 17.668  -2.527  3.637   1.00 20.34 ? 279 LYS A N   1 
ATOM   315 C  CA  . LYS A 1 41  ? 17.372  -3.811  4.261   1.00 20.40 ? 279 LYS A CA  1 
ATOM   316 C  C   . LYS A 1 41  ? 16.946  -3.670  5.721   1.00 18.40 ? 279 LYS A C   1 
ATOM   317 O  O   . LYS A 1 41  ? 16.094  -4.416  6.198   1.00 18.59 ? 279 LYS A O   1 
ATOM   318 C  CB  . LYS A 1 41  ? 18.588  -4.739  4.169   1.00 24.51 ? 279 LYS A CB  1 
ATOM   319 C  CG  . LYS A 1 41  ? 18.943  -5.146  2.745   1.00 31.07 ? 279 LYS A CG  1 
ATOM   320 C  CD  . LYS A 1 41  ? 20.166  -6.049  2.713   1.00 33.81 ? 279 LYS A CD  1 
ATOM   321 C  CE  . LYS A 1 41  ? 20.519  -6.443  1.287   1.00 36.62 ? 279 LYS A CE  1 
ATOM   322 N  NZ  . LYS A 1 41  ? 21.761  -7.266  1.233   1.00 39.21 ? 279 LYS A NZ  1 
ATOM   323 N  N   . GLU A 1 42  ? 17.528  -2.705  6.422   1.00 16.48 ? 280 GLU A N   1 
ATOM   324 C  CA  . GLU A 1 42  ? 17.209  -2.493  7.831   1.00 17.43 ? 280 GLU A CA  1 
ATOM   325 C  C   . GLU A 1 42  ? 15.735  -2.169  8.071   1.00 16.04 ? 280 GLU A C   1 
ATOM   326 O  O   . GLU A 1 42  ? 15.251  -2.264  9.198   1.00 14.84 ? 280 GLU A O   1 
ATOM   327 C  CB  . GLU A 1 42  ? 18.076  -1.368  8.408   1.00 20.75 ? 280 GLU A CB  1 
ATOM   328 C  CG  . GLU A 1 42  ? 17.738  0.013   7.871   1.00 25.86 ? 280 GLU A CG  1 
ATOM   329 C  CD  . GLU A 1 42  ? 18.675  1.090   8.381   1.00 31.77 ? 280 GLU A CD  1 
ATOM   330 O  OE1 . GLU A 1 42  ? 18.809  1.234   9.614   1.00 34.67 ? 280 GLU A OE1 1 
ATOM   331 O  OE2 . GLU A 1 42  ? 19.275  1.798   7.545   1.00 35.35 ? 280 GLU A OE2 1 
ATOM   332 N  N   . ASN A 1 43  ? 15.021  -1.792  7.015   1.00 14.54 ? 281 ASN A N   1 
ATOM   333 C  CA  . ASN A 1 43  ? 13.609  -1.444  7.150   1.00 13.78 ? 281 ASN A CA  1 
ATOM   334 C  C   . ASN A 1 43  ? 12.637  -2.562  6.786   1.00 11.69 ? 281 ASN A C   1 
ATOM   335 O  O   . ASN A 1 43  ? 11.423  -2.378  6.879   1.00 12.61 ? 281 ASN A O   1 
ATOM   336 C  CB  . ASN A 1 43  ? 13.290  -0.204  6.308   1.00 15.82 ? 281 ASN A CB  1 
ATOM   337 C  CG  . ASN A 1 43  ? 14.087  1.013   6.740   1.00 21.76 ? 281 ASN A CG  1 
ATOM   338 O  OD1 . ASN A 1 43  ? 14.185  1.313   7.931   1.00 23.71 ? 281 ASN A OD1 1 
ATOM   339 N  ND2 . ASN A 1 43  ? 14.653  1.725   5.773   1.00 27.51 ? 281 ASN A ND2 1 
ATOM   340 N  N   . TYR A 1 44  ? 13.156  -3.718  6.382   1.00 10.80 ? 282 TYR A N   1 
ATOM   341 C  CA  . TYR A 1 44  ? 12.291  -4.837  6.005   1.00 10.45 ? 282 TYR A CA  1 
ATOM   342 C  C   . TYR A 1 44  ? 11.267  -5.207  7.077   1.00 9.99  ? 282 TYR A C   1 
ATOM   343 O  O   . TYR A 1 44  ? 10.072  -5.293  6.798   1.00 11.01 ? 282 TYR A O   1 
ATOM   344 C  CB  . TYR A 1 44  ? 13.118  -6.083  5.683   1.00 10.48 ? 282 TYR A CB  1 
ATOM   345 C  CG  . TYR A 1 44  ? 13.826  -6.078  4.345   1.00 11.45 ? 282 TYR A CG  1 
ATOM   346 C  CD1 . TYR A 1 44  ? 14.607  -7.165  3.959   1.00 13.24 ? 282 TYR A CD1 1 
ATOM   347 C  CD2 . TYR A 1 44  ? 13.724  -4.998  3.467   1.00 12.99 ? 282 TYR A CD2 1 
ATOM   348 C  CE1 . TYR A 1 44  ? 15.274  -7.183  2.736   1.00 15.65 ? 282 TYR A CE1 1 
ATOM   349 C  CE2 . TYR A 1 44  ? 14.389  -5.005  2.232   1.00 15.47 ? 282 TYR A CE2 1 
ATOM   350 C  CZ  . TYR A 1 44  ? 15.162  -6.104  1.879   1.00 16.37 ? 282 TYR A CZ  1 
ATOM   351 O  OH  . TYR A 1 44  ? 15.830  -6.134  0.673   1.00 16.70 ? 282 TYR A OH  1 
ATOM   352 N  N   . ALA A 1 45  ? 11.735  -5.439  8.300   1.00 10.18 ? 283 ALA A N   1 
ATOM   353 C  CA  . ALA A 1 45  ? 10.839  -5.821  9.384   1.00 9.82  ? 283 ALA A CA  1 
ATOM   354 C  C   . ALA A 1 45  ? 9.729   -4.802  9.624   1.00 11.38 ? 283 ALA A C   1 
ATOM   355 O  O   . ALA A 1 45  ? 8.571   -5.178  9.820   1.00 9.97  ? 283 ALA A O   1 
ATOM   356 C  CB  . ALA A 1 45  ? 11.637  -6.048  10.677  1.00 7.41  ? 283 ALA A CB  1 
ATOM   357 N  N   . ASP A 1 46  ? 10.074  -3.517  9.610   1.00 10.04 ? 284 ASP A N   1 
ATOM   358 C  CA  . ASP A 1 46  ? 9.077   -2.477  9.837   1.00 10.48 ? 284 ASP A CA  1 
ATOM   359 C  C   . ASP A 1 46  ? 8.104   -2.360  8.673   1.00 11.86 ? 284 ASP A C   1 
ATOM   360 O  O   . ASP A 1 46  ? 6.930   -2.040  8.870   1.00 11.11 ? 284 ASP A O   1 
ATOM   361 C  CB  . ASP A 1 46  ? 9.746   -1.124  10.100  1.00 9.71  ? 284 ASP A CB  1 
ATOM   362 C  CG  . ASP A 1 46  ? 10.432  -1.063  11.461  1.00 12.85 ? 284 ASP A CG  1 
ATOM   363 O  OD1 . ASP A 1 46  ? 9.894   -1.645  12.425  1.00 11.76 ? 284 ASP A OD1 1 
ATOM   364 O  OD2 . ASP A 1 46  ? 11.497  -0.423  11.568  1.00 14.06 ? 284 ASP A OD2 1 
ATOM   365 N  N   . CYS A 1 47  ? 8.585   -2.600  7.460   1.00 8.57  ? 285 CYS A N   1 
ATOM   366 C  CA  . CYS A 1 47  ? 7.693   -2.544  6.313   1.00 10.06 ? 285 CYS A CA  1 
ATOM   367 C  C   . CYS A 1 47  ? 6.679   -3.697  6.396   1.00 11.21 ? 285 CYS A C   1 
ATOM   368 O  O   . CYS A 1 47  ? 5.482   -3.486  6.219   1.00 9.88  ? 285 CYS A O   1 
ATOM   369 C  CB  . CYS A 1 47  ? 8.484   -2.607  5.000   1.00 9.08  ? 285 CYS A CB  1 
ATOM   370 S  SG  . CYS A 1 47  ? 7.430   -3.048  3.581   1.00 10.86 ? 285 CYS A SG  1 
ATOM   371 N  N   . LEU A 1 48  ? 7.140   -4.913  6.687   1.00 11.34 ? 286 LEU A N   1 
ATOM   372 C  CA  . LEU A 1 48  ? 6.208   -6.037  6.776   1.00 9.54  ? 286 LEU A CA  1 
ATOM   373 C  C   . LEU A 1 48  ? 5.193   -5.837  7.901   1.00 10.63 ? 286 LEU A C   1 
ATOM   374 O  O   . LEU A 1 48  ? 3.999   -6.104  7.725   1.00 9.54  ? 286 LEU A O   1 
ATOM   375 C  CB  . LEU A 1 48  ? 6.951   -7.365  6.975   1.00 9.57  ? 286 LEU A CB  1 
ATOM   376 C  CG  . LEU A 1 48  ? 6.047   -8.606  6.950   1.00 10.57 ? 286 LEU A CG  1 
ATOM   377 C  CD1 . LEU A 1 48  ? 5.306   -8.670  5.611   1.00 12.17 ? 286 LEU A CD1 1 
ATOM   378 C  CD2 . LEU A 1 48  ? 6.872   -9.866  7.159   1.00 12.36 ? 286 LEU A CD2 1 
ATOM   379 N  N   . LEU A 1 49  ? 5.651   -5.359  9.054   1.00 8.78  ? 287 LEU A N   1 
ATOM   380 C  CA  . LEU A 1 49  ? 4.726   -5.133  10.163  1.00 10.30 ? 287 LEU A CA  1 
ATOM   381 C  C   . LEU A 1 49  ? 3.676   -4.089  9.769   1.00 10.70 ? 287 LEU A C   1 
ATOM   382 O  O   . LEU A 1 49  ? 2.499   -4.223  10.111  1.00 10.27 ? 287 LEU A O   1 
ATOM   383 C  CB  . LEU A 1 49  ? 5.477   -4.668  11.414  1.00 11.72 ? 287 LEU A CB  1 
ATOM   384 C  CG  . LEU A 1 49  ? 4.600   -4.327  12.629  1.00 13.68 ? 287 LEU A CG  1 
ATOM   385 C  CD1 . LEU A 1 49  ? 3.777   -5.542  13.043  1.00 14.46 ? 287 LEU A CD1 1 
ATOM   386 C  CD2 . LEU A 1 49  ? 5.479   -3.863  13.785  1.00 16.29 ? 287 LEU A CD2 1 
ATOM   387 N  N   . ALA A 1 50  ? 4.103   -3.058  9.043   1.00 9.60  ? 288 ALA A N   1 
ATOM   388 C  CA  . ALA A 1 50  ? 3.185   -2.001  8.618   1.00 11.13 ? 288 ALA A CA  1 
ATOM   389 C  C   . ALA A 1 50  ? 2.182   -2.549  7.611   1.00 11.37 ? 288 ALA A C   1 
ATOM   390 O  O   . ALA A 1 50  ? 0.999   -2.198  7.639   1.00 12.31 ? 288 ALA A O   1 
ATOM   391 C  CB  . ALA A 1 50  ? 3.963   -0.835  8.011   1.00 12.41 ? 288 ALA A CB  1 
ATOM   392 N  N   . TYR A 1 51  ? 2.660   -3.412  6.721   1.00 9.70  ? 289 TYR A N   1 
ATOM   393 C  CA  . TYR A 1 51  ? 1.800   -4.032  5.720   1.00 10.33 ? 289 TYR A CA  1 
ATOM   394 C  C   . TYR A 1 51  ? 0.760   -4.913  6.414   1.00 11.66 ? 289 TYR A C   1 
ATOM   395 O  O   . TYR A 1 51  ? -0.424  -4.897  6.066   1.00 11.90 ? 289 TYR A O   1 
ATOM   396 C  CB  . TYR A 1 51  ? 2.647   -4.879  4.769   1.00 10.74 ? 289 TYR A CB  1 
ATOM   397 C  CG  . TYR A 1 51  ? 1.855   -5.631  3.727   1.00 12.22 ? 289 TYR A CG  1 
ATOM   398 C  CD1 . TYR A 1 51  ? 1.132   -4.952  2.746   1.00 14.21 ? 289 TYR A CD1 1 
ATOM   399 C  CD2 . TYR A 1 51  ? 1.846   -7.025  3.708   1.00 16.64 ? 289 TYR A CD2 1 
ATOM   400 C  CE1 . TYR A 1 51  ? 0.422   -5.646  1.766   1.00 16.65 ? 289 TYR A CE1 1 
ATOM   401 C  CE2 . TYR A 1 51  ? 1.139   -7.726  2.732   1.00 18.71 ? 289 TYR A CE2 1 
ATOM   402 C  CZ  . TYR A 1 51  ? 0.432   -7.028  1.766   1.00 18.21 ? 289 TYR A CZ  1 
ATOM   403 O  OH  . TYR A 1 51  ? -0.260  -7.715  0.792   1.00 22.87 ? 289 TYR A OH  1 
ATOM   404 N  N   . SER A 1 52  ? 1.206   -5.688  7.396   1.00 12.05 ? 290 SER A N   1 
ATOM   405 C  CA  . SER A 1 52  ? 0.304   -6.565  8.133   1.00 13.44 ? 290 SER A CA  1 
ATOM   406 C  C   . SER A 1 52  ? -0.700  -5.744  8.932   1.00 11.89 ? 290 SER A C   1 
ATOM   407 O  O   . SER A 1 52  ? -1.794  -6.217  9.242   1.00 12.92 ? 290 SER A O   1 
ATOM   408 C  CB  . SER A 1 52  ? 1.103   -7.466  9.080   1.00 16.40 ? 290 SER A CB  1 
ATOM   409 O  OG  . SER A 1 52  ? 1.926   -8.356  8.346   1.00 19.89 ? 290 SER A OG  1 
ATOM   410 N  N   . GLY A 1 53  ? -0.319  -4.513  9.256   1.00 12.71 ? 291 GLY A N   1 
ATOM   411 C  CA  . GLY A 1 53  ? -1.186  -3.634  10.018  1.00 13.54 ? 291 GLY A CA  1 
ATOM   412 C  C   . GLY A 1 53  ? -2.439  -3.221  9.269   1.00 12.40 ? 291 GLY A C   1 
ATOM   413 O  O   . GLY A 1 53  ? -3.355  -2.657  9.859   1.00 11.03 ? 291 GLY A O   1 
ATOM   414 N  N   . LEU A 1 54  ? -2.480  -3.493  7.967   1.00 11.45 ? 292 LEU A N   1 
ATOM   415 C  CA  . LEU A 1 54  ? -3.640  -3.147  7.152   1.00 10.56 ? 292 LEU A CA  1 
ATOM   416 C  C   . LEU A 1 54  ? -4.764  -4.158  7.341   1.00 11.92 ? 292 LEU A C   1 
ATOM   417 O  O   . LEU A 1 54  ? -5.930  -3.861  7.076   1.00 12.65 ? 292 LEU A O   1 
ATOM   418 C  CB  . LEU A 1 54  ? -3.259  -3.097  5.668   1.00 10.67 ? 292 LEU A CB  1 
ATOM   419 C  CG  . LEU A 1 54  ? -2.204  -2.070  5.248   1.00 9.83  ? 292 LEU A CG  1 
ATOM   420 C  CD1 . LEU A 1 54  ? -1.909  -2.228  3.762   1.00 12.41 ? 292 LEU A CD1 1 
ATOM   421 C  CD2 . LEU A 1 54  ? -2.701  -0.661  5.550   1.00 12.21 ? 292 LEU A CD2 1 
ATOM   422 N  N   . ILE A 1 55  ? -4.416  -5.359  7.790   1.00 11.09 ? 293 ILE A N   1 
ATOM   423 C  CA  . ILE A 1 55  ? -5.422  -6.391  7.993   1.00 12.69 ? 293 ILE A CA  1 
ATOM   424 C  C   . ILE A 1 55  ? -6.380  -5.904  9.075   1.00 13.52 ? 293 ILE A C   1 
ATOM   425 O  O   . ILE A 1 55  ? -5.950  -5.431  10.126  1.00 13.05 ? 293 ILE A O   1 
ATOM   426 C  CB  . ILE A 1 55  ? -4.773  -7.730  8.415   1.00 14.53 ? 293 ILE A CB  1 
ATOM   427 C  CG1 . ILE A 1 55  ? -3.826  -8.211  7.311   1.00 16.05 ? 293 ILE A CG1 1 
ATOM   428 C  CG2 . ILE A 1 55  ? -5.851  -8.781  8.654   1.00 13.12 ? 293 ILE A CG2 1 
ATOM   429 C  CD1 . ILE A 1 55  ? -2.994  -9.424  7.691   1.00 18.98 ? 293 ILE A CD1 1 
ATOM   430 N  N   . GLY A 1 56  ? -7.676  -5.998  8.797   1.00 10.54 ? 294 GLY A N   1 
ATOM   431 C  CA  . GLY A 1 56  ? -8.670  -5.537  9.751   1.00 11.53 ? 294 GLY A CA  1 
ATOM   432 C  C   . GLY A 1 56  ? -9.309  -4.241  9.286   1.00 11.57 ? 294 GLY A C   1 
ATOM   433 O  O   . GLY A 1 56  ? -10.272 -3.764  9.884   1.00 9.70  ? 294 GLY A O   1 
ATOM   434 N  N   . THR A 1 57  ? -8.769  -3.672  8.209   1.00 10.69 ? 295 THR A N   1 
ATOM   435 C  CA  . THR A 1 57  ? -9.289  -2.429  7.650   1.00 10.88 ? 295 THR A CA  1 
ATOM   436 C  C   . THR A 1 57  ? -9.769  -2.691  6.222   1.00 12.05 ? 295 THR A C   1 
ATOM   437 O  O   . THR A 1 57  ? -9.566  -3.780  5.680   1.00 11.81 ? 295 THR A O   1 
ATOM   438 C  CB  . THR A 1 57  ? -8.199  -1.335  7.579   1.00 11.15 ? 295 THR A CB  1 
ATOM   439 O  OG1 . THR A 1 57  ? -7.266  -1.660  6.539   1.00 12.53 ? 295 THR A OG1 1 
ATOM   440 C  CG2 . THR A 1 57  ? -7.449  -1.231  8.909   1.00 10.01 ? 295 THR A CG2 1 
ATOM   441 N  N   . VAL A 1 58  ? -10.387 -1.689  5.608   1.00 11.71 ? 296 VAL A N   1 
ATOM   442 C  CA  . VAL A 1 58  ? -10.871 -1.844  4.242   1.00 12.50 ? 296 VAL A CA  1 
ATOM   443 C  C   . VAL A 1 58  ? -9.707  -2.007  3.272   1.00 13.94 ? 296 VAL A C   1 
ATOM   444 O  O   . VAL A 1 58  ? -9.908  -2.342  2.102   1.00 12.62 ? 296 VAL A O   1 
ATOM   445 C  CB  . VAL A 1 58  ? -11.725 -0.636  3.802   1.00 12.10 ? 296 VAL A CB  1 
ATOM   446 C  CG1 . VAL A 1 58  ? -12.972 -0.547  4.672   1.00 15.02 ? 296 VAL A CG1 1 
ATOM   447 C  CG2 . VAL A 1 58  ? -10.914 0.650   3.904   1.00 14.05 ? 296 VAL A CG2 1 
HETATM 448 N  N   . MSE A 1 59  ? -8.495  -1.784  3.774   1.00 12.54 ? 297 MSE A N   1 
HETATM 449 C  CA  . MSE A 1 59  ? -7.286  -1.894  2.966   1.00 15.94 ? 297 MSE A CA  1 
HETATM 450 C  C   . MSE A 1 59  ? -6.670  -3.286  3.095   1.00 15.18 ? 297 MSE A C   1 
HETATM 451 O  O   . MSE A 1 59  ? -5.545  -3.518  2.656   1.00 13.26 ? 297 MSE A O   1 
HETATM 452 C  CB  . MSE A 1 59  ? -6.270  -0.838  3.409   1.00 18.17 ? 297 MSE A CB  1 
HETATM 453 C  CG  . MSE A 1 59  ? -5.471  -0.229  2.283   1.00 31.26 ? 297 MSE A CG  1 
HETATM 454 SE SE  . MSE A 1 59  ? -6.611  0.760   1.081   1.00 34.13 ? 297 MSE A SE  1 
HETATM 455 C  CE  . MSE A 1 59  ? -6.523  2.491   1.915   1.00 36.88 ? 297 MSE A CE  1 
ATOM   456 N  N   . THR A 1 60  ? -7.410  -4.210  3.703   1.00 14.50 ? 298 THR A N   1 
ATOM   457 C  CA  . THR A 1 60  ? -6.931  -5.578  3.883   1.00 17.30 ? 298 THR A CA  1 
ATOM   458 C  C   . THR A 1 60  ? -6.521  -6.184  2.541   1.00 20.63 ? 298 THR A C   1 
ATOM   459 O  O   . THR A 1 60  ? -7.310  -6.208  1.597   1.00 19.43 ? 298 THR A O   1 
ATOM   460 C  CB  . THR A 1 60  ? -8.024  -6.476  4.518   1.00 18.04 ? 298 THR A CB  1 
ATOM   461 O  OG1 . THR A 1 60  ? -8.342  -5.991  5.830   1.00 16.74 ? 298 THR A OG1 1 
ATOM   462 C  CG2 . THR A 1 60  ? -7.538  -7.918  4.620   1.00 17.26 ? 298 THR A CG2 1 
ATOM   463 N  N   . PRO A 1 61  ? -5.272  -6.669  2.437   1.00 23.73 ? 299 PRO A N   1 
ATOM   464 C  CA  . PRO A 1 61  ? -4.778  -7.274  1.194   1.00 28.47 ? 299 PRO A CA  1 
ATOM   465 C  C   . PRO A 1 61  ? -5.632  -8.464  0.756   1.00 32.68 ? 299 PRO A C   1 
ATOM   466 O  O   . PRO A 1 61  ? -6.356  -9.046  1.563   1.00 34.88 ? 299 PRO A O   1 
ATOM   467 C  CB  . PRO A 1 61  ? -3.354  -7.682  1.557   1.00 28.42 ? 299 PRO A CB  1 
ATOM   468 C  CG  . PRO A 1 61  ? -2.952  -6.622  2.540   1.00 24.87 ? 299 PRO A CG  1 
ATOM   469 C  CD  . PRO A 1 61  ? -4.181  -6.530  3.417   1.00 23.65 ? 299 PRO A CD  1 
ATOM   470 N  N   . ASN A 1 62  ? -5.532  -8.822  -0.522  1.00 37.40 ? 300 ASN A N   1 
ATOM   471 C  CA  . ASN A 1 62  ? -6.301  -9.929  -1.092  1.00 41.20 ? 300 ASN A CA  1 
ATOM   472 C  C   . ASN A 1 62  ? -7.773  -9.556  -1.215  1.00 43.57 ? 300 ASN A C   1 
ATOM   473 O  O   . ASN A 1 62  ? -8.167  -8.848  -2.145  1.00 45.53 ? 300 ASN A O   1 
ATOM   474 C  CB  . ASN A 1 62  ? -6.166  -11.195 -0.234  1.00 43.36 ? 300 ASN A CB  1 
ATOM   475 C  CG  . ASN A 1 62  ? -4.826  -11.887 -0.416  1.00 46.04 ? 300 ASN A CG  1 
ATOM   476 O  OD1 . ASN A 1 62  ? -4.450  -12.252 -1.530  1.00 48.44 ? 300 ASN A OD1 1 
ATOM   477 N  ND2 . ASN A 1 62  ? -4.104  -12.079 0.683   1.00 47.91 ? 300 ASN A ND2 1 
ATOM   478 N  N   . VAL A 1 71  ? 0.176   -8.428  -1.910  1.00 36.55 ? 309 VAL A N   1 
ATOM   479 C  CA  . VAL A 1 71  ? -1.082  -8.354  -2.644  1.00 34.37 ? 309 VAL A CA  1 
ATOM   480 C  C   . VAL A 1 71  ? -1.766  -7.013  -2.384  1.00 31.96 ? 309 VAL A C   1 
ATOM   481 O  O   . VAL A 1 71  ? -1.568  -6.392  -1.336  1.00 30.12 ? 309 VAL A O   1 
ATOM   482 C  CB  . VAL A 1 71  ? -2.032  -9.505  -2.236  1.00 36.73 ? 309 VAL A CB  1 
ATOM   483 C  CG1 . VAL A 1 71  ? -3.313  -9.446  -3.052  1.00 37.19 ? 309 VAL A CG1 1 
ATOM   484 C  CG2 . VAL A 1 71  ? -1.339  -10.842 -2.443  1.00 37.35 ? 309 VAL A CG2 1 
ATOM   485 N  N   . ALA A 1 72  ? -2.569  -6.573  -3.345  1.00 27.96 ? 310 ALA A N   1 
ATOM   486 C  CA  . ALA A 1 72  ? -3.272  -5.301  -3.238  1.00 24.75 ? 310 ALA A CA  1 
ATOM   487 C  C   . ALA A 1 72  ? -4.651  -5.439  -2.600  1.00 22.87 ? 310 ALA A C   1 
ATOM   488 O  O   . ALA A 1 72  ? -5.188  -6.540  -2.471  1.00 23.14 ? 310 ALA A O   1 
ATOM   489 C  CB  . ALA A 1 72  ? -3.406  -4.672  -4.623  1.00 24.72 ? 310 ALA A CB  1 
ATOM   490 N  N   . PRO A 1 73  ? -5.240  -4.310  -2.181  1.00 21.18 ? 311 PRO A N   1 
ATOM   491 C  CA  . PRO A 1 73  ? -6.567  -4.338  -1.563  1.00 19.91 ? 311 PRO A CA  1 
ATOM   492 C  C   . PRO A 1 73  ? -7.580  -4.723  -2.635  1.00 19.35 ? 311 PRO A C   1 
ATOM   493 O  O   . PRO A 1 73  ? -7.236  -4.817  -3.812  1.00 17.83 ? 311 PRO A O   1 
ATOM   494 C  CB  . PRO A 1 73  ? -6.763  -2.896  -1.095  1.00 20.97 ? 311 PRO A CB  1 
ATOM   495 C  CG  . PRO A 1 73  ? -5.371  -2.387  -0.920  1.00 21.95 ? 311 PRO A CG  1 
ATOM   496 C  CD  . PRO A 1 73  ? -4.662  -2.959  -2.111  1.00 20.42 ? 311 PRO A CD  1 
ATOM   497 N  N   . TRP A 1 74  ? -8.824  -4.941  -2.231  1.00 18.38 ? 312 TRP A N   1 
ATOM   498 C  CA  . TRP A 1 74  ? -9.868  -5.303  -3.177  1.00 18.47 ? 312 TRP A CA  1 
ATOM   499 C  C   . TRP A 1 74  ? -10.388 -4.037  -3.860  1.00 17.24 ? 312 TRP A C   1 
ATOM   500 O  O   . TRP A 1 74  ? -11.392 -3.459  -3.443  1.00 14.80 ? 312 TRP A O   1 
ATOM   501 C  CB  . TRP A 1 74  ? -11.006 -6.020  -2.447  1.00 22.31 ? 312 TRP A CB  1 
ATOM   502 C  CG  . TRP A 1 74  ? -12.073 -6.534  -3.355  1.00 24.05 ? 312 TRP A CG  1 
ATOM   503 C  CD1 . TRP A 1 74  ? -13.394 -6.193  -3.342  1.00 24.99 ? 312 TRP A CD1 1 
ATOM   504 C  CD2 . TRP A 1 74  ? -11.914 -7.484  -4.413  1.00 26.03 ? 312 TRP A CD2 1 
ATOM   505 N  NE1 . TRP A 1 74  ? -14.067 -6.871  -4.327  1.00 26.05 ? 312 TRP A NE1 1 
ATOM   506 C  CE2 . TRP A 1 74  ? -13.184 -7.672  -5.000  1.00 26.37 ? 312 TRP A CE2 1 
ATOM   507 C  CE3 . TRP A 1 74  ? -10.819 -8.197  -4.923  1.00 27.58 ? 312 TRP A CE3 1 
ATOM   508 C  CZ2 . TRP A 1 74  ? -13.393 -8.543  -6.072  1.00 28.19 ? 312 TRP A CZ2 1 
ATOM   509 C  CZ3 . TRP A 1 74  ? -11.028 -9.067  -5.993  1.00 29.80 ? 312 TRP A CZ3 1 
ATOM   510 C  CH2 . TRP A 1 74  ? -12.306 -9.230  -6.554  1.00 30.72 ? 312 TRP A CH2 1 
ATOM   511 N  N   . CYS A 1 75  ? -9.685  -3.607  -4.903  1.00 17.60 ? 313 CYS A N   1 
ATOM   512 C  CA  . CYS A 1 75  ? -10.066 -2.416  -5.655  1.00 15.56 ? 313 CYS A CA  1 
ATOM   513 C  C   . CYS A 1 75  ? -9.319  -2.404  -6.980  1.00 15.22 ? 313 CYS A C   1 
ATOM   514 O  O   . CYS A 1 75  ? -8.388  -3.180  -7.179  1.00 15.01 ? 313 CYS A O   1 
ATOM   515 C  CB  . CYS A 1 75  ? -9.720  -1.138  -4.867  1.00 14.26 ? 313 CYS A CB  1 
ATOM   516 S  SG  . CYS A 1 75  ? -7.938  -0.830  -4.582  1.00 16.84 ? 313 CYS A SG  1 
ATOM   517 N  N   . ASP A 1 76  ? -9.749  -1.545  -7.899  1.00 14.42 ? 314 ASP A N   1 
ATOM   518 C  CA  . ASP A 1 76  ? -9.061  -1.411  -9.177  1.00 13.78 ? 314 ASP A CA  1 
ATOM   519 C  C   . ASP A 1 76  ? -9.138  0.048   -9.583  1.00 13.79 ? 314 ASP A C   1 
ATOM   520 O  O   . ASP A 1 76  ? -9.701  0.869   -8.854  1.00 13.65 ? 314 ASP A O   1 
ATOM   521 C  CB  . ASP A 1 76  ? -9.658  -2.327  -10.261 1.00 15.69 ? 314 ASP A CB  1 
ATOM   522 C  CG  . ASP A 1 76  ? -11.106 -2.014  -10.580 1.00 18.69 ? 314 ASP A CG  1 
ATOM   523 O  OD1 . ASP A 1 76  ? -11.431 -0.839  -10.831 1.00 20.04 ? 314 ASP A OD1 1 
ATOM   524 O  OD2 . ASP A 1 76  ? -11.922 -2.961  -10.595 1.00 23.71 ? 314 ASP A OD2 1 
ATOM   525 N  N   . CYS A 1 77  ? -8.565  0.388   -10.729 1.00 13.46 ? 315 CYS A N   1 
ATOM   526 C  CA  . CYS A 1 77  ? -8.576  1.777   -11.150 1.00 12.42 ? 315 CYS A CA  1 
ATOM   527 C  C   . CYS A 1 77  ? -9.562  2.140   -12.251 1.00 13.84 ? 315 CYS A C   1 
ATOM   528 O  O   . CYS A 1 77  ? -9.399  3.152   -12.930 1.00 11.97 ? 315 CYS A O   1 
ATOM   529 C  CB  . CYS A 1 77  ? -7.156  2.207   -11.516 1.00 14.75 ? 315 CYS A CB  1 
ATOM   530 S  SG  . CYS A 1 77  ? -6.130  2.334   -10.012 1.00 15.75 ? 315 CYS A SG  1 
ATOM   531 N  N   . SER A 1 78  ? -10.595 1.323   -12.420 1.00 13.92 ? 316 SER A N   1 
ATOM   532 C  CA  . SER A 1 78  ? -11.609 1.632   -13.419 1.00 14.98 ? 316 SER A CA  1 
ATOM   533 C  C   . SER A 1 78  ? -12.328 2.885   -12.926 1.00 14.55 ? 316 SER A C   1 
ATOM   534 O  O   . SER A 1 78  ? -12.469 3.087   -11.722 1.00 11.98 ? 316 SER A O   1 
ATOM   535 C  CB  . SER A 1 78  ? -12.618 0.487   -13.542 1.00 16.76 ? 316 SER A CB  1 
ATOM   536 O  OG  . SER A 1 78  ? -11.993 -0.700  -13.986 1.00 25.56 ? 316 SER A OG  1 
ATOM   537 N  N   . ASN A 1 79  ? -12.770 3.729   -13.855 1.00 12.97 ? 317 ASN A N   1 
ATOM   538 C  CA  . ASN A 1 79  ? -13.495 4.952   -13.511 1.00 13.72 ? 317 ASN A CA  1 
ATOM   539 C  C   . ASN A 1 79  ? -12.715 5.947   -12.647 1.00 13.88 ? 317 ASN A C   1 
ATOM   540 O  O   . ASN A 1 79  ? -13.285 6.557   -11.741 1.00 11.90 ? 317 ASN A O   1 
ATOM   541 C  CB  . ASN A 1 79  ? -14.811 4.606   -12.794 1.00 17.87 ? 317 ASN A CB  1 
ATOM   542 C  CG  . ASN A 1 79  ? -15.632 3.564   -13.533 1.00 21.45 ? 317 ASN A CG  1 
ATOM   543 O  OD1 . ASN A 1 79  ? -15.759 2.419   -13.086 1.00 26.22 ? 317 ASN A OD1 1 
ATOM   544 N  ND2 . ASN A 1 79  ? -16.191 3.951   -14.668 1.00 21.77 ? 317 ASN A ND2 1 
ATOM   545 N  N   . SER A 1 80  ? -11.423 6.110   -12.919 1.00 12.48 ? 318 SER A N   1 
ATOM   546 C  CA  . SER A 1 80  ? -10.604 7.055   -12.160 1.00 13.30 ? 318 SER A CA  1 
ATOM   547 C  C   . SER A 1 80  ? -10.651 8.436   -12.813 1.00 14.23 ? 318 SER A C   1 
ATOM   548 O  O   . SER A 1 80  ? -10.246 9.429   -12.216 1.00 13.70 ? 318 SER A O   1 
ATOM   549 C  CB  . SER A 1 80  ? -9.144  6.580   -12.096 1.00 15.03 ? 318 SER A CB  1 
ATOM   550 O  OG  . SER A 1 80  ? -9.016  5.360   -11.383 1.00 15.64 ? 318 SER A OG  1 
ATOM   551 N  N   . GLY A 1 81  ? -11.143 8.491   -14.047 1.00 15.17 ? 319 GLY A N   1 
ATOM   552 C  CA  . GLY A 1 81  ? -11.220 9.760   -14.746 1.00 16.45 ? 319 GLY A CA  1 
ATOM   553 C  C   . GLY A 1 81  ? -9.858  10.425  -14.841 1.00 17.61 ? 319 GLY A C   1 
ATOM   554 O  O   . GLY A 1 81  ? -8.867  9.777   -15.174 1.00 18.72 ? 319 GLY A O   1 
ATOM   555 N  N   . ASN A 1 82  ? -9.808  11.716  -14.528 1.00 19.17 ? 320 ASN A N   1 
ATOM   556 C  CA  . ASN A 1 82  ? -8.567  12.485  -14.587 1.00 20.27 ? 320 ASN A CA  1 
ATOM   557 C  C   . ASN A 1 82  ? -7.534  12.061  -13.545 1.00 19.33 ? 320 ASN A C   1 
ATOM   558 O  O   . ASN A 1 82  ? -6.374  12.459  -13.627 1.00 18.94 ? 320 ASN A O   1 
ATOM   559 C  CB  . ASN A 1 82  ? -8.866  13.979  -14.407 1.00 24.91 ? 320 ASN A CB  1 
ATOM   560 C  CG  . ASN A 1 82  ? -9.729  14.548  -15.520 1.00 29.15 ? 320 ASN A CG  1 
ATOM   561 O  OD1 . ASN A 1 82  ? -10.230 15.669  -15.417 1.00 32.83 ? 320 ASN A OD1 1 
ATOM   562 N  ND2 . ASN A 1 82  ? -9.900  13.784  -16.591 1.00 29.35 ? 320 ASN A ND2 1 
ATOM   563 N  N   . ASP A 1 83  ? -7.949  11.257  -12.569 1.00 16.19 ? 321 ASP A N   1 
ATOM   564 C  CA  . ASP A 1 83  ? -7.039  10.815  -11.515 1.00 15.89 ? 321 ASP A CA  1 
ATOM   565 C  C   . ASP A 1 83  ? -6.479  9.409   -11.731 1.00 13.89 ? 321 ASP A C   1 
ATOM   566 O  O   . ASP A 1 83  ? -5.986  8.785   -10.797 1.00 15.91 ? 321 ASP A O   1 
ATOM   567 C  CB  . ASP A 1 83  ? -7.741  10.875  -10.150 1.00 15.05 ? 321 ASP A CB  1 
ATOM   568 C  CG  . ASP A 1 83  ? -8.183  12.278  -9.781  1.00 19.48 ? 321 ASP A CG  1 
ATOM   569 O  OD1 . ASP A 1 83  ? -7.362  13.213  -9.892  1.00 21.54 ? 321 ASP A OD1 1 
ATOM   570 O  OD2 . ASP A 1 83  ? -9.350  12.449  -9.371  1.00 19.67 ? 321 ASP A OD2 1 
ATOM   571 N  N   . LEU A 1 84  ? -6.543  8.914   -12.961 1.00 13.19 ? 322 LEU A N   1 
ATOM   572 C  CA  . LEU A 1 84  ? -6.046  7.572   -13.253 1.00 12.41 ? 322 LEU A CA  1 
ATOM   573 C  C   . LEU A 1 84  ? -4.583  7.344   -12.885 1.00 12.99 ? 322 LEU A C   1 
ATOM   574 O  O   . LEU A 1 84  ? -4.246  6.329   -12.275 1.00 12.45 ? 322 LEU A O   1 
ATOM   575 C  CB  . LEU A 1 84  ? -6.246  7.239   -14.733 1.00 10.52 ? 322 LEU A CB  1 
ATOM   576 C  CG  . LEU A 1 84  ? -5.705  5.879   -15.187 1.00 10.73 ? 322 LEU A CG  1 
ATOM   577 C  CD1 . LEU A 1 84  ? -6.331  4.762   -14.366 1.00 11.53 ? 322 LEU A CD1 1 
ATOM   578 C  CD2 . LEU A 1 84  ? -6.018  5.686   -16.668 1.00 11.75 ? 322 LEU A CD2 1 
ATOM   579 N  N   . GLU A 1 85  ? -3.710  8.274   -13.258 1.00 12.97 ? 323 GLU A N   1 
ATOM   580 C  CA  . GLU A 1 85  ? -2.294  8.106   -12.955 1.00 14.97 ? 323 GLU A CA  1 
ATOM   581 C  C   . GLU A 1 85  ? -2.081  7.964   -11.449 1.00 15.27 ? 323 GLU A C   1 
ATOM   582 O  O   . GLU A 1 85  ? -1.288  7.135   -11.002 1.00 16.47 ? 323 GLU A O   1 
ATOM   583 C  CB  . GLU A 1 85  ? -1.479  9.280   -13.506 1.00 17.73 ? 323 GLU A CB  1 
ATOM   584 C  CG  . GLU A 1 85  ? 0.024   9.076   -13.378 1.00 20.46 ? 323 GLU A CG  1 
ATOM   585 C  CD  . GLU A 1 85  ? 0.843   10.134  -14.103 1.00 24.03 ? 323 GLU A CD  1 
ATOM   586 O  OE1 . GLU A 1 85  ? 2.086   10.066  -14.021 1.00 25.98 ? 323 GLU A OE1 1 
ATOM   587 O  OE2 . GLU A 1 85  ? 0.250   11.023  -14.753 1.00 23.92 ? 323 GLU A OE2 1 
ATOM   588 N  N   . ASP A 1 86  ? -2.800  8.766   -10.668 1.00 16.68 ? 324 ASP A N   1 
ATOM   589 C  CA  . ASP A 1 86  ? -2.691  8.700   -9.214  1.00 18.36 ? 324 ASP A CA  1 
ATOM   590 C  C   . ASP A 1 86  ? -3.220  7.369   -8.686  1.00 16.99 ? 324 ASP A C   1 
ATOM   591 O  O   . ASP A 1 86  ? -2.654  6.785   -7.762  1.00 15.43 ? 324 ASP A O   1 
ATOM   592 C  CB  . ASP A 1 86  ? -3.463  9.852   -8.568  1.00 22.96 ? 324 ASP A CB  1 
ATOM   593 C  CG  . ASP A 1 86  ? -2.724  11.171  -8.660  1.00 29.54 ? 324 ASP A CG  1 
ATOM   594 O  OD1 . ASP A 1 86  ? -3.287  12.203  -8.237  1.00 32.05 ? 324 ASP A OD1 1 
ATOM   595 O  OD2 . ASP A 1 86  ? -1.577  11.176  -9.147  1.00 33.11 ? 324 ASP A OD2 1 
ATOM   596 N  N   . CYS A 1 87  ? -4.311  6.889   -9.270  1.00 14.83 ? 325 CYS A N   1 
ATOM   597 C  CA  . CYS A 1 87  ? -4.885  5.623   -8.838  1.00 14.26 ? 325 CYS A CA  1 
ATOM   598 C  C   . CYS A 1 87  ? -3.891  4.498   -9.096  1.00 14.29 ? 325 CYS A C   1 
ATOM   599 O  O   . CYS A 1 87  ? -3.704  3.615   -8.257  1.00 14.00 ? 325 CYS A O   1 
ATOM   600 C  CB  . CYS A 1 87  ? -6.189  5.340   -9.588  1.00 13.56 ? 325 CYS A CB  1 
ATOM   601 S  SG  . CYS A 1 87  ? -7.051  3.843   -9.008  1.00 14.14 ? 325 CYS A SG  1 
ATOM   602 N  N   . LEU A 1 88  ? -3.248  4.532   -10.259 1.00 13.45 ? 326 LEU A N   1 
ATOM   603 C  CA  . LEU A 1 88  ? -2.281  3.502   -10.607 1.00 12.98 ? 326 LEU A CA  1 
ATOM   604 C  C   . LEU A 1 88  ? -1.046  3.557   -9.709  1.00 13.52 ? 326 LEU A C   1 
ATOM   605 O  O   . LEU A 1 88  ? -0.450  2.523   -9.414  1.00 15.74 ? 326 LEU A O   1 
ATOM   606 C  CB  . LEU A 1 88  ? -1.884  3.621   -12.084 1.00 13.84 ? 326 LEU A CB  1 
ATOM   607 C  CG  . LEU A 1 88  ? -3.005  3.245   -13.061 1.00 12.70 ? 326 LEU A CG  1 
ATOM   608 C  CD1 . LEU A 1 88  ? -2.543  3.472   -14.493 1.00 16.30 ? 326 LEU A CD1 1 
ATOM   609 C  CD2 . LEU A 1 88  ? -3.397  1.788   -12.859 1.00 14.50 ? 326 LEU A CD2 1 
ATOM   610 N  N   . LYS A 1 89  ? -0.666  4.754   -9.272  1.00 14.66 ? 327 LYS A N   1 
ATOM   611 C  CA  . LYS A 1 89  ? 0.484   4.898   -8.383  1.00 16.37 ? 327 LYS A CA  1 
ATOM   612 C  C   . LYS A 1 89  ? 0.135   4.234   -7.057  1.00 16.63 ? 327 LYS A C   1 
ATOM   613 O  O   . LYS A 1 89  ? 0.962   3.556   -6.444  1.00 16.03 ? 327 LYS A O   1 
ATOM   614 C  CB  . LYS A 1 89  ? 0.813   6.375   -8.138  1.00 18.67 ? 327 LYS A CB  1 
ATOM   615 C  CG  . LYS A 1 89  ? 1.545   7.072   -9.276  1.00 25.91 ? 327 LYS A CG  1 
ATOM   616 C  CD  . LYS A 1 89  ? 1.951   8.486   -8.865  1.00 28.05 ? 327 LYS A CD  1 
ATOM   617 C  CE  . LYS A 1 89  ? 2.894   9.126   -9.873  1.00 31.56 ? 327 LYS A CE  1 
ATOM   618 N  NZ  . LYS A 1 89  ? 2.277   9.275   -11.217 1.00 34.95 ? 327 LYS A NZ  1 
ATOM   619 N  N   . PHE A 1 90  ? -1.104  4.439   -6.620  1.00 15.24 ? 328 PHE A N   1 
ATOM   620 C  CA  . PHE A 1 90  ? -1.586  3.854   -5.376  1.00 15.98 ? 328 PHE A CA  1 
ATOM   621 C  C   . PHE A 1 90  ? -1.597  2.334   -5.484  1.00 16.69 ? 328 PHE A C   1 
ATOM   622 O  O   . PHE A 1 90  ? -1.037  1.628   -4.643  1.00 16.51 ? 328 PHE A O   1 
ATOM   623 C  CB  . PHE A 1 90  ? -3.004  4.346   -5.078  1.00 15.74 ? 328 PHE A CB  1 
ATOM   624 C  CG  . PHE A 1 90  ? -3.615  3.722   -3.857  1.00 17.66 ? 328 PHE A CG  1 
ATOM   625 C  CD1 . PHE A 1 90  ? -3.413  4.279   -2.601  1.00 19.37 ? 328 PHE A CD1 1 
ATOM   626 C  CD2 . PHE A 1 90  ? -4.368  2.558   -3.962  1.00 19.45 ? 328 PHE A CD2 1 
ATOM   627 C  CE1 . PHE A 1 90  ? -3.954  3.682   -1.461  1.00 20.86 ? 328 PHE A CE1 1 
ATOM   628 C  CE2 . PHE A 1 90  ? -4.912  1.954   -2.829  1.00 20.01 ? 328 PHE A CE2 1 
ATOM   629 C  CZ  . PHE A 1 90  ? -4.702  2.520   -1.578  1.00 20.82 ? 328 PHE A CZ  1 
ATOM   630 N  N   . LEU A 1 91  ? -2.237  1.827   -6.530  1.00 16.41 ? 329 LEU A N   1 
ATOM   631 C  CA  . LEU A 1 91  ? -2.328  0.388   -6.729  1.00 17.59 ? 329 LEU A CA  1 
ATOM   632 C  C   . LEU A 1 91  ? -0.953  -0.263  -6.887  1.00 18.28 ? 329 LEU A C   1 
ATOM   633 O  O   . LEU A 1 91  ? -0.696  -1.335  -6.337  1.00 18.57 ? 329 LEU A O   1 
ATOM   634 C  CB  . LEU A 1 91  ? -3.201  0.091   -7.956  1.00 17.20 ? 329 LEU A CB  1 
ATOM   635 C  CG  . LEU A 1 91  ? -3.622  -1.359  -8.190  1.00 19.36 ? 329 LEU A CG  1 
ATOM   636 C  CD1 . LEU A 1 91  ? -4.303  -1.908  -6.945  1.00 17.95 ? 329 LEU A CD1 1 
ATOM   637 C  CD2 . LEU A 1 91  ? -4.557  -1.426  -9.398  1.00 19.34 ? 329 LEU A CD2 1 
ATOM   638 N  N   . ASN A 1 92  ? -0.068  0.389   -7.633  1.00 18.24 ? 330 ASN A N   1 
ATOM   639 C  CA  . ASN A 1 92  ? 1.268   -0.150  -7.859  1.00 20.26 ? 330 ASN A CA  1 
ATOM   640 C  C   . ASN A 1 92  ? 2.137   -0.153  -6.603  1.00 19.58 ? 330 ASN A C   1 
ATOM   641 O  O   . ASN A 1 92  ? 3.114   -0.898  -6.524  1.00 20.22 ? 330 ASN A O   1 
ATOM   642 C  CB  . ASN A 1 92  ? 1.959   0.623   -8.988  1.00 23.36 ? 330 ASN A CB  1 
ATOM   643 C  CG  . ASN A 1 92  ? 1.376   0.294   -10.353 1.00 27.81 ? 330 ASN A CG  1 
ATOM   644 O  OD1 . ASN A 1 92  ? 1.587   1.018   -11.328 1.00 31.70 ? 330 ASN A OD1 1 
ATOM   645 N  ND2 . ASN A 1 92  ? 0.646   -0.813  -10.430 1.00 27.94 ? 330 ASN A ND2 1 
ATOM   646 N  N   . PHE A 1 93  ? 1.788   0.669   -5.617  1.00 19.55 ? 331 PHE A N   1 
ATOM   647 C  CA  . PHE A 1 93  ? 2.566   0.695   -4.383  1.00 18.02 ? 331 PHE A CA  1 
ATOM   648 C  C   . PHE A 1 93  ? 2.356   -0.637  -3.668  1.00 20.10 ? 331 PHE A C   1 
ATOM   649 O  O   . PHE A 1 93  ? 3.177   -1.052  -2.848  1.00 22.48 ? 331 PHE A O   1 
ATOM   650 C  CB  . PHE A 1 93  ? 2.126   1.844   -3.471  1.00 16.63 ? 331 PHE A CB  1 
ATOM   651 C  CG  . PHE A 1 93  ? 3.071   2.099   -2.328  1.00 16.38 ? 331 PHE A CG  1 
ATOM   652 C  CD1 . PHE A 1 93  ? 4.233   2.840   -2.522  1.00 16.09 ? 331 PHE A CD1 1 
ATOM   653 C  CD2 . PHE A 1 93  ? 2.826   1.557   -1.070  1.00 17.19 ? 331 PHE A CD2 1 
ATOM   654 C  CE1 . PHE A 1 93  ? 5.140   3.036   -1.476  1.00 17.90 ? 331 PHE A CE1 1 
ATOM   655 C  CE2 . PHE A 1 93  ? 3.729   1.748   -0.019  1.00 14.37 ? 331 PHE A CE2 1 
ATOM   656 C  CZ  . PHE A 1 93  ? 4.885   2.488   -0.224  1.00 15.04 ? 331 PHE A CZ  1 
ATOM   657 N  N   . PHE A 1 94  ? 1.247   -1.302  -3.976  1.00 19.13 ? 332 PHE A N   1 
ATOM   658 C  CA  . PHE A 1 94  ? 0.949   -2.601  -3.381  1.00 20.18 ? 332 PHE A CA  1 
ATOM   659 C  C   . PHE A 1 94  ? 1.473   -3.734  -4.262  1.00 23.41 ? 332 PHE A C   1 
ATOM   660 O  O   . PHE A 1 94  ? 2.113   -4.665  -3.775  1.00 24.63 ? 332 PHE A O   1 
ATOM   661 C  CB  . PHE A 1 94  ? -0.560  -2.803  -3.204  1.00 18.76 ? 332 PHE A CB  1 
ATOM   662 C  CG  . PHE A 1 94  ? -1.157  -2.044  -2.052  1.00 17.56 ? 332 PHE A CG  1 
ATOM   663 C  CD1 . PHE A 1 94  ? -1.529  -0.710  -2.192  1.00 15.90 ? 332 PHE A CD1 1 
ATOM   664 C  CD2 . PHE A 1 94  ? -1.380  -2.679  -0.830  1.00 17.92 ? 332 PHE A CD2 1 
ATOM   665 C  CE1 . PHE A 1 94  ? -2.117  -0.017  -1.135  1.00 15.39 ? 332 PHE A CE1 1 
ATOM   666 C  CE2 . PHE A 1 94  ? -1.966  -1.997  0.233   1.00 15.68 ? 332 PHE A CE2 1 
ATOM   667 C  CZ  . PHE A 1 94  ? -2.337  -0.662  0.079   1.00 14.06 ? 332 PHE A CZ  1 
ATOM   668 N  N   . LYS A 1 95  ? 1.199   -3.641  -5.561  1.00 24.02 ? 333 LYS A N   1 
ATOM   669 C  CA  . LYS A 1 95  ? 1.592   -4.678  -6.514  1.00 25.07 ? 333 LYS A CA  1 
ATOM   670 C  C   . LYS A 1 95  ? 3.033   -4.682  -7.015  1.00 24.98 ? 333 LYS A C   1 
ATOM   671 O  O   . LYS A 1 95  ? 3.583   -5.748  -7.294  1.00 25.58 ? 333 LYS A O   1 
ATOM   672 C  CB  . LYS A 1 95  ? 0.637   -4.654  -7.712  1.00 26.71 ? 333 LYS A CB  1 
ATOM   673 C  CG  . LYS A 1 95  ? -0.809  -4.923  -7.323  1.00 30.53 ? 333 LYS A CG  1 
ATOM   674 C  CD  . LYS A 1 95  ? -1.724  -5.071  -8.531  1.00 35.05 ? 333 LYS A CD  1 
ATOM   675 C  CE  . LYS A 1 95  ? -3.138  -5.430  -8.086  1.00 36.27 ? 333 LYS A CE  1 
ATOM   676 N  NZ  . LYS A 1 95  ? -4.084  -5.612  -9.224  1.00 39.07 ? 333 LYS A NZ  1 
ATOM   677 N  N   . ASP A 1 96  ? 3.644   -3.510  -7.146  1.00 24.52 ? 334 ASP A N   1 
ATOM   678 C  CA  . ASP A 1 96  ? 5.022   -3.432  -7.625  1.00 27.95 ? 334 ASP A CA  1 
ATOM   679 C  C   . ASP A 1 96  ? 5.916   -2.763  -6.592  1.00 25.73 ? 334 ASP A C   1 
ATOM   680 O  O   . ASP A 1 96  ? 6.579   -1.769  -6.879  1.00 28.82 ? 334 ASP A O   1 
ATOM   681 C  CB  . ASP A 1 96  ? 5.084   -2.646  -8.938  1.00 33.37 ? 334 ASP A CB  1 
ATOM   682 C  CG  . ASP A 1 96  ? 4.209   -3.246  -10.017 1.00 38.58 ? 334 ASP A CG  1 
ATOM   683 O  OD1 . ASP A 1 96  ? 4.369   -4.449  -10.311 1.00 44.26 ? 334 ASP A OD1 1 
ATOM   684 O  OD2 . ASP A 1 96  ? 3.361   -2.514  -10.572 1.00 45.00 ? 334 ASP A OD2 1 
ATOM   685 N  N   . ASN A 1 97  ? 5.935   -3.323  -5.388  1.00 22.67 ? 335 ASN A N   1 
ATOM   686 C  CA  . ASN A 1 97  ? 6.729   -2.770  -4.298  1.00 20.86 ? 335 ASN A CA  1 
ATOM   687 C  C   . ASN A 1 97  ? 7.878   -3.717  -3.956  1.00 18.31 ? 335 ASN A C   1 
ATOM   688 O  O   . ASN A 1 97  ? 7.677   -4.739  -3.301  1.00 19.52 ? 335 ASN A O   1 
ATOM   689 C  CB  . ASN A 1 97  ? 5.821   -2.558  -3.085  1.00 20.00 ? 335 ASN A CB  1 
ATOM   690 C  CG  . ASN A 1 97  ? 6.443   -1.661  -2.036  1.00 22.87 ? 335 ASN A CG  1 
ATOM   691 O  OD1 . ASN A 1 97  ? 5.771   -0.796  -1.468  1.00 22.47 ? 335 ASN A OD1 1 
ATOM   692 N  ND2 . ASN A 1 97  ? 7.727   -1.863  -1.765  1.00 21.30 ? 335 ASN A ND2 1 
ATOM   693 N  N   . THR A 1 98  ? 9.080   -3.374  -4.408  1.00 17.94 ? 336 THR A N   1 
ATOM   694 C  CA  . THR A 1 98  ? 10.259  -4.203  -4.166  1.00 17.33 ? 336 THR A CA  1 
ATOM   695 C  C   . THR A 1 98  ? 10.561  -4.367  -2.679  1.00 16.04 ? 336 THR A C   1 
ATOM   696 O  O   . THR A 1 98  ? 10.929  -5.449  -2.227  1.00 16.11 ? 336 THR A O   1 
ATOM   697 C  CB  . THR A 1 98  ? 11.494  -3.614  -4.874  1.00 18.93 ? 336 THR A CB  1 
ATOM   698 O  OG1 . THR A 1 98  ? 11.238  -3.543  -6.282  1.00 22.10 ? 336 THR A OG1 1 
ATOM   699 C  CG2 . THR A 1 98  ? 12.721  -4.492  -4.637  1.00 20.29 ? 336 THR A CG2 1 
ATOM   700 N  N   . CYS A 1 99  ? 10.406  -3.287  -1.923  1.00 14.34 ? 337 CYS A N   1 
ATOM   701 C  CA  . CYS A 1 99  ? 10.649  -3.322  -0.487  1.00 14.62 ? 337 CYS A CA  1 
ATOM   702 C  C   . CYS A 1 99  ? 9.745   -4.352  0.173   1.00 15.01 ? 337 CYS A C   1 
ATOM   703 O  O   . CYS A 1 99  ? 10.195  -5.192  0.952   1.00 14.61 ? 337 CYS A O   1 
ATOM   704 C  CB  . CYS A 1 99  ? 10.370  -1.947  0.107   1.00 15.60 ? 337 CYS A CB  1 
ATOM   705 S  SG  . CYS A 1 99  ? 10.569  -1.815  1.906   1.00 17.12 ? 337 CYS A SG  1 
ATOM   706 N  N   . LEU A 1 100 ? 8.461   -4.278  -0.158  1.00 14.33 ? 338 LEU A N   1 
ATOM   707 C  CA  . LEU A 1 100 ? 7.465   -5.180  0.397   1.00 14.37 ? 338 LEU A CA  1 
ATOM   708 C  C   . LEU A 1 100 ? 7.711   -6.627  -0.011  1.00 15.48 ? 338 LEU A C   1 
ATOM   709 O  O   . LEU A 1 100 ? 7.589   -7.541  0.809   1.00 15.93 ? 338 LEU A O   1 
ATOM   710 C  CB  . LEU A 1 100 ? 6.071   -4.739  -0.052  1.00 13.66 ? 338 LEU A CB  1 
ATOM   711 C  CG  . LEU A 1 100 ? 4.895   -5.590  0.423   1.00 17.66 ? 338 LEU A CG  1 
ATOM   712 C  CD1 . LEU A 1 100 ? 4.923   -5.718  1.936   1.00 17.08 ? 338 LEU A CD1 1 
ATOM   713 C  CD2 . LEU A 1 100 ? 3.590   -4.951  -0.051  1.00 15.64 ? 338 LEU A CD2 1 
ATOM   714 N  N   . LYS A 1 101 ? 8.044   -6.840  -1.280  1.00 15.03 ? 339 LYS A N   1 
ATOM   715 C  CA  . LYS A 1 101 ? 8.303   -8.189  -1.764  1.00 15.15 ? 339 LYS A CA  1 
ATOM   716 C  C   . LYS A 1 101 ? 9.481   -8.792  -1.012  1.00 13.45 ? 339 LYS A C   1 
ATOM   717 O  O   . LYS A 1 101 ? 9.443   -9.958  -0.616  1.00 12.90 ? 339 LYS A O   1 
ATOM   718 C  CB  . LYS A 1 101 ? 8.600   -8.170  -3.265  1.00 17.74 ? 339 LYS A CB  1 
ATOM   719 C  CG  . LYS A 1 101 ? 7.439   -7.678  -4.111  1.00 24.14 ? 339 LYS A CG  1 
ATOM   720 C  CD  . LYS A 1 101 ? 7.775   -7.716  -5.593  1.00 28.75 ? 339 LYS A CD  1 
ATOM   721 C  CE  . LYS A 1 101 ? 6.636   -7.147  -6.419  1.00 32.70 ? 339 LYS A CE  1 
ATOM   722 N  NZ  . LYS A 1 101 ? 5.351   -7.844  -6.130  1.00 36.78 ? 339 LYS A NZ  1 
ATOM   723 N  N   . ASN A 1 102 ? 10.524  -7.990  -0.815  1.00 13.00 ? 340 ASN A N   1 
ATOM   724 C  CA  . ASN A 1 102 ? 11.711  -8.457  -0.112  1.00 13.17 ? 340 ASN A CA  1 
ATOM   725 C  C   . ASN A 1 102 ? 11.429  -8.694  1.367   1.00 12.58 ? 340 ASN A C   1 
ATOM   726 O  O   . ASN A 1 102 ? 11.972  -9.619  1.962   1.00 12.38 ? 340 ASN A O   1 
ATOM   727 C  CB  . ASN A 1 102 ? 12.863  -7.456  -0.263  1.00 11.97 ? 340 ASN A CB  1 
ATOM   728 C  CG  . ASN A 1 102 ? 13.444  -7.448  -1.666  1.00 14.97 ? 340 ASN A CG  1 
ATOM   729 O  OD1 . ASN A 1 102 ? 13.467  -8.476  -2.339  1.00 17.17 ? 340 ASN A OD1 1 
ATOM   730 N  ND2 . ASN A 1 102 ? 13.929  -6.294  -2.105  1.00 16.08 ? 340 ASN A ND2 1 
ATOM   731 N  N   . ALA A 1 103 ? 10.576  -7.859  1.953   1.00 13.00 ? 341 ALA A N   1 
ATOM   732 C  CA  . ALA A 1 103 ? 10.233  -8.001  3.362   1.00 13.07 ? 341 ALA A CA  1 
ATOM   733 C  C   . ALA A 1 103 ? 9.430   -9.281  3.585   1.00 14.06 ? 341 ALA A C   1 
ATOM   734 O  O   . ALA A 1 103 ? 9.643   -9.992  4.565   1.00 14.15 ? 341 ALA A O   1 
ATOM   735 C  CB  . ALA A 1 103 ? 9.440   -6.785  3.835   1.00 14.72 ? 341 ALA A CB  1 
ATOM   736 N  N   . ILE A 1 104 ? 8.512   -9.575  2.667   1.00 14.15 ? 342 ILE A N   1 
ATOM   737 C  CA  . ILE A 1 104 ? 7.689   -10.779 2.772   1.00 14.81 ? 342 ILE A CA  1 
ATOM   738 C  C   . ILE A 1 104 ? 8.574   -12.014 2.643   1.00 16.13 ? 342 ILE A C   1 
ATOM   739 O  O   . ILE A 1 104 ? 8.401   -12.994 3.363   1.00 15.68 ? 342 ILE A O   1 
ATOM   740 C  CB  . ILE A 1 104 ? 6.593   -10.807 1.672   1.00 15.69 ? 342 ILE A CB  1 
ATOM   741 C  CG1 . ILE A 1 104 ? 5.545   -9.727  1.963   1.00 16.34 ? 342 ILE A CG1 1 
ATOM   742 C  CG2 . ILE A 1 104 ? 5.941   -12.188 1.604   1.00 14.25 ? 342 ILE A CG2 1 
ATOM   743 C  CD1 . ILE A 1 104 ? 4.491   -9.572  0.882   1.00 16.81 ? 342 ILE A CD1 1 
ATOM   744 N  N   . GLN A 1 105 ? 9.532   -11.958 1.726   1.00 16.00 ? 343 GLN A N   1 
ATOM   745 C  CA  . GLN A 1 105 ? 10.440  -13.077 1.529   1.00 16.19 ? 343 GLN A CA  1 
ATOM   746 C  C   . GLN A 1 105 ? 11.306  -13.278 2.767   1.00 15.34 ? 343 GLN A C   1 
ATOM   747 O  O   . GLN A 1 105 ? 11.557  -14.406 3.191   1.00 14.65 ? 343 GLN A O   1 
ATOM   748 C  CB  . GLN A 1 105 ? 11.331  -12.817 0.314   1.00 17.20 ? 343 GLN A CB  1 
ATOM   749 C  CG  . GLN A 1 105 ? 12.487  -13.786 0.171   1.00 20.61 ? 343 GLN A CG  1 
ATOM   750 C  CD  . GLN A 1 105 ? 13.085  -13.759 -1.218  1.00 24.49 ? 343 GLN A CD  1 
ATOM   751 O  OE1 . GLN A 1 105 ? 12.642  -14.482 -2.112  1.00 24.28 ? 343 GLN A OE1 1 
ATOM   752 N  NE2 . GLN A 1 105 ? 14.084  -12.908 -1.414  1.00 23.35 ? 343 GLN A NE2 1 
ATOM   753 N  N   . ALA A 1 106 ? 11.745  -12.173 3.354   1.00 14.22 ? 344 ALA A N   1 
ATOM   754 C  CA  . ALA A 1 106 ? 12.605  -12.230 4.527   1.00 14.77 ? 344 ALA A CA  1 
ATOM   755 C  C   . ALA A 1 106 ? 11.939  -12.712 5.807   1.00 16.01 ? 344 ALA A C   1 
ATOM   756 O  O   . ALA A 1 106 ? 12.514  -13.527 6.532   1.00 15.63 ? 344 ALA A O   1 
ATOM   757 C  CB  . ALA A 1 106 ? 13.236  -10.865 4.769   1.00 14.89 ? 344 ALA A CB  1 
ATOM   758 N  N   . PHE A 1 107 ? 10.734  -12.220 6.083   1.00 14.42 ? 345 PHE A N   1 
ATOM   759 C  CA  . PHE A 1 107 ? 10.048  -12.568 7.325   1.00 15.50 ? 345 PHE A CA  1 
ATOM   760 C  C   . PHE A 1 107 ? 8.619   -13.095 7.212   1.00 18.83 ? 345 PHE A C   1 
ATOM   761 O  O   . PHE A 1 107 ? 7.989   -13.382 8.232   1.00 19.27 ? 345 PHE A O   1 
ATOM   762 C  CB  . PHE A 1 107 ? 10.035  -11.348 8.250   1.00 13.96 ? 345 PHE A CB  1 
ATOM   763 C  CG  . PHE A 1 107 ? 11.386  -10.727 8.459   1.00 13.69 ? 345 PHE A CG  1 
ATOM   764 C  CD1 . PHE A 1 107 ? 11.650  -9.433  8.011   1.00 11.96 ? 345 PHE A CD1 1 
ATOM   765 C  CD2 . PHE A 1 107 ? 12.392  -11.427 9.116   1.00 13.17 ? 345 PHE A CD2 1 
ATOM   766 C  CE1 . PHE A 1 107 ? 12.898  -8.842  8.219   1.00 11.44 ? 345 PHE A CE1 1 
ATOM   767 C  CE2 . PHE A 1 107 ? 13.641  -10.847 9.328   1.00 14.34 ? 345 PHE A CE2 1 
ATOM   768 C  CZ  . PHE A 1 107 ? 13.893  -9.551  8.879   1.00 13.44 ? 345 PHE A CZ  1 
ATOM   769 N  N   . GLY A 1 108 ? 8.107   -13.216 5.992   1.00 19.74 ? 346 GLY A N   1 
ATOM   770 C  CA  . GLY A 1 108 ? 6.748   -13.699 5.817   1.00 23.91 ? 346 GLY A CA  1 
ATOM   771 C  C   . GLY A 1 108 ? 6.629   -15.209 5.891   1.00 27.96 ? 346 GLY A C   1 
ATOM   772 O  O   . GLY A 1 108 ? 7.674   -15.891 5.913   1.00 30.03 ? 346 GLY A O   1 
ATOM   773 O  OXT . GLY A 1 108 ? 5.486   -15.714 5.921   1.00 31.51 ? 346 GLY A OXT 1 
HETATM 774 C  C1  . MPD B 2 .   ? -6.419  0.755   -15.172 1.00 34.52 ? 400 MPD A C1  1 
HETATM 775 C  C2  . MPD B 2 .   ? -7.501  0.244   -16.097 1.00 33.99 ? 400 MPD A C2  1 
HETATM 776 O  O2  . MPD B 2 .   ? -6.963  -0.945  -16.703 1.00 36.56 ? 400 MPD A O2  1 
HETATM 777 C  CM  . MPD B 2 .   ? -8.749  -0.097  -15.345 1.00 34.64 ? 400 MPD A CM  1 
HETATM 778 C  C3  . MPD B 2 .   ? -7.799  1.223   -17.267 1.00 32.40 ? 400 MPD A C3  1 
HETATM 779 C  C4  . MPD B 2 .   ? -8.917  2.258   -17.098 1.00 32.81 ? 400 MPD A C4  1 
HETATM 780 O  O4  . MPD B 2 .   ? -8.677  3.105   -15.999 1.00 32.84 ? 400 MPD A O4  1 
HETATM 781 C  C5  . MPD B 2 .   ? -9.045  3.123   -18.340 1.00 31.28 ? 400 MPD A C5  1 
HETATM 782 O  O   . HOH C 3 .   ? 0.187   6.502   -3.784  1.00 42.21 ? 401 HOH A O   1 
HETATM 783 O  O   . HOH C 3 .   ? 12.795  -2.786  10.347  1.00 11.10 ? 402 HOH A O   1 
HETATM 784 O  O   . HOH C 3 .   ? 11.539  -2.372  14.513  1.00 11.15 ? 403 HOH A O   1 
HETATM 785 O  O   . HOH C 3 .   ? 3.554   3.567   -6.856  1.00 19.59 ? 404 HOH A O   1 
HETATM 786 O  O   . HOH C 3 .   ? 14.381  -10.630 0.919   1.00 14.01 ? 405 HOH A O   1 
HETATM 787 O  O   . HOH C 3 .   ? -11.158 0.386   7.506   1.00 10.33 ? 406 HOH A O   1 
HETATM 788 O  O   . HOH C 3 .   ? -0.200  -0.352  9.078   1.00 14.35 ? 407 HOH A O   1 
HETATM 789 O  O   . HOH C 3 .   ? 12.036  -12.495 -3.929  1.00 60.33 ? 408 HOH A O   1 
HETATM 790 O  O   . HOH C 3 .   ? -15.299 5.645   -16.338 1.00 46.78 ? 409 HOH A O   1 
HETATM 791 O  O   . HOH C 3 .   ? -12.346 8.801   12.202  1.00 11.72 ? 410 HOH A O   1 
HETATM 792 O  O   . HOH C 3 .   ? -15.099 1.825   -10.372 1.00 22.45 ? 411 HOH A O   1 
HETATM 793 O  O   . HOH C 3 .   ? -7.217  -1.234  -12.637 1.00 20.12 ? 412 HOH A O   1 
HETATM 794 O  O   . HOH C 3 .   ? -3.539  7.744   5.561   1.00 15.03 ? 413 HOH A O   1 
HETATM 795 O  O   . HOH C 3 .   ? 0.923   -0.164  11.476  1.00 18.17 ? 414 HOH A O   1 
HETATM 796 O  O   . HOH C 3 .   ? 15.321  -13.632 6.416   1.00 17.28 ? 415 HOH A O   1 
HETATM 797 O  O   . HOH C 3 .   ? 15.707  -6.655  -4.542  1.00 22.07 ? 416 HOH A O   1 
HETATM 798 O  O   . HOH C 3 .   ? -1.778  8.105   -5.457  1.00 22.96 ? 417 HOH A O   1 
HETATM 799 O  O   . HOH C 3 .   ? -9.271  7.586   -17.008 1.00 19.03 ? 418 HOH A O   1 
HETATM 800 O  O   . HOH C 3 .   ? -10.749 10.972  12.152  1.00 17.13 ? 419 HOH A O   1 
HETATM 801 O  O   . HOH C 3 .   ? -13.851 -0.465  -10.015 1.00 28.03 ? 420 HOH A O   1 
HETATM 802 O  O   . HOH C 3 .   ? 16.346  -8.736  -0.009  1.00 13.53 ? 421 HOH A O   1 
HETATM 803 O  O   . HOH C 3 .   ? 2.567   8.162   5.072   1.00 28.65 ? 422 HOH A O   1 
HETATM 804 O  O   . HOH C 3 .   ? -8.214  8.797   -2.586  1.00 18.57 ? 423 HOH A O   1 
HETATM 805 O  O   . HOH C 3 .   ? -8.653  2.692   19.070  1.00 25.31 ? 424 HOH A O   1 
HETATM 806 O  O   . HOH C 3 .   ? 4.676   -5.899  -3.832  1.00 34.81 ? 425 HOH A O   1 
HETATM 807 O  O   . HOH C 3 .   ? -5.566  11.082  -5.155  1.00 48.51 ? 426 HOH A O   1 
HETATM 808 O  O   . HOH C 3 .   ? 11.611  1.130   13.805  1.00 19.23 ? 427 HOH A O   1 
HETATM 809 O  O   . HOH C 3 .   ? -14.429 9.863   13.637  1.00 14.42 ? 428 HOH A O   1 
HETATM 810 O  O   . HOH C 3 .   ? 16.748  -8.447  -2.807  1.00 13.73 ? 429 HOH A O   1 
HETATM 811 O  O   . HOH C 3 .   ? -13.057 -3.388  -1.289  1.00 17.88 ? 430 HOH A O   1 
HETATM 812 O  O   . HOH C 3 .   ? -1.736  7.484   3.598   1.00 19.33 ? 431 HOH A O   1 
HETATM 813 O  O   . HOH C 3 .   ? -10.137 5.296   -15.370 1.00 17.35 ? 432 HOH A O   1 
HETATM 814 O  O   . HOH C 3 .   ? 19.015  0.783   12.307  1.00 27.15 ? 433 HOH A O   1 
HETATM 815 O  O   . HOH C 3 .   ? -4.138  10.906  -14.716 1.00 26.25 ? 434 HOH A O   1 
HETATM 816 O  O   . HOH C 3 .   ? -9.323  -4.679  0.533   1.00 23.56 ? 435 HOH A O   1 
HETATM 817 O  O   . HOH C 3 .   ? -15.053 6.503   8.411   1.00 23.69 ? 436 HOH A O   1 
HETATM 818 O  O   . HOH C 3 .   ? -12.209 3.663   -16.465 1.00 22.86 ? 437 HOH A O   1 
HETATM 819 O  O   . HOH C 3 .   ? 6.823   5.096   -4.201  1.00 39.44 ? 438 HOH A O   1 
HETATM 820 O  O   . HOH C 3 .   ? -3.707  11.303  -11.993 1.00 25.55 ? 439 HOH A O   1 
HETATM 821 O  O   . HOH C 3 .   ? 3.326   7.255   9.250   1.00 30.25 ? 440 HOH A O   1 
HETATM 822 O  O   . HOH C 3 .   ? -8.969  -10.139 1.943   1.00 34.20 ? 441 HOH A O   1 
HETATM 823 O  O   . HOH C 3 .   ? -15.119 6.844   -0.720  1.00 26.68 ? 442 HOH A O   1 
HETATM 824 O  O   . HOH C 3 .   ? 1.145   -3.019  12.357  1.00 29.08 ? 443 HOH A O   1 
HETATM 825 O  O   . HOH C 3 .   ? -3.391  -5.682  11.468  1.00 30.21 ? 444 HOH A O   1 
HETATM 826 O  O   . HOH C 3 .   ? 9.756   0.551   15.595  1.00 25.67 ? 445 HOH A O   1 
HETATM 827 O  O   . HOH C 3 .   ? -15.221 2.856   -1.075  1.00 29.16 ? 446 HOH A O   1 
HETATM 828 O  O   . HOH C 3 .   ? -5.275  7.932   13.652  1.00 25.73 ? 447 HOH A O   1 
HETATM 829 O  O   . HOH C 3 .   ? -9.942  11.094  -6.934  1.00 28.69 ? 448 HOH A O   1 
HETATM 830 O  O   . HOH C 3 .   ? 0.908   6.026   -12.383 1.00 23.60 ? 449 HOH A O   1 
HETATM 831 O  O   . HOH C 3 .   ? 20.130  -1.776  5.593   1.00 27.00 ? 450 HOH A O   1 
HETATM 832 O  O   . HOH C 3 .   ? 2.877   7.572   -13.099 1.00 34.57 ? 451 HOH A O   1 
HETATM 833 O  O   . HOH C 3 .   ? -2.067  11.912  -15.794 1.00 29.78 ? 452 HOH A O   1 
HETATM 834 O  O   . HOH C 3 .   ? 3.912   3.716   -9.777  1.00 27.77 ? 453 HOH A O   1 
HETATM 835 O  O   . HOH C 3 .   ? -3.780  9.247   -3.832  1.00 33.30 ? 454 HOH A O   1 
HETATM 836 O  O   . HOH C 3 .   ? 14.203  2.586   14.466  1.00 35.83 ? 455 HOH A O   1 
HETATM 837 O  O   . HOH C 3 .   ? 6.113   -0.831  11.190  1.00 22.18 ? 456 HOH A O   1 
HETATM 838 O  O   . HOH C 3 .   ? 0.351   6.629   11.396  1.00 36.21 ? 457 HOH A O   1 
HETATM 839 O  O   . HOH C 3 .   ? 4.704   5.610   -5.666  1.00 28.83 ? 458 HOH A O   1 
HETATM 840 O  O   . HOH C 3 .   ? -5.455  10.618  13.112  1.00 34.22 ? 459 HOH A O   1 
HETATM 841 O  O   . HOH C 3 .   ? 12.411  1.461   9.919   1.00 30.78 ? 460 HOH A O   1 
HETATM 842 O  O   . HOH C 3 .   ? -13.570 11.364  9.422   1.00 26.96 ? 461 HOH A O   1 
HETATM 843 O  O   . HOH C 3 .   ? 1.891   3.622   -11.670 1.00 28.81 ? 462 HOH A O   1 
HETATM 844 O  O   . HOH C 3 .   ? 7.848   -12.057 -1.796  1.00 24.20 ? 463 HOH A O   1 
HETATM 845 O  O   . HOH C 3 .   ? 12.215  3.174   3.075   1.00 34.25 ? 464 HOH A O   1 
HETATM 846 O  O   . HOH C 3 .   ? 10.169  -16.172 5.079   1.00 33.83 ? 465 HOH A O   1 
HETATM 847 O  O   . HOH C 3 .   ? -3.025  10.533  6.274   1.00 35.10 ? 466 HOH A O   1 
HETATM 848 O  O   . HOH C 3 .   ? 7.559   -0.728  13.572  1.00 37.20 ? 467 HOH A O   1 
HETATM 849 O  O   . HOH C 3 .   ? -7.650  9.907   -0.153  1.00 38.45 ? 468 HOH A O   1 
HETATM 850 O  O   . HOH C 3 .   ? -11.243 10.694  3.208   1.00 24.64 ? 469 HOH A O   1 
HETATM 851 O  O   . HOH C 3 .   ? -11.228 12.482  -11.272 1.00 37.80 ? 470 HOH A O   1 
HETATM 852 O  O   . HOH C 3 .   ? 3.623   -0.709  12.128  1.00 38.96 ? 471 HOH A O   1 
HETATM 853 O  O   . HOH C 3 .   ? -9.095  -2.957  -13.775 1.00 46.77 ? 472 HOH A O   1 
HETATM 854 O  O   . HOH C 3 .   ? -8.264  10.699  -4.599  1.00 24.13 ? 473 HOH A O   1 
HETATM 855 O  O   . HOH C 3 .   ? -1.072  3.005   12.988  1.00 32.73 ? 474 HOH A O   1 
HETATM 856 O  O   . HOH C 3 .   ? 8.551   1.171   -2.291  1.00 27.76 ? 475 HOH A O   1 
HETATM 857 O  O   . HOH C 3 .   ? 7.683   -15.556 1.829   1.00 37.75 ? 476 HOH A O   1 
HETATM 858 O  O   . HOH C 3 .   ? 10.930  2.636   8.014   1.00 42.95 ? 477 HOH A O   1 
HETATM 859 O  O   . HOH C 3 .   ? -11.151 9.821   -4.617  1.00 34.26 ? 478 HOH A O   1 
HETATM 860 O  O   . HOH C 3 .   ? 16.188  -1.857  -6.004  1.00 40.14 ? 479 HOH A O   1 
HETATM 861 O  O   . HOH C 3 .   ? 9.376   -0.242  -5.337  1.00 41.52 ? 480 HOH A O   1 
HETATM 862 O  O   . HOH C 3 .   ? -8.459  12.113  -18.136 1.00 35.54 ? 481 HOH A O   1 
HETATM 863 O  O   . HOH C 3 .   ? 9.122   -14.213 10.936  1.00 37.30 ? 482 HOH A O   1 
HETATM 864 O  O   . HOH C 3 .   ? 16.073  2.822   12.631  1.00 24.55 ? 483 HOH A O   1 
HETATM 865 O  O   . HOH C 3 .   ? -10.361 12.338  5.732   1.00 35.57 ? 485 HOH A O   1 
HETATM 866 O  O   . HOH C 3 .   ? 8.324   -14.550 -0.917  1.00 29.62 ? 486 HOH A O   1 
HETATM 867 O  O   . HOH C 3 .   ? 7.401   2.436   -4.596  1.00 35.02 ? 487 HOH A O   1 
HETATM 868 O  O   . HOH C 3 .   ? 1.863   -2.677  14.913  1.00 34.10 ? 488 HOH A O   1 
HETATM 869 O  O   . HOH C 3 .   ? 5.295   -11.292 -2.366  1.00 31.08 ? 490 HOH A O   1 
HETATM 870 O  O   . HOH C 3 .   ? -6.502  10.336  -17.381 1.00 40.12 ? 491 HOH A O   1 
HETATM 871 O  O   . HOH C 3 .   ? 11.554  -16.089 8.109   1.00 36.10 ? 492 HOH A O   1 
HETATM 872 O  O   . HOH C 3 .   ? 5.434   1.204   -6.162  1.00 35.29 ? 493 HOH A O   1 
HETATM 873 O  O   . HOH C 3 .   ? -17.430 6.220   -1.910  1.00 40.24 ? 494 HOH A O   1 
HETATM 874 O  O   . HOH C 3 .   ? -15.605 -2.442  -0.949  1.00 42.36 ? 495 HOH A O   1 
HETATM 875 O  O   . HOH C 3 .   ? 14.804  2.740   2.896   1.00 45.66 ? 497 HOH A O   1 
HETATM 876 O  O   . HOH C 3 .   ? 17.312  -4.615  -5.326  1.00 41.90 ? 500 HOH A O   1 
HETATM 877 O  O   . HOH C 3 .   ? -4.657  13.449  -10.208 1.00 40.39 ? 505 HOH A O   1 
HETATM 878 O  O   . HOH C 3 .   ? -3.963  6.944   16.335  1.00 46.89 ? 507 HOH A O   1 
# 
